data_6OHL
# 
_entry.id   6OHL 
# 
_audit_conform.dict_name       mmcif_pdbx.dic 
_audit_conform.dict_version    5.387 
_audit_conform.dict_location   http://mmcif.pdb.org/dictionaries/ascii/mmcif_pdbx.dic 
# 
loop_
_database_2.database_id 
_database_2.database_code 
_database_2.pdbx_database_accession 
_database_2.pdbx_DOI 
PDB   6OHL         pdb_00006ohl 10.2210/pdb6ohl/pdb 
WWPDB D_1000240651 ?            ?                   
# 
loop_
_pdbx_audit_revision_history.ordinal 
_pdbx_audit_revision_history.data_content_type 
_pdbx_audit_revision_history.major_revision 
_pdbx_audit_revision_history.minor_revision 
_pdbx_audit_revision_history.revision_date 
1 'Structure model' 1 0 2019-06-05 
2 'Structure model' 1 1 2019-07-24 
3 'Structure model' 1 2 2020-01-08 
4 'Structure model' 1 3 2024-03-13 
# 
_pdbx_audit_revision_details.ordinal             1 
_pdbx_audit_revision_details.revision_ordinal    1 
_pdbx_audit_revision_details.data_content_type   'Structure model' 
_pdbx_audit_revision_details.provider            repository 
_pdbx_audit_revision_details.type                'Initial release' 
_pdbx_audit_revision_details.description         ? 
_pdbx_audit_revision_details.details             ? 
# 
loop_
_pdbx_audit_revision_group.ordinal 
_pdbx_audit_revision_group.revision_ordinal 
_pdbx_audit_revision_group.data_content_type 
_pdbx_audit_revision_group.group 
1 2 'Structure model' 'Data collection'            
2 2 'Structure model' 'Database references'        
3 3 'Structure model' 'Author supporting evidence' 
4 4 'Structure model' 'Data collection'            
5 4 'Structure model' 'Database references'        
# 
loop_
_pdbx_audit_revision_category.ordinal 
_pdbx_audit_revision_category.revision_ordinal 
_pdbx_audit_revision_category.data_content_type 
_pdbx_audit_revision_category.category 
1 2 'Structure model' citation           
2 2 'Structure model' citation_author    
3 3 'Structure model' pdbx_audit_support 
4 4 'Structure model' chem_comp_atom     
5 4 'Structure model' chem_comp_bond     
6 4 'Structure model' database_2         
# 
loop_
_pdbx_audit_revision_item.ordinal 
_pdbx_audit_revision_item.revision_ordinal 
_pdbx_audit_revision_item.data_content_type 
_pdbx_audit_revision_item.item 
1 2 'Structure model' '_citation.journal_volume'                 
2 2 'Structure model' '_citation.page_first'                     
3 2 'Structure model' '_citation.page_last'                      
4 2 'Structure model' '_citation_author.name'                    
5 3 'Structure model' '_pdbx_audit_support.funding_organization' 
6 4 'Structure model' '_database_2.pdbx_DOI'                     
7 4 'Structure model' '_database_2.pdbx_database_accession'      
# 
_pdbx_database_status.status_code                     REL 
_pdbx_database_status.status_code_sf                  REL 
_pdbx_database_status.status_code_mr                  ? 
_pdbx_database_status.entry_id                        6OHL 
_pdbx_database_status.recvd_initial_deposition_date   2019-04-05 
_pdbx_database_status.SG_entry                        N 
_pdbx_database_status.deposit_site                    RCSB 
_pdbx_database_status.process_site                    RCSB 
_pdbx_database_status.status_code_cs                  ? 
_pdbx_database_status.methods_development_category    ? 
_pdbx_database_status.pdb_format_compatible           Y 
_pdbx_database_status.status_code_nmr_data            ? 
# 
loop_
_audit_author.name 
_audit_author.pdbx_ordinal 
_audit_author.identifier_ORCID 
'Kolesnikov, M.' 1 0000-0002-2219-9933 
'Murphy, M.E.P.' 2 0000-0003-2589-0014 
# 
_citation.abstract                  ? 
_citation.abstract_id_CAS           ? 
_citation.book_id_ISBN              ? 
_citation.book_publisher            ? 
_citation.book_publisher_city       ? 
_citation.book_title                ? 
_citation.coordinate_linkage        ? 
_citation.country                   US 
_citation.database_id_Medline       ? 
_citation.details                   ? 
_citation.id                        primary 
_citation.journal_abbrev            'Protein Sci.' 
_citation.journal_id_ASTM           PRCIEI 
_citation.journal_id_CSD            0795 
_citation.journal_id_ISSN           1469-896X 
_citation.journal_full              ? 
_citation.journal_issue             ? 
_citation.journal_volume            28 
_citation.language                  ? 
_citation.page_first                1460 
_citation.page_last                 1472 
_citation.title                     
'Structural insight into the high reduction potentials observed for Fusobacterium nucleatum flavodoxin.' 
_citation.year                      2019 
_citation.database_id_CSD           ? 
_citation.pdbx_database_id_DOI      10.1002/pro.3661 
_citation.pdbx_database_id_PubMed   31116469 
_citation.unpublished_flag          ? 
# 
loop_
_citation_author.citation_id 
_citation_author.name 
_citation_author.ordinal 
_citation_author.identifier_ORCID 
primary 'Mothersole, R.G.' 1 ?                   
primary 'Macdonald, M.'    2 ?                   
primary 'Kolesnikov, M.'   3 ?                   
primary 'Murphy, M.E.P.'   4 ?                   
primary 'Wolthers, K.R.'   5 0000-0001-6132-9983 
# 
loop_
_entity.id 
_entity.type 
_entity.src_method 
_entity.pdbx_description 
_entity.formula_weight 
_entity.pdbx_number_of_molecules 
_entity.pdbx_ec 
_entity.pdbx_mutation 
_entity.pdbx_fragment 
_entity.details 
1 polymer     man Flavodoxin              19132.840 1   ? ? ? ? 
2 non-polymer syn 'FLAVIN MONONUCLEOTIDE' 456.344   1   ? ? ? ? 
3 non-polymer syn 'SULFATE ION'           96.063    2   ? ? ? ? 
4 non-polymer syn GLYCEROL                92.094    1   ? ? ? ? 
5 water       nat water                   18.015    145 ? ? ? ? 
# 
_entity_poly.entity_id                      1 
_entity_poly.type                           'polypeptide(L)' 
_entity_poly.nstd_linkage                   no 
_entity_poly.nstd_monomer                   no 
_entity_poly.pdbx_seq_one_letter_code       
;GSFMKTIGIFYATLTKTTVGIVDEIEFFLKKDDFKTFNVKNGVKEIENFENLILVTPTYQVGEAHAAWMNNLKKLEEIDF
TGKVVGLVGLGNQFAFGESFCGGIRYLYDIVVKKGGKVVGFTSTDGYHYEETSIIENGKFIGLALDEENQPNLTPKRIGD
WITEIKKEFK
;
_entity_poly.pdbx_seq_one_letter_code_can   
;GSFMKTIGIFYATLTKTTVGIVDEIEFFLKKDDFKTFNVKNGVKEIENFENLILVTPTYQVGEAHAAWMNNLKKLEEIDF
TGKVVGLVGLGNQFAFGESFCGGIRYLYDIVVKKGGKVVGFTSTDGYHYEETSIIENGKFIGLALDEENQPNLTPKRIGD
WITEIKKEFK
;
_entity_poly.pdbx_strand_id                 A 
_entity_poly.pdbx_target_identifier         ? 
# 
loop_
_pdbx_entity_nonpoly.entity_id 
_pdbx_entity_nonpoly.name 
_pdbx_entity_nonpoly.comp_id 
2 'FLAVIN MONONUCLEOTIDE' FMN 
3 'SULFATE ION'           SO4 
4 GLYCEROL                GOL 
5 water                   HOH 
# 
loop_
_entity_poly_seq.entity_id 
_entity_poly_seq.num 
_entity_poly_seq.mon_id 
_entity_poly_seq.hetero 
1 1   GLY n 
1 2   SER n 
1 3   PHE n 
1 4   MET n 
1 5   LYS n 
1 6   THR n 
1 7   ILE n 
1 8   GLY n 
1 9   ILE n 
1 10  PHE n 
1 11  TYR n 
1 12  ALA n 
1 13  THR n 
1 14  LEU n 
1 15  THR n 
1 16  LYS n 
1 17  THR n 
1 18  THR n 
1 19  VAL n 
1 20  GLY n 
1 21  ILE n 
1 22  VAL n 
1 23  ASP n 
1 24  GLU n 
1 25  ILE n 
1 26  GLU n 
1 27  PHE n 
1 28  PHE n 
1 29  LEU n 
1 30  LYS n 
1 31  LYS n 
1 32  ASP n 
1 33  ASP n 
1 34  PHE n 
1 35  LYS n 
1 36  THR n 
1 37  PHE n 
1 38  ASN n 
1 39  VAL n 
1 40  LYS n 
1 41  ASN n 
1 42  GLY n 
1 43  VAL n 
1 44  LYS n 
1 45  GLU n 
1 46  ILE n 
1 47  GLU n 
1 48  ASN n 
1 49  PHE n 
1 50  GLU n 
1 51  ASN n 
1 52  LEU n 
1 53  ILE n 
1 54  LEU n 
1 55  VAL n 
1 56  THR n 
1 57  PRO n 
1 58  THR n 
1 59  TYR n 
1 60  GLN n 
1 61  VAL n 
1 62  GLY n 
1 63  GLU n 
1 64  ALA n 
1 65  HIS n 
1 66  ALA n 
1 67  ALA n 
1 68  TRP n 
1 69  MET n 
1 70  ASN n 
1 71  ASN n 
1 72  LEU n 
1 73  LYS n 
1 74  LYS n 
1 75  LEU n 
1 76  GLU n 
1 77  GLU n 
1 78  ILE n 
1 79  ASP n 
1 80  PHE n 
1 81  THR n 
1 82  GLY n 
1 83  LYS n 
1 84  VAL n 
1 85  VAL n 
1 86  GLY n 
1 87  LEU n 
1 88  VAL n 
1 89  GLY n 
1 90  LEU n 
1 91  GLY n 
1 92  ASN n 
1 93  GLN n 
1 94  PHE n 
1 95  ALA n 
1 96  PHE n 
1 97  GLY n 
1 98  GLU n 
1 99  SER n 
1 100 PHE n 
1 101 CYS n 
1 102 GLY n 
1 103 GLY n 
1 104 ILE n 
1 105 ARG n 
1 106 TYR n 
1 107 LEU n 
1 108 TYR n 
1 109 ASP n 
1 110 ILE n 
1 111 VAL n 
1 112 VAL n 
1 113 LYS n 
1 114 LYS n 
1 115 GLY n 
1 116 GLY n 
1 117 LYS n 
1 118 VAL n 
1 119 VAL n 
1 120 GLY n 
1 121 PHE n 
1 122 THR n 
1 123 SER n 
1 124 THR n 
1 125 ASP n 
1 126 GLY n 
1 127 TYR n 
1 128 HIS n 
1 129 TYR n 
1 130 GLU n 
1 131 GLU n 
1 132 THR n 
1 133 SER n 
1 134 ILE n 
1 135 ILE n 
1 136 GLU n 
1 137 ASN n 
1 138 GLY n 
1 139 LYS n 
1 140 PHE n 
1 141 ILE n 
1 142 GLY n 
1 143 LEU n 
1 144 ALA n 
1 145 LEU n 
1 146 ASP n 
1 147 GLU n 
1 148 GLU n 
1 149 ASN n 
1 150 GLN n 
1 151 PRO n 
1 152 ASN n 
1 153 LEU n 
1 154 THR n 
1 155 PRO n 
1 156 LYS n 
1 157 ARG n 
1 158 ILE n 
1 159 GLY n 
1 160 ASP n 
1 161 TRP n 
1 162 ILE n 
1 163 THR n 
1 164 GLU n 
1 165 ILE n 
1 166 LYS n 
1 167 LYS n 
1 168 GLU n 
1 169 PHE n 
1 170 LYS n 
# 
_entity_src_gen.entity_id                          1 
_entity_src_gen.pdbx_src_id                        1 
_entity_src_gen.pdbx_alt_source_flag               sample 
_entity_src_gen.pdbx_seq_type                      'Biological sequence' 
_entity_src_gen.pdbx_beg_seq_num                   1 
_entity_src_gen.pdbx_end_seq_num                   170 
_entity_src_gen.gene_src_common_name               ? 
_entity_src_gen.gene_src_genus                     ? 
_entity_src_gen.pdbx_gene_src_gene                 ? 
_entity_src_gen.gene_src_species                   ? 
_entity_src_gen.gene_src_strain                    ? 
_entity_src_gen.gene_src_tissue                    ? 
_entity_src_gen.gene_src_tissue_fraction           ? 
_entity_src_gen.gene_src_details                   ? 
_entity_src_gen.pdbx_gene_src_fragment             ? 
_entity_src_gen.pdbx_gene_src_scientific_name      'Fusobacterium nucleatum' 
_entity_src_gen.pdbx_gene_src_ncbi_taxonomy_id     851 
_entity_src_gen.pdbx_gene_src_variant              ? 
_entity_src_gen.pdbx_gene_src_cell_line            ? 
_entity_src_gen.pdbx_gene_src_atcc                 ? 
_entity_src_gen.pdbx_gene_src_organ                ? 
_entity_src_gen.pdbx_gene_src_organelle            ? 
_entity_src_gen.pdbx_gene_src_cell                 ? 
_entity_src_gen.pdbx_gene_src_cellular_location    ? 
_entity_src_gen.host_org_common_name               ? 
_entity_src_gen.pdbx_host_org_scientific_name      'Escherichia coli' 
_entity_src_gen.pdbx_host_org_ncbi_taxonomy_id     562 
_entity_src_gen.host_org_genus                     ? 
_entity_src_gen.pdbx_host_org_gene                 ? 
_entity_src_gen.pdbx_host_org_organ                ? 
_entity_src_gen.host_org_species                   ? 
_entity_src_gen.pdbx_host_org_tissue               ? 
_entity_src_gen.pdbx_host_org_tissue_fraction      ? 
_entity_src_gen.pdbx_host_org_strain               ? 
_entity_src_gen.pdbx_host_org_variant              ? 
_entity_src_gen.pdbx_host_org_cell_line            ? 
_entity_src_gen.pdbx_host_org_atcc                 ? 
_entity_src_gen.pdbx_host_org_culture_collection   ? 
_entity_src_gen.pdbx_host_org_cell                 ? 
_entity_src_gen.pdbx_host_org_organelle            ? 
_entity_src_gen.pdbx_host_org_cellular_location    ? 
_entity_src_gen.pdbx_host_org_vector_type          ? 
_entity_src_gen.pdbx_host_org_vector               ? 
_entity_src_gen.host_org_details                   ? 
_entity_src_gen.expression_system_id               ? 
_entity_src_gen.plasmid_name                       ? 
_entity_src_gen.plasmid_details                    ? 
_entity_src_gen.pdbx_description                   ? 
# 
loop_
_chem_comp.id 
_chem_comp.type 
_chem_comp.mon_nstd_flag 
_chem_comp.name 
_chem_comp.pdbx_synonyms 
_chem_comp.formula 
_chem_comp.formula_weight 
ALA 'L-peptide linking' y ALANINE                 ?                               'C3 H7 N O2'      89.093  
ARG 'L-peptide linking' y ARGININE                ?                               'C6 H15 N4 O2 1'  175.209 
ASN 'L-peptide linking' y ASPARAGINE              ?                               'C4 H8 N2 O3'     132.118 
ASP 'L-peptide linking' y 'ASPARTIC ACID'         ?                               'C4 H7 N O4'      133.103 
CYS 'L-peptide linking' y CYSTEINE                ?                               'C3 H7 N O2 S'    121.158 
FMN non-polymer         . 'FLAVIN MONONUCLEOTIDE' 'RIBOFLAVIN MONOPHOSPHATE'      'C17 H21 N4 O9 P' 456.344 
GLN 'L-peptide linking' y GLUTAMINE               ?                               'C5 H10 N2 O3'    146.144 
GLU 'L-peptide linking' y 'GLUTAMIC ACID'         ?                               'C5 H9 N O4'      147.129 
GLY 'peptide linking'   y GLYCINE                 ?                               'C2 H5 N O2'      75.067  
GOL non-polymer         . GLYCEROL                'GLYCERIN; PROPANE-1,2,3-TRIOL' 'C3 H8 O3'        92.094  
HIS 'L-peptide linking' y HISTIDINE               ?                               'C6 H10 N3 O2 1'  156.162 
HOH non-polymer         . WATER                   ?                               'H2 O'            18.015  
ILE 'L-peptide linking' y ISOLEUCINE              ?                               'C6 H13 N O2'     131.173 
LEU 'L-peptide linking' y LEUCINE                 ?                               'C6 H13 N O2'     131.173 
LYS 'L-peptide linking' y LYSINE                  ?                               'C6 H15 N2 O2 1'  147.195 
MET 'L-peptide linking' y METHIONINE              ?                               'C5 H11 N O2 S'   149.211 
PHE 'L-peptide linking' y PHENYLALANINE           ?                               'C9 H11 N O2'     165.189 
PRO 'L-peptide linking' y PROLINE                 ?                               'C5 H9 N O2'      115.130 
SER 'L-peptide linking' y SERINE                  ?                               'C3 H7 N O3'      105.093 
SO4 non-polymer         . 'SULFATE ION'           ?                               'O4 S -2'         96.063  
THR 'L-peptide linking' y THREONINE               ?                               'C4 H9 N O3'      119.119 
TRP 'L-peptide linking' y TRYPTOPHAN              ?                               'C11 H12 N2 O2'   204.225 
TYR 'L-peptide linking' y TYROSINE                ?                               'C9 H11 N O3'     181.189 
VAL 'L-peptide linking' y VALINE                  ?                               'C5 H11 N O2'     117.146 
# 
loop_
_pdbx_poly_seq_scheme.asym_id 
_pdbx_poly_seq_scheme.entity_id 
_pdbx_poly_seq_scheme.seq_id 
_pdbx_poly_seq_scheme.mon_id 
_pdbx_poly_seq_scheme.ndb_seq_num 
_pdbx_poly_seq_scheme.pdb_seq_num 
_pdbx_poly_seq_scheme.auth_seq_num 
_pdbx_poly_seq_scheme.pdb_mon_id 
_pdbx_poly_seq_scheme.auth_mon_id 
_pdbx_poly_seq_scheme.pdb_strand_id 
_pdbx_poly_seq_scheme.pdb_ins_code 
_pdbx_poly_seq_scheme.hetero 
A 1 1   GLY 1   -2  ?   ?   ?   A . n 
A 1 2   SER 2   -1  ?   ?   ?   A . n 
A 1 3   PHE 3   0   ?   ?   ?   A . n 
A 1 4   MET 4   1   1   MET MET A . n 
A 1 5   LYS 5   2   2   LYS LYS A . n 
A 1 6   THR 6   3   3   THR THR A . n 
A 1 7   ILE 7   4   4   ILE ILE A . n 
A 1 8   GLY 8   5   5   GLY GLY A . n 
A 1 9   ILE 9   6   6   ILE ILE A . n 
A 1 10  PHE 10  7   7   PHE PHE A . n 
A 1 11  TYR 11  8   8   TYR TYR A . n 
A 1 12  ALA 12  9   9   ALA ALA A . n 
A 1 13  THR 13  10  10  THR THR A . n 
A 1 14  LEU 14  11  11  LEU LEU A . n 
A 1 15  THR 15  12  12  THR THR A . n 
A 1 16  LYS 16  13  13  LYS LYS A . n 
A 1 17  THR 17  14  14  THR THR A . n 
A 1 18  THR 18  15  15  THR THR A . n 
A 1 19  VAL 19  16  16  VAL VAL A . n 
A 1 20  GLY 20  17  17  GLY GLY A . n 
A 1 21  ILE 21  18  18  ILE ILE A . n 
A 1 22  VAL 22  19  19  VAL VAL A . n 
A 1 23  ASP 23  20  20  ASP ASP A . n 
A 1 24  GLU 24  21  21  GLU GLU A . n 
A 1 25  ILE 25  22  22  ILE ILE A . n 
A 1 26  GLU 26  23  23  GLU GLU A . n 
A 1 27  PHE 27  24  24  PHE PHE A . n 
A 1 28  PHE 28  25  25  PHE PHE A . n 
A 1 29  LEU 29  26  26  LEU LEU A . n 
A 1 30  LYS 30  27  27  LYS LYS A . n 
A 1 31  LYS 31  28  28  LYS LYS A . n 
A 1 32  ASP 32  29  29  ASP ASP A . n 
A 1 33  ASP 33  30  30  ASP ASP A . n 
A 1 34  PHE 34  31  31  PHE PHE A . n 
A 1 35  LYS 35  32  32  LYS LYS A . n 
A 1 36  THR 36  33  33  THR THR A . n 
A 1 37  PHE 37  34  34  PHE PHE A . n 
A 1 38  ASN 38  35  35  ASN ASN A . n 
A 1 39  VAL 39  36  36  VAL VAL A . n 
A 1 40  LYS 40  37  37  LYS LYS A . n 
A 1 41  ASN 41  38  38  ASN ASN A . n 
A 1 42  GLY 42  39  39  GLY GLY A . n 
A 1 43  VAL 43  40  40  VAL VAL A . n 
A 1 44  LYS 44  41  41  LYS LYS A . n 
A 1 45  GLU 45  42  42  GLU GLU A . n 
A 1 46  ILE 46  43  43  ILE ILE A . n 
A 1 47  GLU 47  44  44  GLU GLU A . n 
A 1 48  ASN 48  45  45  ASN ASN A . n 
A 1 49  PHE 49  46  46  PHE PHE A . n 
A 1 50  GLU 50  47  47  GLU GLU A . n 
A 1 51  ASN 51  48  48  ASN ASN A . n 
A 1 52  LEU 52  49  49  LEU LEU A . n 
A 1 53  ILE 53  50  50  ILE ILE A . n 
A 1 54  LEU 54  51  51  LEU LEU A . n 
A 1 55  VAL 55  52  52  VAL VAL A . n 
A 1 56  THR 56  53  53  THR THR A . n 
A 1 57  PRO 57  54  54  PRO PRO A . n 
A 1 58  THR 58  55  55  THR THR A . n 
A 1 59  TYR 59  56  56  TYR TYR A . n 
A 1 60  GLN 60  57  57  GLN GLN A . n 
A 1 61  VAL 61  58  58  VAL VAL A . n 
A 1 62  GLY 62  59  59  GLY GLY A . n 
A 1 63  GLU 63  60  60  GLU GLU A . n 
A 1 64  ALA 64  61  61  ALA ALA A . n 
A 1 65  HIS 65  62  62  HIS HIS A . n 
A 1 66  ALA 66  63  63  ALA ALA A . n 
A 1 67  ALA 67  64  64  ALA ALA A . n 
A 1 68  TRP 68  65  65  TRP TRP A . n 
A 1 69  MET 69  66  66  MET MET A . n 
A 1 70  ASN 70  67  67  ASN ASN A . n 
A 1 71  ASN 71  68  68  ASN ASN A . n 
A 1 72  LEU 72  69  69  LEU LEU A . n 
A 1 73  LYS 73  70  70  LYS LYS A . n 
A 1 74  LYS 74  71  71  LYS LYS A . n 
A 1 75  LEU 75  72  72  LEU LEU A . n 
A 1 76  GLU 76  73  73  GLU GLU A . n 
A 1 77  GLU 77  74  74  GLU GLU A . n 
A 1 78  ILE 78  75  75  ILE ILE A . n 
A 1 79  ASP 79  76  76  ASP ASP A . n 
A 1 80  PHE 80  77  77  PHE PHE A . n 
A 1 81  THR 81  78  78  THR THR A . n 
A 1 82  GLY 82  79  79  GLY GLY A . n 
A 1 83  LYS 83  80  80  LYS LYS A . n 
A 1 84  VAL 84  81  81  VAL VAL A . n 
A 1 85  VAL 85  82  82  VAL VAL A . n 
A 1 86  GLY 86  83  83  GLY GLY A . n 
A 1 87  LEU 87  84  84  LEU LEU A . n 
A 1 88  VAL 88  85  85  VAL VAL A . n 
A 1 89  GLY 89  86  86  GLY GLY A . n 
A 1 90  LEU 90  87  87  LEU LEU A . n 
A 1 91  GLY 91  88  88  GLY GLY A . n 
A 1 92  ASN 92  89  89  ASN ASN A . n 
A 1 93  GLN 93  90  90  GLN GLN A . n 
A 1 94  PHE 94  91  91  PHE PHE A . n 
A 1 95  ALA 95  92  92  ALA ALA A . n 
A 1 96  PHE 96  93  93  PHE PHE A . n 
A 1 97  GLY 97  94  94  GLY GLY A . n 
A 1 98  GLU 98  95  95  GLU GLU A . n 
A 1 99  SER 99  96  96  SER SER A . n 
A 1 100 PHE 100 97  97  PHE PHE A . n 
A 1 101 CYS 101 98  98  CYS CYS A . n 
A 1 102 GLY 102 99  99  GLY GLY A . n 
A 1 103 GLY 103 100 100 GLY GLY A . n 
A 1 104 ILE 104 101 101 ILE ILE A . n 
A 1 105 ARG 105 102 102 ARG ARG A . n 
A 1 106 TYR 106 103 103 TYR TYR A . n 
A 1 107 LEU 107 104 104 LEU LEU A . n 
A 1 108 TYR 108 105 105 TYR TYR A . n 
A 1 109 ASP 109 106 106 ASP ASP A . n 
A 1 110 ILE 110 107 107 ILE ILE A . n 
A 1 111 VAL 111 108 108 VAL VAL A . n 
A 1 112 VAL 112 109 109 VAL VAL A . n 
A 1 113 LYS 113 110 110 LYS LYS A . n 
A 1 114 LYS 114 111 111 LYS LYS A . n 
A 1 115 GLY 115 112 112 GLY GLY A . n 
A 1 116 GLY 116 113 113 GLY GLY A . n 
A 1 117 LYS 117 114 114 LYS LYS A . n 
A 1 118 VAL 118 115 115 VAL VAL A . n 
A 1 119 VAL 119 116 116 VAL VAL A . n 
A 1 120 GLY 120 117 117 GLY GLY A . n 
A 1 121 PHE 121 118 118 PHE PHE A . n 
A 1 122 THR 122 119 119 THR THR A . n 
A 1 123 SER 123 120 120 SER SER A . n 
A 1 124 THR 124 121 121 THR THR A . n 
A 1 125 ASP 125 122 122 ASP ASP A . n 
A 1 126 GLY 126 123 123 GLY GLY A . n 
A 1 127 TYR 127 124 124 TYR TYR A . n 
A 1 128 HIS 128 125 125 HIS HIS A . n 
A 1 129 TYR 129 126 126 TYR TYR A . n 
A 1 130 GLU 130 127 127 GLU GLU A . n 
A 1 131 GLU 131 128 128 GLU GLU A . n 
A 1 132 THR 132 129 129 THR THR A . n 
A 1 133 SER 133 130 130 SER SER A . n 
A 1 134 ILE 134 131 131 ILE ILE A . n 
A 1 135 ILE 135 132 132 ILE ILE A . n 
A 1 136 GLU 136 133 133 GLU GLU A . n 
A 1 137 ASN 137 134 134 ASN ASN A . n 
A 1 138 GLY 138 135 135 GLY GLY A . n 
A 1 139 LYS 139 136 136 LYS LYS A . n 
A 1 140 PHE 140 137 137 PHE PHE A . n 
A 1 141 ILE 141 138 138 ILE ILE A . n 
A 1 142 GLY 142 139 139 GLY GLY A . n 
A 1 143 LEU 143 140 140 LEU LEU A . n 
A 1 144 ALA 144 141 141 ALA ALA A . n 
A 1 145 LEU 145 142 142 LEU LEU A . n 
A 1 146 ASP 146 143 143 ASP ASP A . n 
A 1 147 GLU 147 144 144 GLU GLU A . n 
A 1 148 GLU 148 145 145 GLU GLU A . n 
A 1 149 ASN 149 146 146 ASN ASN A . n 
A 1 150 GLN 150 147 147 GLN GLN A . n 
A 1 151 PRO 151 148 148 PRO PRO A . n 
A 1 152 ASN 152 149 149 ASN ASN A . n 
A 1 153 LEU 153 150 150 LEU LEU A . n 
A 1 154 THR 154 151 151 THR THR A . n 
A 1 155 PRO 155 152 152 PRO PRO A . n 
A 1 156 LYS 156 153 153 LYS LYS A . n 
A 1 157 ARG 157 154 154 ARG ARG A . n 
A 1 158 ILE 158 155 155 ILE ILE A . n 
A 1 159 GLY 159 156 156 GLY GLY A . n 
A 1 160 ASP 160 157 157 ASP ASP A . n 
A 1 161 TRP 161 158 158 TRP TRP A . n 
A 1 162 ILE 162 159 159 ILE ILE A . n 
A 1 163 THR 163 160 160 THR THR A . n 
A 1 164 GLU 164 161 161 GLU GLU A . n 
A 1 165 ILE 165 162 162 ILE ILE A . n 
A 1 166 LYS 166 163 163 LYS LYS A . n 
A 1 167 LYS 167 164 164 LYS LYS A . n 
A 1 168 GLU 168 165 165 GLU GLU A . n 
A 1 169 PHE 169 166 166 PHE PHE A . n 
A 1 170 LYS 170 167 167 LYS LYS A . n 
# 
loop_
_pdbx_nonpoly_scheme.asym_id 
_pdbx_nonpoly_scheme.entity_id 
_pdbx_nonpoly_scheme.mon_id 
_pdbx_nonpoly_scheme.ndb_seq_num 
_pdbx_nonpoly_scheme.pdb_seq_num 
_pdbx_nonpoly_scheme.auth_seq_num 
_pdbx_nonpoly_scheme.pdb_mon_id 
_pdbx_nonpoly_scheme.auth_mon_id 
_pdbx_nonpoly_scheme.pdb_strand_id 
_pdbx_nonpoly_scheme.pdb_ins_code 
B 2 FMN 1   201 1   FMN FMN A . 
C 3 SO4 1   202 1   SO4 SO4 A . 
D 3 SO4 1   203 2   SO4 SO4 A . 
E 4 GOL 1   204 2   GOL GOL A . 
F 5 HOH 1   301 129 HOH HOH A . 
F 5 HOH 2   302 74  HOH HOH A . 
F 5 HOH 3   303 116 HOH HOH A . 
F 5 HOH 4   304 108 HOH HOH A . 
F 5 HOH 5   305 119 HOH HOH A . 
F 5 HOH 6   306 146 HOH HOH A . 
F 5 HOH 7   307 32  HOH HOH A . 
F 5 HOH 8   308 61  HOH HOH A . 
F 5 HOH 9   309 88  HOH HOH A . 
F 5 HOH 10  310 87  HOH HOH A . 
F 5 HOH 11  311 60  HOH HOH A . 
F 5 HOH 12  312 59  HOH HOH A . 
F 5 HOH 13  313 80  HOH HOH A . 
F 5 HOH 14  314 138 HOH HOH A . 
F 5 HOH 15  315 95  HOH HOH A . 
F 5 HOH 16  316 105 HOH HOH A . 
F 5 HOH 17  317 47  HOH HOH A . 
F 5 HOH 18  318 133 HOH HOH A . 
F 5 HOH 19  319 137 HOH HOH A . 
F 5 HOH 20  320 49  HOH HOH A . 
F 5 HOH 21  321 31  HOH HOH A . 
F 5 HOH 22  322 99  HOH HOH A . 
F 5 HOH 23  323 103 HOH HOH A . 
F 5 HOH 24  324 43  HOH HOH A . 
F 5 HOH 25  325 3   HOH HOH A . 
F 5 HOH 26  326 22  HOH HOH A . 
F 5 HOH 27  327 142 HOH HOH A . 
F 5 HOH 28  328 27  HOH HOH A . 
F 5 HOH 29  329 17  HOH HOH A . 
F 5 HOH 30  330 96  HOH HOH A . 
F 5 HOH 31  331 4   HOH HOH A . 
F 5 HOH 32  332 102 HOH HOH A . 
F 5 HOH 33  333 91  HOH HOH A . 
F 5 HOH 34  334 42  HOH HOH A . 
F 5 HOH 35  335 72  HOH HOH A . 
F 5 HOH 36  336 83  HOH HOH A . 
F 5 HOH 37  337 64  HOH HOH A . 
F 5 HOH 38  338 16  HOH HOH A . 
F 5 HOH 39  339 1   HOH HOH A . 
F 5 HOH 40  340 24  HOH HOH A . 
F 5 HOH 41  341 40  HOH HOH A . 
F 5 HOH 42  342 35  HOH HOH A . 
F 5 HOH 43  343 55  HOH HOH A . 
F 5 HOH 44  344 26  HOH HOH A . 
F 5 HOH 45  345 93  HOH HOH A . 
F 5 HOH 46  346 106 HOH HOH A . 
F 5 HOH 47  347 2   HOH HOH A . 
F 5 HOH 48  348 20  HOH HOH A . 
F 5 HOH 49  349 79  HOH HOH A . 
F 5 HOH 50  350 15  HOH HOH A . 
F 5 HOH 51  351 90  HOH HOH A . 
F 5 HOH 52  352 104 HOH HOH A . 
F 5 HOH 53  353 78  HOH HOH A . 
F 5 HOH 54  354 132 HOH HOH A . 
F 5 HOH 55  355 111 HOH HOH A . 
F 5 HOH 56  356 9   HOH HOH A . 
F 5 HOH 57  357 81  HOH HOH A . 
F 5 HOH 58  358 34  HOH HOH A . 
F 5 HOH 59  359 48  HOH HOH A . 
F 5 HOH 60  360 13  HOH HOH A . 
F 5 HOH 61  361 7   HOH HOH A . 
F 5 HOH 62  362 62  HOH HOH A . 
F 5 HOH 63  363 66  HOH HOH A . 
F 5 HOH 64  364 109 HOH HOH A . 
F 5 HOH 65  365 12  HOH HOH A . 
F 5 HOH 66  366 37  HOH HOH A . 
F 5 HOH 67  367 69  HOH HOH A . 
F 5 HOH 68  368 5   HOH HOH A . 
F 5 HOH 69  369 89  HOH HOH A . 
F 5 HOH 70  370 21  HOH HOH A . 
F 5 HOH 71  371 128 HOH HOH A . 
F 5 HOH 72  372 14  HOH HOH A . 
F 5 HOH 73  373 77  HOH HOH A . 
F 5 HOH 74  374 67  HOH HOH A . 
F 5 HOH 75  375 126 HOH HOH A . 
F 5 HOH 76  376 101 HOH HOH A . 
F 5 HOH 77  377 6   HOH HOH A . 
F 5 HOH 78  378 36  HOH HOH A . 
F 5 HOH 79  379 75  HOH HOH A . 
F 5 HOH 80  380 82  HOH HOH A . 
F 5 HOH 81  381 76  HOH HOH A . 
F 5 HOH 82  382 57  HOH HOH A . 
F 5 HOH 83  383 52  HOH HOH A . 
F 5 HOH 84  384 39  HOH HOH A . 
F 5 HOH 85  385 125 HOH HOH A . 
F 5 HOH 86  386 53  HOH HOH A . 
F 5 HOH 87  387 124 HOH HOH A . 
F 5 HOH 88  388 19  HOH HOH A . 
F 5 HOH 89  389 10  HOH HOH A . 
F 5 HOH 90  390 38  HOH HOH A . 
F 5 HOH 91  391 112 HOH HOH A . 
F 5 HOH 92  392 86  HOH HOH A . 
F 5 HOH 93  393 123 HOH HOH A . 
F 5 HOH 94  394 18  HOH HOH A . 
F 5 HOH 95  395 51  HOH HOH A . 
F 5 HOH 96  396 30  HOH HOH A . 
F 5 HOH 97  397 68  HOH HOH A . 
F 5 HOH 98  398 144 HOH HOH A . 
F 5 HOH 99  399 141 HOH HOH A . 
F 5 HOH 100 400 114 HOH HOH A . 
F 5 HOH 101 401 56  HOH HOH A . 
F 5 HOH 102 402 136 HOH HOH A . 
F 5 HOH 103 403 41  HOH HOH A . 
F 5 HOH 104 404 130 HOH HOH A . 
F 5 HOH 105 405 46  HOH HOH A . 
F 5 HOH 106 406 115 HOH HOH A . 
F 5 HOH 107 407 8   HOH HOH A . 
F 5 HOH 108 408 92  HOH HOH A . 
F 5 HOH 109 409 33  HOH HOH A . 
F 5 HOH 110 410 135 HOH HOH A . 
F 5 HOH 111 411 25  HOH HOH A . 
F 5 HOH 112 412 54  HOH HOH A . 
F 5 HOH 113 413 65  HOH HOH A . 
F 5 HOH 114 414 100 HOH HOH A . 
F 5 HOH 115 415 84  HOH HOH A . 
F 5 HOH 116 416 73  HOH HOH A . 
F 5 HOH 117 417 58  HOH HOH A . 
F 5 HOH 118 418 71  HOH HOH A . 
F 5 HOH 119 419 139 HOH HOH A . 
F 5 HOH 120 420 134 HOH HOH A . 
F 5 HOH 121 421 120 HOH HOH A . 
F 5 HOH 122 422 44  HOH HOH A . 
F 5 HOH 123 423 63  HOH HOH A . 
F 5 HOH 124 424 45  HOH HOH A . 
F 5 HOH 125 425 110 HOH HOH A . 
F 5 HOH 126 426 113 HOH HOH A . 
F 5 HOH 127 427 107 HOH HOH A . 
F 5 HOH 128 428 127 HOH HOH A . 
F 5 HOH 129 429 70  HOH HOH A . 
F 5 HOH 130 430 117 HOH HOH A . 
F 5 HOH 131 431 94  HOH HOH A . 
F 5 HOH 132 432 50  HOH HOH A . 
F 5 HOH 133 433 140 HOH HOH A . 
F 5 HOH 134 434 121 HOH HOH A . 
F 5 HOH 135 435 11  HOH HOH A . 
F 5 HOH 136 436 23  HOH HOH A . 
F 5 HOH 137 437 29  HOH HOH A . 
F 5 HOH 138 438 28  HOH HOH A . 
F 5 HOH 139 439 97  HOH HOH A . 
F 5 HOH 140 440 122 HOH HOH A . 
F 5 HOH 141 441 118 HOH HOH A . 
F 5 HOH 142 442 145 HOH HOH A . 
F 5 HOH 143 443 143 HOH HOH A . 
F 5 HOH 144 444 98  HOH HOH A . 
F 5 HOH 145 445 131 HOH HOH A . 
# 
loop_
_software.citation_id 
_software.classification 
_software.compiler_name 
_software.compiler_version 
_software.contact_author 
_software.contact_author_email 
_software.date 
_software.description 
_software.dependencies 
_software.hardware 
_software.language 
_software.location 
_software.mods 
_software.name 
_software.os 
_software.os_version 
_software.type 
_software.version 
_software.pdbx_ordinal 
? 'data reduction'  ? ? 'Zbyszek Otwinowski' hkl@hkl-xray.com            ? ? ? ? ?   http://www.hkl-xray.com/                    ? 
DENZO       ? ? program .           1 
? 'data scaling'    ? ? 'Zbyszek Otwinowski' hkl@hkl-xray.com            ? ? ? ? ?   http://www.hkl-xray.com/                    ? 
HKL-2000    ? ? package .           2 
? phasing           ? ? 'Randy J. Read'      cimr-phaser@lists.cam.ac.uk 
'Wed Oct 26 23:41:35 2016 (svn 7793) (git 6847, 75ff0fc... )' ? ? ? ?   http://www-structmed.cimr.cam.ac.uk/phaser/ ? PHASER      
? ? program 2.7.16      3 
? refinement        ? ? 'Paul D. Adams'      PDAdams@lbl.gov             ? ? ? ? C++ http://www.phenix-online.org/               ? 
PHENIX      ? ? package 1.11.1_2575 4 
? 'data extraction' ? ? PDB                  deposit@deposit.rcsb.org    'Apr. 1, 2019' ? ? ? C++ 
http://sw-tools.pdb.org/apps/PDB_EXTRACT/   ? PDB_EXTRACT ? ? package 3.25        5 
# 
_cell.angle_alpha                  90.000 
_cell.angle_alpha_esd              ? 
_cell.angle_beta                   90.000 
_cell.angle_beta_esd               ? 
_cell.angle_gamma                  120.000 
_cell.angle_gamma_esd              ? 
_cell.entry_id                     6OHL 
_cell.details                      ? 
_cell.formula_units_Z              ? 
_cell.length_a                     118.872 
_cell.length_a_esd                 ? 
_cell.length_b                     118.872 
_cell.length_b_esd                 ? 
_cell.length_c                     103.375 
_cell.length_c_esd                 ? 
_cell.volume                       ? 
_cell.volume_esd                   ? 
_cell.Z_PDB                        18 
_cell.reciprocal_angle_alpha       ? 
_cell.reciprocal_angle_beta        ? 
_cell.reciprocal_angle_gamma       ? 
_cell.reciprocal_angle_alpha_esd   ? 
_cell.reciprocal_angle_beta_esd    ? 
_cell.reciprocal_angle_gamma_esd   ? 
_cell.reciprocal_length_a          ? 
_cell.reciprocal_length_b          ? 
_cell.reciprocal_length_c          ? 
_cell.reciprocal_length_a_esd      ? 
_cell.reciprocal_length_b_esd      ? 
_cell.reciprocal_length_c_esd      ? 
_cell.pdbx_unique_axis             ? 
# 
_symmetry.entry_id                         6OHL 
_symmetry.cell_setting                     ? 
_symmetry.Int_Tables_number                155 
_symmetry.space_group_name_Hall            ? 
_symmetry.space_group_name_H-M             'H 3 2' 
_symmetry.pdbx_full_space_group_name_H-M   ? 
# 
_exptl.absorpt_coefficient_mu     ? 
_exptl.absorpt_correction_T_max   ? 
_exptl.absorpt_correction_T_min   ? 
_exptl.absorpt_correction_type    ? 
_exptl.absorpt_process_details    ? 
_exptl.entry_id                   6OHL 
_exptl.crystals_number            1 
_exptl.details                    ? 
_exptl.method                     'X-RAY DIFFRACTION' 
_exptl.method_details             ? 
# 
_exptl_crystal.colour                      ? 
_exptl_crystal.density_diffrn              ? 
_exptl_crystal.density_Matthews            3.73 
_exptl_crystal.density_method              ? 
_exptl_crystal.density_percent_sol         67.02 
_exptl_crystal.description                 ? 
_exptl_crystal.F_000                       ? 
_exptl_crystal.id                          1 
_exptl_crystal.preparation                 ? 
_exptl_crystal.size_max                    ? 
_exptl_crystal.size_mid                    ? 
_exptl_crystal.size_min                    ? 
_exptl_crystal.size_rad                    ? 
_exptl_crystal.colour_lustre               ? 
_exptl_crystal.colour_modifier             ? 
_exptl_crystal.colour_primary              ? 
_exptl_crystal.density_meas                ? 
_exptl_crystal.density_meas_esd            ? 
_exptl_crystal.density_meas_gt             ? 
_exptl_crystal.density_meas_lt             ? 
_exptl_crystal.density_meas_temp           ? 
_exptl_crystal.density_meas_temp_esd       ? 
_exptl_crystal.density_meas_temp_gt        ? 
_exptl_crystal.density_meas_temp_lt        ? 
_exptl_crystal.pdbx_crystal_image_url      ? 
_exptl_crystal.pdbx_crystal_image_format   ? 
_exptl_crystal.pdbx_mosaicity              ? 
_exptl_crystal.pdbx_mosaicity_esd          ? 
# 
_exptl_crystal_grow.apparatus       ? 
_exptl_crystal_grow.atmosphere      ? 
_exptl_crystal_grow.crystal_id      1 
_exptl_crystal_grow.details         ? 
_exptl_crystal_grow.method          'VAPOR DIFFUSION, SITTING DROP' 
_exptl_crystal_grow.method_ref      ? 
_exptl_crystal_grow.pH              ? 
_exptl_crystal_grow.pressure        ? 
_exptl_crystal_grow.pressure_esd    ? 
_exptl_crystal_grow.seeding         ? 
_exptl_crystal_grow.seeding_ref     ? 
_exptl_crystal_grow.temp            277 
_exptl_crystal_grow.temp_details    ? 
_exptl_crystal_grow.temp_esd        ? 
_exptl_crystal_grow.time            ? 
_exptl_crystal_grow.pdbx_details    '42-46% PEG 600, 0.16-0.18 M calcium acetate, 0.1 M sodium cacodylate' 
_exptl_crystal_grow.pdbx_pH_range   ? 
# 
_diffrn.ambient_environment              ? 
_diffrn.ambient_temp                     100 
_diffrn.ambient_temp_details             ? 
_diffrn.ambient_temp_esd                 ? 
_diffrn.crystal_id                       1 
_diffrn.crystal_support                  ? 
_diffrn.crystal_treatment                ? 
_diffrn.details                          ? 
_diffrn.id                               1 
_diffrn.ambient_pressure                 ? 
_diffrn.ambient_pressure_esd             ? 
_diffrn.ambient_pressure_gt              ? 
_diffrn.ambient_pressure_lt              ? 
_diffrn.ambient_temp_gt                  ? 
_diffrn.ambient_temp_lt                  ? 
_diffrn.pdbx_serial_crystal_experiment   N 
# 
_diffrn_detector.details                      ? 
_diffrn_detector.detector                     CCD 
_diffrn_detector.diffrn_id                    1 
_diffrn_detector.type                         'RIGAKU SATURN 944+' 
_diffrn_detector.area_resol_mean              ? 
_diffrn_detector.dtime                        ? 
_diffrn_detector.pdbx_frames_total            ? 
_diffrn_detector.pdbx_collection_time_total   ? 
_diffrn_detector.pdbx_collection_date         2018-09-13 
_diffrn_detector.pdbx_frequency               ? 
# 
_diffrn_radiation.collimation                      ? 
_diffrn_radiation.diffrn_id                        1 
_diffrn_radiation.filter_edge                      ? 
_diffrn_radiation.inhomogeneity                    ? 
_diffrn_radiation.monochromator                    ? 
_diffrn_radiation.polarisn_norm                    ? 
_diffrn_radiation.polarisn_ratio                   ? 
_diffrn_radiation.probe                            ? 
_diffrn_radiation.type                             ? 
_diffrn_radiation.xray_symbol                      ? 
_diffrn_radiation.wavelength_id                    1 
_diffrn_radiation.pdbx_monochromatic_or_laue_m_l   M 
_diffrn_radiation.pdbx_wavelength_list             ? 
_diffrn_radiation.pdbx_wavelength                  ? 
_diffrn_radiation.pdbx_diffrn_protocol             'SINGLE WAVELENGTH' 
_diffrn_radiation.pdbx_analyzer                    ? 
_diffrn_radiation.pdbx_scattering_type             x-ray 
# 
_diffrn_radiation_wavelength.id           1 
_diffrn_radiation_wavelength.wavelength   1.5418 
_diffrn_radiation_wavelength.wt           1.0 
# 
_diffrn_source.current                     ? 
_diffrn_source.details                     ? 
_diffrn_source.diffrn_id                   1 
_diffrn_source.power                       ? 
_diffrn_source.size                        ? 
_diffrn_source.source                      'ROTATING ANODE' 
_diffrn_source.target                      ? 
_diffrn_source.type                        'RIGAKU MICROMAX-007 HF' 
_diffrn_source.voltage                     ? 
_diffrn_source.take-off_angle              ? 
_diffrn_source.pdbx_wavelength_list        1.5418 
_diffrn_source.pdbx_wavelength             ? 
_diffrn_source.pdbx_synchrotron_beamline   ? 
_diffrn_source.pdbx_synchrotron_site       ? 
# 
_reflns.B_iso_Wilson_estimate            19.920 
_reflns.entry_id                         6OHL 
_reflns.data_reduction_details           ? 
_reflns.data_reduction_method            ? 
_reflns.d_resolution_high                1.850 
_reflns.d_resolution_low                 50.000 
_reflns.details                          ? 
_reflns.limit_h_max                      ? 
_reflns.limit_h_min                      ? 
_reflns.limit_k_max                      ? 
_reflns.limit_k_min                      ? 
_reflns.limit_l_max                      ? 
_reflns.limit_l_min                      ? 
_reflns.number_all                       ? 
_reflns.number_obs                       23672 
_reflns.observed_criterion               ? 
_reflns.observed_criterion_F_max         ? 
_reflns.observed_criterion_F_min         ? 
_reflns.observed_criterion_I_max         ? 
_reflns.observed_criterion_I_min         ? 
_reflns.observed_criterion_sigma_F       ? 
_reflns.observed_criterion_sigma_I       ? 
_reflns.percent_possible_obs             98.300 
_reflns.R_free_details                   ? 
_reflns.Rmerge_F_all                     ? 
_reflns.Rmerge_F_obs                     ? 
_reflns.Friedel_coverage                 ? 
_reflns.number_gt                        ? 
_reflns.threshold_expression             ? 
_reflns.pdbx_redundancy                  9.900 
_reflns.pdbx_Rmerge_I_obs                0.092 
_reflns.pdbx_Rmerge_I_all                ? 
_reflns.pdbx_Rsym_value                  ? 
_reflns.pdbx_netI_over_av_sigmaI         ? 
_reflns.pdbx_netI_over_sigmaI            6.300 
_reflns.pdbx_res_netI_over_av_sigmaI_2   ? 
_reflns.pdbx_res_netI_over_sigmaI_2      ? 
_reflns.pdbx_chi_squared                 0.831 
_reflns.pdbx_scaling_rejects             ? 
_reflns.pdbx_d_res_high_opt              ? 
_reflns.pdbx_d_res_low_opt               ? 
_reflns.pdbx_d_res_opt_method            ? 
_reflns.phase_calculation_details        ? 
_reflns.pdbx_Rrim_I_all                  0.097 
_reflns.pdbx_Rpim_I_all                  0.030 
_reflns.pdbx_d_opt                       ? 
_reflns.pdbx_number_measured_all         235021 
_reflns.pdbx_diffrn_id                   1 
_reflns.pdbx_ordinal                     1 
_reflns.pdbx_CC_half                     ? 
_reflns.pdbx_R_split                     ? 
# 
loop_
_reflns_shell.d_res_high 
_reflns_shell.d_res_low 
_reflns_shell.meanI_over_sigI_all 
_reflns_shell.meanI_over_sigI_obs 
_reflns_shell.number_measured_all 
_reflns_shell.number_measured_obs 
_reflns_shell.number_possible 
_reflns_shell.number_unique_all 
_reflns_shell.number_unique_obs 
_reflns_shell.percent_possible_all 
_reflns_shell.percent_possible_obs 
_reflns_shell.Rmerge_F_all 
_reflns_shell.Rmerge_F_obs 
_reflns_shell.Rmerge_I_all 
_reflns_shell.Rmerge_I_obs 
_reflns_shell.meanI_over_sigI_gt 
_reflns_shell.meanI_over_uI_all 
_reflns_shell.meanI_over_uI_gt 
_reflns_shell.number_measured_gt 
_reflns_shell.number_unique_gt 
_reflns_shell.percent_possible_gt 
_reflns_shell.Rmerge_F_gt 
_reflns_shell.Rmerge_I_gt 
_reflns_shell.pdbx_redundancy 
_reflns_shell.pdbx_Rsym_value 
_reflns_shell.pdbx_chi_squared 
_reflns_shell.pdbx_netI_over_sigmaI_all 
_reflns_shell.pdbx_netI_over_sigmaI_obs 
_reflns_shell.pdbx_Rrim_I_all 
_reflns_shell.pdbx_Rpim_I_all 
_reflns_shell.pdbx_rejects 
_reflns_shell.pdbx_ordinal 
_reflns_shell.pdbx_diffrn_id 
_reflns_shell.pdbx_CC_half 
_reflns_shell.pdbx_R_split 
1.850 1.880  ? ? ? ? ? ? 912  76.600  ? ? ? ? 0.492 ? ? ? ? ? ? ? ? 3.800  ? 0.705 ? ? 0.556 0.251 ? 1  1 0.789 ? 
1.880 1.920  ? ? ? ? ? ? 1096 92.100  ? ? ? ? 0.461 ? ? ? ? ? ? ? ? 4.600  ? 0.725 ? ? 0.514 0.220 ? 2  1 0.837 ? 
1.920 1.950  ? ? ? ? ? ? 1166 98.100  ? ? ? ? 0.416 ? ? ? ? ? ? ? ? 5.900  ? 0.737 ? ? 0.455 0.179 ? 3  1 0.901 ? 
1.950 1.990  ? ? ? ? ? ? 1191 99.900  ? ? ? ? 0.387 ? ? ? ? ? ? ? ? 8.100  ? 0.721 ? ? 0.414 0.143 ? 4  1 0.939 ? 
1.990 2.040  ? ? ? ? ? ? 1184 100.000 ? ? ? ? 0.380 ? ? ? ? ? ? ? ? 10.300 ? 0.737 ? ? 0.400 0.124 ? 5  1 0.965 ? 
2.040 2.080  ? ? ? ? ? ? 1205 100.000 ? ? ? ? 0.303 ? ? ? ? ? ? ? ? 10.600 ? 0.759 ? ? 0.319 0.098 ? 6  1 0.976 ? 
2.080 2.140  ? ? ? ? ? ? 1194 100.000 ? ? ? ? 0.283 ? ? ? ? ? ? ? ? 10.800 ? 0.781 ? ? 0.297 0.090 ? 7  1 0.982 ? 
2.140 2.190  ? ? ? ? ? ? 1202 100.000 ? ? ? ? 0.254 ? ? ? ? ? ? ? ? 10.800 ? 0.803 ? ? 0.266 0.081 ? 8  1 0.985 ? 
2.190 2.260  ? ? ? ? ? ? 1197 100.000 ? ? ? ? 0.230 ? ? ? ? ? ? ? ? 10.900 ? 0.829 ? ? 0.241 0.073 ? 9  1 0.989 ? 
2.260 2.330  ? ? ? ? ? ? 1185 100.000 ? ? ? ? 0.206 ? ? ? ? ? ? ? ? 10.900 ? 0.815 ? ? 0.217 0.066 ? 10 1 0.990 ? 
2.330 2.410  ? ? ? ? ? ? 1195 100.000 ? ? ? ? 0.182 ? ? ? ? ? ? ? ? 10.900 ? 0.840 ? ? 0.191 0.058 ? 11 1 0.992 ? 
2.410 2.510  ? ? ? ? ? ? 1194 100.000 ? ? ? ? 0.173 ? ? ? ? ? ? ? ? 11.000 ? 0.862 ? ? 0.181 0.055 ? 12 1 0.993 ? 
2.510 2.630  ? ? ? ? ? ? 1214 100.000 ? ? ? ? 0.143 ? ? ? ? ? ? ? ? 11.000 ? 0.855 ? ? 0.150 0.045 ? 13 1 0.995 ? 
2.630 2.760  ? ? ? ? ? ? 1200 100.000 ? ? ? ? 0.137 ? ? ? ? ? ? ? ? 11.000 ? 0.857 ? ? 0.144 0.043 ? 14 1 0.995 ? 
2.760 2.940  ? ? ? ? ? ? 1196 100.000 ? ? ? ? 0.107 ? ? ? ? ? ? ? ? 11.000 ? 0.900 ? ? 0.112 0.034 ? 15 1 0.996 ? 
2.940 3.160  ? ? ? ? ? ? 1209 100.000 ? ? ? ? 0.082 ? ? ? ? ? ? ? ? 11.100 ? 0.892 ? ? 0.085 0.026 ? 16 1 0.998 ? 
3.160 3.480  ? ? ? ? ? ? 1222 100.000 ? ? ? ? 0.060 ? ? ? ? ? ? ? ? 11.100 ? 0.924 ? ? 0.063 0.019 ? 17 1 0.999 ? 
3.480 3.990  ? ? ? ? ? ? 1209 100.000 ? ? ? ? 0.048 ? ? ? ? ? ? ? ? 11.100 ? 0.935 ? ? 0.051 0.015 ? 18 1 0.999 ? 
3.990 5.020  ? ? ? ? ? ? 1234 100.000 ? ? ? ? 0.039 ? ? ? ? ? ? ? ? 11.000 ? 0.865 ? ? 0.041 0.012 ? 19 1 1.000 ? 
5.020 50.000 ? ? ? ? ? ? 1267 99.100  ? ? ? ? 0.037 ? ? ? ? ? ? ? ? 10.600 ? 0.813 ? ? 0.038 0.012 ? 20 1 0.999 ? 
# 
_refine.aniso_B[1][1]                            ? 
_refine.aniso_B[1][2]                            ? 
_refine.aniso_B[1][3]                            ? 
_refine.aniso_B[2][2]                            ? 
_refine.aniso_B[2][3]                            ? 
_refine.aniso_B[3][3]                            ? 
_refine.B_iso_max                                89.460 
_refine.B_iso_mean                               22.8975 
_refine.B_iso_min                                10.170 
_refine.correlation_coeff_Fo_to_Fc               ? 
_refine.correlation_coeff_Fo_to_Fc_free          ? 
_refine.details                                  ? 
_refine.diff_density_max                         ? 
_refine.diff_density_max_esd                     ? 
_refine.diff_density_min                         ? 
_refine.diff_density_min_esd                     ? 
_refine.diff_density_rms                         ? 
_refine.diff_density_rms_esd                     ? 
_refine.entry_id                                 6OHL 
_refine.pdbx_refine_id                           'X-RAY DIFFRACTION' 
_refine.ls_abs_structure_details                 ? 
_refine.ls_abs_structure_Flack                   ? 
_refine.ls_abs_structure_Flack_esd               ? 
_refine.ls_abs_structure_Rogers                  ? 
_refine.ls_abs_structure_Rogers_esd              ? 
_refine.ls_d_res_high                            1.8500 
_refine.ls_d_res_low                             25.0660 
_refine.ls_extinction_coef                       ? 
_refine.ls_extinction_coef_esd                   ? 
_refine.ls_extinction_expression                 ? 
_refine.ls_extinction_method                     ? 
_refine.ls_goodness_of_fit_all                   ? 
_refine.ls_goodness_of_fit_all_esd               ? 
_refine.ls_goodness_of_fit_obs                   ? 
_refine.ls_goodness_of_fit_obs_esd               ? 
_refine.ls_hydrogen_treatment                    ? 
_refine.ls_matrix_type                           ? 
_refine.ls_number_constraints                    ? 
_refine.ls_number_parameters                     ? 
_refine.ls_number_reflns_all                     ? 
_refine.ls_number_reflns_obs                     23667 
_refine.ls_number_reflns_R_free                  2000 
_refine.ls_number_reflns_R_work                  21667 
_refine.ls_number_restraints                     ? 
_refine.ls_percent_reflns_obs                    98.3300 
_refine.ls_percent_reflns_R_free                 8.4500 
_refine.ls_R_factor_all                          ? 
_refine.ls_R_factor_obs                          0.1695 
_refine.ls_R_factor_R_free                       0.1912 
_refine.ls_R_factor_R_free_error                 ? 
_refine.ls_R_factor_R_free_error_details         ? 
_refine.ls_R_factor_R_work                       0.1675 
_refine.ls_R_Fsqd_factor_obs                     ? 
_refine.ls_R_I_factor_obs                        ? 
_refine.ls_redundancy_reflns_all                 ? 
_refine.ls_redundancy_reflns_obs                 ? 
_refine.ls_restrained_S_all                      ? 
_refine.ls_restrained_S_obs                      ? 
_refine.ls_shift_over_esd_max                    ? 
_refine.ls_shift_over_esd_mean                   ? 
_refine.ls_structure_factor_coef                 ? 
_refine.ls_weighting_details                     ? 
_refine.ls_weighting_scheme                      ? 
_refine.ls_wR_factor_all                         ? 
_refine.ls_wR_factor_obs                         ? 
_refine.ls_wR_factor_R_free                      ? 
_refine.ls_wR_factor_R_work                      ? 
_refine.occupancy_max                            ? 
_refine.occupancy_min                            ? 
_refine.solvent_model_details                    'FLAT BULK SOLVENT MODEL' 
_refine.solvent_model_param_bsol                 ? 
_refine.solvent_model_param_ksol                 ? 
_refine.ls_R_factor_gt                           ? 
_refine.ls_goodness_of_fit_gt                    ? 
_refine.ls_goodness_of_fit_ref                   ? 
_refine.ls_shift_over_su_max                     ? 
_refine.ls_shift_over_su_max_lt                  ? 
_refine.ls_shift_over_su_mean                    ? 
_refine.ls_shift_over_su_mean_lt                 ? 
_refine.pdbx_ls_sigma_I                          ? 
_refine.pdbx_ls_sigma_F                          1.350 
_refine.pdbx_ls_sigma_Fsqd                       ? 
_refine.pdbx_data_cutoff_high_absF               ? 
_refine.pdbx_data_cutoff_high_rms_absF           ? 
_refine.pdbx_data_cutoff_low_absF                ? 
_refine.pdbx_isotropic_thermal_model             ? 
_refine.pdbx_ls_cross_valid_method               THROUGHOUT 
_refine.pdbx_method_to_determine_struct          'MOLECULAR REPLACEMENT' 
_refine.pdbx_starting_model                      ? 
_refine.pdbx_stereochemistry_target_values       ML 
_refine.pdbx_R_Free_selection_details            ? 
_refine.pdbx_stereochem_target_val_spec_case     ? 
_refine.pdbx_overall_ESU_R                       ? 
_refine.pdbx_overall_ESU_R_Free                  ? 
_refine.pdbx_solvent_vdw_probe_radii             1.1100 
_refine.pdbx_solvent_ion_probe_radii             ? 
_refine.pdbx_solvent_shrinkage_radii             0.9000 
_refine.pdbx_real_space_R                        ? 
_refine.pdbx_density_correlation                 ? 
_refine.pdbx_pd_number_of_powder_patterns        ? 
_refine.pdbx_pd_number_of_points                 ? 
_refine.pdbx_pd_meas_number_of_points            ? 
_refine.pdbx_pd_proc_ls_prof_R_factor            ? 
_refine.pdbx_pd_proc_ls_prof_wR_factor           ? 
_refine.pdbx_pd_Marquardt_correlation_coeff      ? 
_refine.pdbx_pd_Fsqrd_R_factor                   ? 
_refine.pdbx_pd_ls_matrix_band_width             ? 
_refine.pdbx_overall_phase_error                 19.7400 
_refine.pdbx_overall_SU_R_free_Cruickshank_DPI   ? 
_refine.pdbx_overall_SU_R_free_Blow_DPI          ? 
_refine.pdbx_overall_SU_R_Blow_DPI               ? 
_refine.pdbx_TLS_residual_ADP_flag               ? 
_refine.pdbx_diffrn_id                           1 
_refine.overall_SU_B                             ? 
_refine.overall_SU_ML                            0.1600 
_refine.overall_SU_R_Cruickshank_DPI             ? 
_refine.overall_SU_R_free                        ? 
_refine.overall_FOM_free_R_set                   ? 
_refine.overall_FOM_work_R_set                   ? 
_refine.pdbx_average_fsc_overall                 ? 
_refine.pdbx_average_fsc_work                    ? 
_refine.pdbx_average_fsc_free                    ? 
# 
_refine_hist.pdbx_refine_id                   'X-RAY DIFFRACTION' 
_refine_hist.cycle_id                         final 
_refine_hist.details                          ? 
_refine_hist.d_res_high                       1.8500 
_refine_hist.d_res_low                        25.0660 
_refine_hist.number_atoms_solvent             145 
_refine_hist.number_atoms_total               1531 
_refine_hist.number_reflns_all                ? 
_refine_hist.number_reflns_obs                ? 
_refine_hist.number_reflns_R_free             ? 
_refine_hist.number_reflns_R_work             ? 
_refine_hist.R_factor_all                     ? 
_refine_hist.R_factor_obs                     ? 
_refine_hist.R_factor_R_free                  ? 
_refine_hist.R_factor_R_work                  ? 
_refine_hist.pdbx_number_residues_total       167 
_refine_hist.pdbx_B_iso_mean_ligand           29.44 
_refine_hist.pdbx_B_iso_mean_solvent          29.99 
_refine_hist.pdbx_number_atoms_protein        1330 
_refine_hist.pdbx_number_atoms_nucleic_acid   0 
_refine_hist.pdbx_number_atoms_ligand         56 
_refine_hist.pdbx_number_atoms_lipid          ? 
_refine_hist.pdbx_number_atoms_carb           ? 
_refine_hist.pdbx_pseudo_atom_details         ? 
# 
loop_
_refine_ls_restr.pdbx_refine_id 
_refine_ls_restr.criterion 
_refine_ls_restr.dev_ideal 
_refine_ls_restr.dev_ideal_target 
_refine_ls_restr.number 
_refine_ls_restr.rejects 
_refine_ls_restr.type 
_refine_ls_restr.weight 
_refine_ls_restr.pdbx_restraint_function 
'X-RAY DIFFRACTION' ? 0.012 ? 1425 ? f_bond_d           ? ? 
'X-RAY DIFFRACTION' ? 1.024 ? 1925 ? f_angle_d          ? ? 
'X-RAY DIFFRACTION' ? 0.067 ? 209  ? f_chiral_restr     ? ? 
'X-RAY DIFFRACTION' ? 0.006 ? 236  ? f_plane_restr      ? ? 
'X-RAY DIFFRACTION' ? 4.789 ? 1129 ? f_dihedral_angle_d ? ? 
# 
loop_
_refine_ls_shell.pdbx_refine_id 
_refine_ls_shell.d_res_high 
_refine_ls_shell.d_res_low 
_refine_ls_shell.number_reflns_all 
_refine_ls_shell.number_reflns_obs 
_refine_ls_shell.number_reflns_R_free 
_refine_ls_shell.number_reflns_R_work 
_refine_ls_shell.percent_reflns_obs 
_refine_ls_shell.percent_reflns_R_free 
_refine_ls_shell.R_factor_all 
_refine_ls_shell.R_factor_obs 
_refine_ls_shell.R_factor_R_free 
_refine_ls_shell.R_factor_R_free_error 
_refine_ls_shell.R_factor_R_work 
_refine_ls_shell.redundancy_reflns_all 
_refine_ls_shell.redundancy_reflns_obs 
_refine_ls_shell.wR_factor_all 
_refine_ls_shell.wR_factor_obs 
_refine_ls_shell.wR_factor_R_free 
_refine_ls_shell.wR_factor_R_work 
_refine_ls_shell.pdbx_total_number_of_bins_used 
_refine_ls_shell.pdbx_phase_error 
_refine_ls_shell.pdbx_fsc_work 
_refine_ls_shell.pdbx_fsc_free 
'X-RAY DIFFRACTION' 1.8500 1.8962  1368 . 116 1252 81.0000  . . . 0.2731 0.0000 0.2264 . . . . . . 14 . . . 
'X-RAY DIFFRACTION' 1.8962 1.9475  1644 . 139 1505 96.0000  . . . 0.2562 0.0000 0.2058 . . . . . . 14 . . . 
'X-RAY DIFFRACTION' 1.9475 2.0048  1679 . 142 1537 100.0000 . . . 0.2377 0.0000 0.1956 . . . . . . 14 . . . 
'X-RAY DIFFRACTION' 2.0048 2.0694  1725 . 145 1580 100.0000 . . . 0.2394 0.0000 0.1725 . . . . . . 14 . . . 
'X-RAY DIFFRACTION' 2.0694 2.1434  1689 . 142 1547 100.0000 . . . 0.2148 0.0000 0.1692 . . . . . . 14 . . . 
'X-RAY DIFFRACTION' 2.1434 2.2291  1711 . 145 1566 100.0000 . . . 0.2153 0.0000 0.1777 . . . . . . 14 . . . 
'X-RAY DIFFRACTION' 2.2291 2.3305  1710 . 144 1566 100.0000 . . . 0.2115 0.0000 0.1751 . . . . . . 14 . . . 
'X-RAY DIFFRACTION' 2.3305 2.4533  1707 . 145 1562 100.0000 . . . 0.1904 0.0000 0.1717 . . . . . . 14 . . . 
'X-RAY DIFFRACTION' 2.4533 2.6068  1704 . 144 1560 100.0000 . . . 0.1983 0.0000 0.1726 . . . . . . 14 . . . 
'X-RAY DIFFRACTION' 2.6068 2.8079  1726 . 146 1580 100.0000 . . . 0.2037 0.0000 0.1861 . . . . . . 14 . . . 
'X-RAY DIFFRACTION' 2.8079 3.0900  1727 . 146 1581 100.0000 . . . 0.2107 0.0000 0.1839 . . . . . . 14 . . . 
'X-RAY DIFFRACTION' 3.0900 3.5360  1721 . 145 1576 100.0000 . . . 0.1826 0.0000 0.1677 . . . . . . 14 . . . 
'X-RAY DIFFRACTION' 3.5360 4.4510  1747 . 148 1599 100.0000 . . . 0.1395 0.0000 0.1380 . . . . . . 14 . . . 
'X-RAY DIFFRACTION' 4.4510 25.0683 1809 . 153 1656 100.0000 . . . 0.1640 0.0000 0.1446 . . . . . . 14 . . . 
# 
_struct.entry_id                     6OHL 
_struct.title                        'Crystal structure of Fusobacterium nucleatum flavodoxin bound to flavin mononucleotide' 
_struct.pdbx_model_details           ? 
_struct.pdbx_formula_weight          ? 
_struct.pdbx_formula_weight_method   ? 
_struct.pdbx_model_type_details      ? 
_struct.pdbx_CASP_flag               N 
# 
_struct_keywords.entry_id        6OHL 
_struct_keywords.text            'flavodoxin, reduction potential, flavin mononucleotide, electron transfer, ELECTRON TRANSPORT' 
_struct_keywords.pdbx_keywords   'ELECTRON TRANSPORT' 
# 
loop_
_struct_asym.id 
_struct_asym.pdbx_blank_PDB_chainid_flag 
_struct_asym.pdbx_modified 
_struct_asym.entity_id 
_struct_asym.details 
A N N 1 ? 
B N N 2 ? 
C N N 3 ? 
D N N 3 ? 
E N N 4 ? 
F N N 5 ? 
# 
_struct_ref.id                         1 
_struct_ref.db_name                    UNP 
_struct_ref.db_code                    Q8RFH4_FUSNN 
_struct_ref.pdbx_db_accession          Q8RFH4 
_struct_ref.pdbx_db_isoform            ? 
_struct_ref.entity_id                  1 
_struct_ref.pdbx_seq_one_letter_code   
;MKTIGIFYATLTKTTVGIVDEIEFFLKKDDFKTFNVKNGVKEIENFENLILVTPTYQVGEAHAAWMNNLKKLEEIDFTGK
VVGLVGLGNQFAFGESFCGGIRYLYDIVVKKGGKVVGFTSTDGYHYEETSIIENGKFIGLALDEENQPNLTPKRIGDWIT
EIKKEFK
;
_struct_ref.pdbx_align_begin           1 
# 
_struct_ref_seq.align_id                      1 
_struct_ref_seq.ref_id                        1 
_struct_ref_seq.pdbx_PDB_id_code              6OHL 
_struct_ref_seq.pdbx_strand_id                A 
_struct_ref_seq.seq_align_beg                 4 
_struct_ref_seq.pdbx_seq_align_beg_ins_code   ? 
_struct_ref_seq.seq_align_end                 170 
_struct_ref_seq.pdbx_seq_align_end_ins_code   ? 
_struct_ref_seq.pdbx_db_accession             Q8RFH4 
_struct_ref_seq.db_align_beg                  1 
_struct_ref_seq.pdbx_db_align_beg_ins_code    ? 
_struct_ref_seq.db_align_end                  167 
_struct_ref_seq.pdbx_db_align_end_ins_code    ? 
_struct_ref_seq.pdbx_auth_seq_align_beg       1 
_struct_ref_seq.pdbx_auth_seq_align_end       167 
# 
loop_
_struct_ref_seq_dif.align_id 
_struct_ref_seq_dif.pdbx_pdb_id_code 
_struct_ref_seq_dif.mon_id 
_struct_ref_seq_dif.pdbx_pdb_strand_id 
_struct_ref_seq_dif.seq_num 
_struct_ref_seq_dif.pdbx_pdb_ins_code 
_struct_ref_seq_dif.pdbx_seq_db_name 
_struct_ref_seq_dif.pdbx_seq_db_accession_code 
_struct_ref_seq_dif.db_mon_id 
_struct_ref_seq_dif.pdbx_seq_db_seq_num 
_struct_ref_seq_dif.details 
_struct_ref_seq_dif.pdbx_auth_seq_num 
_struct_ref_seq_dif.pdbx_ordinal 
1 6OHL GLY A 1 ? UNP Q8RFH4 ? ? 'expression tag' -2 1 
1 6OHL SER A 2 ? UNP Q8RFH4 ? ? 'expression tag' -1 2 
1 6OHL PHE A 3 ? UNP Q8RFH4 ? ? 'expression tag' 0  3 
# 
_pdbx_struct_assembly.id                   1 
_pdbx_struct_assembly.details              author_defined_assembly 
_pdbx_struct_assembly.method_details       ? 
_pdbx_struct_assembly.oligomeric_details   monomeric 
_pdbx_struct_assembly.oligomeric_count     1 
# 
_pdbx_struct_assembly_gen.assembly_id       1 
_pdbx_struct_assembly_gen.oper_expression   1 
_pdbx_struct_assembly_gen.asym_id_list      A,B,C,D,E,F 
# 
_pdbx_struct_assembly_auth_evidence.id                     1 
_pdbx_struct_assembly_auth_evidence.assembly_id            1 
_pdbx_struct_assembly_auth_evidence.experimental_support   none 
_pdbx_struct_assembly_auth_evidence.details                ? 
# 
_pdbx_struct_oper_list.id                   1 
_pdbx_struct_oper_list.type                 'identity operation' 
_pdbx_struct_oper_list.name                 1_555 
_pdbx_struct_oper_list.symmetry_operation   x,y,z 
_pdbx_struct_oper_list.matrix[1][1]         1.0000000000 
_pdbx_struct_oper_list.matrix[1][2]         0.0000000000 
_pdbx_struct_oper_list.matrix[1][3]         0.0000000000 
_pdbx_struct_oper_list.vector[1]            0.0000000000 
_pdbx_struct_oper_list.matrix[2][1]         0.0000000000 
_pdbx_struct_oper_list.matrix[2][2]         1.0000000000 
_pdbx_struct_oper_list.matrix[2][3]         0.0000000000 
_pdbx_struct_oper_list.vector[2]            0.0000000000 
_pdbx_struct_oper_list.matrix[3][1]         0.0000000000 
_pdbx_struct_oper_list.matrix[3][2]         0.0000000000 
_pdbx_struct_oper_list.matrix[3][3]         1.0000000000 
_pdbx_struct_oper_list.vector[3]            0.0000000000 
# 
loop_
_struct_conf.conf_type_id 
_struct_conf.id 
_struct_conf.pdbx_PDB_helix_id 
_struct_conf.beg_label_comp_id 
_struct_conf.beg_label_asym_id 
_struct_conf.beg_label_seq_id 
_struct_conf.pdbx_beg_PDB_ins_code 
_struct_conf.end_label_comp_id 
_struct_conf.end_label_asym_id 
_struct_conf.end_label_seq_id 
_struct_conf.pdbx_end_PDB_ins_code 
_struct_conf.beg_auth_comp_id 
_struct_conf.beg_auth_asym_id 
_struct_conf.beg_auth_seq_id 
_struct_conf.end_auth_comp_id 
_struct_conf.end_auth_asym_id 
_struct_conf.end_auth_seq_id 
_struct_conf.pdbx_PDB_helix_class 
_struct_conf.details 
_struct_conf.pdbx_PDB_helix_length 
HELX_P HELX_P1 AA1 LYS A 16  ? LEU A 29  ? LYS A 13  LEU A 26  1 ? 14 
HELX_P HELX_P2 AA2 LYS A 40  ? GLY A 42  ? LYS A 37  GLY A 39  5 ? 3  
HELX_P HELX_P3 AA3 VAL A 43  ? PHE A 49  ? VAL A 40  PHE A 46  5 ? 7  
HELX_P HELX_P4 AA4 HIS A 65  ? ASN A 70  ? HIS A 62  ASN A 67  1 ? 6  
HELX_P HELX_P5 AA5 ASN A 71  ? ILE A 78  ? ASN A 68  ILE A 75  1 ? 8  
HELX_P HELX_P6 AA6 GLY A 102 ? LYS A 114 ? GLY A 99  LYS A 111 1 ? 13 
HELX_P HELX_P7 AA7 GLN A 150 ? ASN A 152 ? GLN A 147 ASN A 149 5 ? 3  
HELX_P HELX_P8 AA8 LEU A 153 ? LYS A 167 ? LEU A 150 LYS A 164 1 ? 15 
# 
_struct_conf_type.id          HELX_P 
_struct_conf_type.criteria    ? 
_struct_conf_type.reference   ? 
# 
loop_
_struct_sheet.id 
_struct_sheet.type 
_struct_sheet.number_strands 
_struct_sheet.details 
AA1 ? 5 ? 
AA2 ? 4 ? 
AA3 ? 2 ? 
# 
loop_
_struct_sheet_order.sheet_id 
_struct_sheet_order.range_id_1 
_struct_sheet_order.range_id_2 
_struct_sheet_order.offset 
_struct_sheet_order.sense 
AA1 1 2 ? parallel      
AA1 2 3 ? parallel      
AA1 3 4 ? parallel      
AA1 4 5 ? parallel      
AA2 1 2 ? anti-parallel 
AA2 2 3 ? parallel      
AA2 3 4 ? parallel      
AA3 1 2 ? anti-parallel 
# 
loop_
_struct_sheet_range.sheet_id 
_struct_sheet_range.id 
_struct_sheet_range.beg_label_comp_id 
_struct_sheet_range.beg_label_asym_id 
_struct_sheet_range.beg_label_seq_id 
_struct_sheet_range.pdbx_beg_PDB_ins_code 
_struct_sheet_range.end_label_comp_id 
_struct_sheet_range.end_label_asym_id 
_struct_sheet_range.end_label_seq_id 
_struct_sheet_range.pdbx_end_PDB_ins_code 
_struct_sheet_range.beg_auth_comp_id 
_struct_sheet_range.beg_auth_asym_id 
_struct_sheet_range.beg_auth_seq_id 
_struct_sheet_range.end_auth_comp_id 
_struct_sheet_range.end_auth_asym_id 
_struct_sheet_range.end_auth_seq_id 
AA1 1 PHE A 34  ? ASN A 38  ? PHE A 31  ASN A 35  
AA1 2 ILE A 7   ? TYR A 11  ? ILE A 4   TYR A 8   
AA1 3 ASN A 51  ? TYR A 59  ? ASN A 48  TYR A 56  
AA1 4 VAL A 84  ? LEU A 90  ? VAL A 81  LEU A 87  
AA1 5 LYS A 117 ? VAL A 118 ? LYS A 114 VAL A 115 
AA2 1 GLU A 63  ? ALA A 64  ? GLU A 60  ALA A 61  
AA2 2 ASN A 51  ? TYR A 59  ? ASN A 48  TYR A 56  
AA2 3 VAL A 84  ? LEU A 90  ? VAL A 81  LEU A 87  
AA2 4 LEU A 143 ? LEU A 145 ? LEU A 140 LEU A 142 
AA3 1 ILE A 135 ? GLU A 136 ? ILE A 132 GLU A 133 
AA3 2 LYS A 139 ? PHE A 140 ? LYS A 136 PHE A 137 
# 
loop_
_pdbx_struct_sheet_hbond.sheet_id 
_pdbx_struct_sheet_hbond.range_id_1 
_pdbx_struct_sheet_hbond.range_id_2 
_pdbx_struct_sheet_hbond.range_1_label_atom_id 
_pdbx_struct_sheet_hbond.range_1_label_comp_id 
_pdbx_struct_sheet_hbond.range_1_label_asym_id 
_pdbx_struct_sheet_hbond.range_1_label_seq_id 
_pdbx_struct_sheet_hbond.range_1_PDB_ins_code 
_pdbx_struct_sheet_hbond.range_1_auth_atom_id 
_pdbx_struct_sheet_hbond.range_1_auth_comp_id 
_pdbx_struct_sheet_hbond.range_1_auth_asym_id 
_pdbx_struct_sheet_hbond.range_1_auth_seq_id 
_pdbx_struct_sheet_hbond.range_2_label_atom_id 
_pdbx_struct_sheet_hbond.range_2_label_comp_id 
_pdbx_struct_sheet_hbond.range_2_label_asym_id 
_pdbx_struct_sheet_hbond.range_2_label_seq_id 
_pdbx_struct_sheet_hbond.range_2_PDB_ins_code 
_pdbx_struct_sheet_hbond.range_2_auth_atom_id 
_pdbx_struct_sheet_hbond.range_2_auth_comp_id 
_pdbx_struct_sheet_hbond.range_2_auth_asym_id 
_pdbx_struct_sheet_hbond.range_2_auth_seq_id 
AA1 1 2 O LYS A 35  ? O LYS A 32  N ILE A 9   ? N ILE A 6   
AA1 2 3 N PHE A 10  ? N PHE A 7   O VAL A 55  ? O VAL A 52  
AA1 3 4 N LEU A 54  ? N LEU A 51  O VAL A 88  ? O VAL A 85  
AA1 4 5 N VAL A 85  ? N VAL A 82  O LYS A 117 ? O LYS A 114 
AA2 1 2 O GLU A 63  ? O GLU A 60  N TYR A 59  ? N TYR A 56  
AA2 2 3 N LEU A 54  ? N LEU A 51  O VAL A 88  ? O VAL A 85  
AA2 3 4 N GLY A 89  ? N GLY A 86  O LEU A 143 ? O LEU A 140 
AA3 1 2 N GLU A 136 ? N GLU A 133 O LYS A 139 ? O LYS A 136 
# 
loop_
_struct_site.id 
_struct_site.pdbx_evidence_code 
_struct_site.pdbx_auth_asym_id 
_struct_site.pdbx_auth_comp_id 
_struct_site.pdbx_auth_seq_id 
_struct_site.pdbx_auth_ins_code 
_struct_site.pdbx_num_residues 
_struct_site.details 
AC1 Software A FMN 201 ? 25 'binding site for residue FMN A 201' 
AC2 Software A SO4 202 ? 7  'binding site for residue SO4 A 202' 
AC3 Software A SO4 203 ? 3  'binding site for residue SO4 A 203' 
AC4 Software A GOL 204 ? 7  'binding site for residue GOL A 204' 
# 
loop_
_struct_site_gen.id 
_struct_site_gen.site_id 
_struct_site_gen.pdbx_num_res 
_struct_site_gen.label_comp_id 
_struct_site_gen.label_asym_id 
_struct_site_gen.label_seq_id 
_struct_site_gen.pdbx_auth_ins_code 
_struct_site_gen.auth_comp_id 
_struct_site_gen.auth_asym_id 
_struct_site_gen.auth_seq_id 
_struct_site_gen.label_atom_id 
_struct_site_gen.label_alt_id 
_struct_site_gen.symmetry 
_struct_site_gen.details 
1  AC1 25 THR A 13  ? THR A 10  . ? 1_555  ? 
2  AC1 25 LEU A 14  ? LEU A 11  . ? 1_555  ? 
3  AC1 25 THR A 15  ? THR A 12  . ? 1_555  ? 
4  AC1 25 LYS A 16  ? LYS A 13  . ? 1_555  ? 
5  AC1 25 THR A 17  ? THR A 14  . ? 1_555  ? 
6  AC1 25 THR A 18  ? THR A 15  . ? 1_555  ? 
7  AC1 25 GLY A 20  ? GLY A 17  . ? 2_765  ? 
8  AC1 25 ASP A 23  ? ASP A 20  . ? 2_765  ? 
9  AC1 25 GLU A 24  ? GLU A 21  . ? 2_765  ? 
10 AC1 25 PRO A 57  ? PRO A 54  . ? 1_555  ? 
11 AC1 25 THR A 58  ? THR A 55  . ? 1_555  ? 
12 AC1 25 TYR A 59  ? TYR A 56  . ? 1_555  ? 
13 AC1 25 GLY A 62  ? GLY A 59  . ? 1_555  ? 
14 AC1 25 LEU A 90  ? LEU A 87  . ? 1_555  ? 
15 AC1 25 GLY A 91  ? GLY A 88  . ? 1_555  ? 
16 AC1 25 ASN A 92  ? ASN A 89  . ? 1_555  ? 
17 AC1 25 PHE A 96  ? PHE A 93  . ? 1_555  ? 
18 AC1 25 SER A 99  ? SER A 96  . ? 1_555  ? 
19 AC1 25 PHE A 100 ? PHE A 97  . ? 1_555  ? 
20 AC1 25 CYS A 101 ? CYS A 98  . ? 1_555  ? 
21 AC1 25 GLU A 148 ? GLU A 145 . ? 1_555  ? 
22 AC1 25 HOH F .   ? HOH A 326 . ? 1_555  ? 
23 AC1 25 HOH F .   ? HOH A 346 . ? 1_555  ? 
24 AC1 25 HOH F .   ? HOH A 350 . ? 1_555  ? 
25 AC1 25 HOH F .   ? HOH A 382 . ? 1_555  ? 
26 AC2 7  LYS A 114 ? LYS A 111 . ? 12_767 ? 
27 AC2 7  ILE A 135 ? ILE A 132 . ? 1_555  ? 
28 AC2 7  ASN A 137 ? ASN A 134 . ? 1_555  ? 
29 AC2 7  GLY A 138 ? GLY A 135 . ? 1_555  ? 
30 AC2 7  HOH F .   ? HOH A 304 . ? 1_555  ? 
31 AC2 7  HOH F .   ? HOH A 333 . ? 1_555  ? 
32 AC2 7  HOH F .   ? HOH A 385 . ? 1_555  ? 
33 AC3 3  LYS A 5   ? LYS A 2   . ? 1_555  ? 
34 AC3 3  THR A 6   ? THR A 3   . ? 1_555  ? 
35 AC3 3  HOH F .   ? HOH A 344 . ? 1_555  ? 
36 AC4 7  ASP A 23  ? ASP A 20  . ? 2_765  ? 
37 AC4 7  TYR A 59  ? TYR A 56  . ? 1_555  ? 
38 AC4 7  HIS A 65  ? HIS A 62  . ? 1_555  ? 
39 AC4 7  ALA A 66  ? ALA A 63  . ? 1_555  ? 
40 AC4 7  HOH F .   ? HOH A 323 . ? 1_555  ? 
41 AC4 7  HOH F .   ? HOH A 396 . ? 1_555  ? 
42 AC4 7  HOH F .   ? HOH A 415 . ? 1_555  ? 
# 
_pdbx_validate_close_contact.id               1 
_pdbx_validate_close_contact.PDB_model_num    1 
_pdbx_validate_close_contact.auth_atom_id_1   NZ 
_pdbx_validate_close_contact.auth_asym_id_1   A 
_pdbx_validate_close_contact.auth_comp_id_1   LYS 
_pdbx_validate_close_contact.auth_seq_id_1    110 
_pdbx_validate_close_contact.PDB_ins_code_1   ? 
_pdbx_validate_close_contact.label_alt_id_1   ? 
_pdbx_validate_close_contact.auth_atom_id_2   O 
_pdbx_validate_close_contact.auth_asym_id_2   A 
_pdbx_validate_close_contact.auth_comp_id_2   HOH 
_pdbx_validate_close_contact.auth_seq_id_2    301 
_pdbx_validate_close_contact.PDB_ins_code_2   ? 
_pdbx_validate_close_contact.label_alt_id_2   ? 
_pdbx_validate_close_contact.dist             1.98 
# 
_pdbx_validate_rmsd_angle.id                         1 
_pdbx_validate_rmsd_angle.PDB_model_num              1 
_pdbx_validate_rmsd_angle.auth_atom_id_1             O 
_pdbx_validate_rmsd_angle.auth_asym_id_1             A 
_pdbx_validate_rmsd_angle.auth_comp_id_1             PHE 
_pdbx_validate_rmsd_angle.auth_seq_id_1              166 
_pdbx_validate_rmsd_angle.PDB_ins_code_1             ? 
_pdbx_validate_rmsd_angle.label_alt_id_1             ? 
_pdbx_validate_rmsd_angle.auth_atom_id_2             C 
_pdbx_validate_rmsd_angle.auth_asym_id_2             A 
_pdbx_validate_rmsd_angle.auth_comp_id_2             PHE 
_pdbx_validate_rmsd_angle.auth_seq_id_2              166 
_pdbx_validate_rmsd_angle.PDB_ins_code_2             ? 
_pdbx_validate_rmsd_angle.label_alt_id_2             ? 
_pdbx_validate_rmsd_angle.auth_atom_id_3             N 
_pdbx_validate_rmsd_angle.auth_asym_id_3             A 
_pdbx_validate_rmsd_angle.auth_comp_id_3             LYS 
_pdbx_validate_rmsd_angle.auth_seq_id_3              167 
_pdbx_validate_rmsd_angle.PDB_ins_code_3             ? 
_pdbx_validate_rmsd_angle.label_alt_id_3             A 
_pdbx_validate_rmsd_angle.angle_value                112.71 
_pdbx_validate_rmsd_angle.angle_target_value         122.70 
_pdbx_validate_rmsd_angle.angle_deviation            -9.99 
_pdbx_validate_rmsd_angle.angle_standard_deviation   1.60 
_pdbx_validate_rmsd_angle.linker_flag                Y 
# 
loop_
_pdbx_validate_torsion.id 
_pdbx_validate_torsion.PDB_model_num 
_pdbx_validate_torsion.auth_comp_id 
_pdbx_validate_torsion.auth_asym_id 
_pdbx_validate_torsion.auth_seq_id 
_pdbx_validate_torsion.PDB_ins_code 
_pdbx_validate_torsion.label_alt_id 
_pdbx_validate_torsion.phi 
_pdbx_validate_torsion.psi 
1 1 LYS A 13 ? ? 78.94   -4.24 
2 1 SER A 96 ? ? -142.06 28.32 
3 1 SER A 96 ? ? -140.49 25.32 
# 
_pdbx_struct_special_symmetry.id              1 
_pdbx_struct_special_symmetry.PDB_model_num   1 
_pdbx_struct_special_symmetry.auth_asym_id    A 
_pdbx_struct_special_symmetry.auth_comp_id    HOH 
_pdbx_struct_special_symmetry.auth_seq_id     410 
_pdbx_struct_special_symmetry.PDB_ins_code    ? 
_pdbx_struct_special_symmetry.label_asym_id   F 
_pdbx_struct_special_symmetry.label_comp_id   HOH 
_pdbx_struct_special_symmetry.label_seq_id    . 
# 
_pdbx_phasing_MR.entry_id                     6OHL 
_pdbx_phasing_MR.method_rotation              ? 
_pdbx_phasing_MR.method_translation           ? 
_pdbx_phasing_MR.model_details                ? 
_pdbx_phasing_MR.R_factor                     ? 
_pdbx_phasing_MR.R_rigid_body                 ? 
_pdbx_phasing_MR.correlation_coeff_Fo_to_Fc   ? 
_pdbx_phasing_MR.correlation_coeff_Io_to_Ic   ? 
_pdbx_phasing_MR.d_res_high_rotation          4.340 
_pdbx_phasing_MR.d_res_low_rotation           25.070 
_pdbx_phasing_MR.d_res_high_translation       4.340 
_pdbx_phasing_MR.d_res_low_translation        25.070 
_pdbx_phasing_MR.packing                      ? 
_pdbx_phasing_MR.reflns_percent_rotation      ? 
_pdbx_phasing_MR.reflns_percent_translation   ? 
_pdbx_phasing_MR.sigma_F_rotation             ? 
_pdbx_phasing_MR.sigma_F_translation          ? 
_pdbx_phasing_MR.sigma_I_rotation             ? 
_pdbx_phasing_MR.sigma_I_translation          ? 
# 
_phasing.method   MR 
# 
loop_
_pdbx_unobs_or_zero_occ_residues.id 
_pdbx_unobs_or_zero_occ_residues.PDB_model_num 
_pdbx_unobs_or_zero_occ_residues.polymer_flag 
_pdbx_unobs_or_zero_occ_residues.occupancy_flag 
_pdbx_unobs_or_zero_occ_residues.auth_asym_id 
_pdbx_unobs_or_zero_occ_residues.auth_comp_id 
_pdbx_unobs_or_zero_occ_residues.auth_seq_id 
_pdbx_unobs_or_zero_occ_residues.PDB_ins_code 
_pdbx_unobs_or_zero_occ_residues.label_asym_id 
_pdbx_unobs_or_zero_occ_residues.label_comp_id 
_pdbx_unobs_or_zero_occ_residues.label_seq_id 
1 1 Y 1 A GLY -2 ? A GLY 1 
2 1 Y 1 A SER -1 ? A SER 2 
3 1 Y 1 A PHE 0  ? A PHE 3 
# 
loop_
_chem_comp_atom.comp_id 
_chem_comp_atom.atom_id 
_chem_comp_atom.type_symbol 
_chem_comp_atom.pdbx_aromatic_flag 
_chem_comp_atom.pdbx_stereo_config 
_chem_comp_atom.pdbx_ordinal 
ALA N      N N N 1   
ALA CA     C N S 2   
ALA C      C N N 3   
ALA O      O N N 4   
ALA CB     C N N 5   
ALA OXT    O N N 6   
ALA H      H N N 7   
ALA H2     H N N 8   
ALA HA     H N N 9   
ALA HB1    H N N 10  
ALA HB2    H N N 11  
ALA HB3    H N N 12  
ALA HXT    H N N 13  
ARG N      N N N 14  
ARG CA     C N S 15  
ARG C      C N N 16  
ARG O      O N N 17  
ARG CB     C N N 18  
ARG CG     C N N 19  
ARG CD     C N N 20  
ARG NE     N N N 21  
ARG CZ     C N N 22  
ARG NH1    N N N 23  
ARG NH2    N N N 24  
ARG OXT    O N N 25  
ARG H      H N N 26  
ARG H2     H N N 27  
ARG HA     H N N 28  
ARG HB2    H N N 29  
ARG HB3    H N N 30  
ARG HG2    H N N 31  
ARG HG3    H N N 32  
ARG HD2    H N N 33  
ARG HD3    H N N 34  
ARG HE     H N N 35  
ARG HH11   H N N 36  
ARG HH12   H N N 37  
ARG HH21   H N N 38  
ARG HH22   H N N 39  
ARG HXT    H N N 40  
ASN N      N N N 41  
ASN CA     C N S 42  
ASN C      C N N 43  
ASN O      O N N 44  
ASN CB     C N N 45  
ASN CG     C N N 46  
ASN OD1    O N N 47  
ASN ND2    N N N 48  
ASN OXT    O N N 49  
ASN H      H N N 50  
ASN H2     H N N 51  
ASN HA     H N N 52  
ASN HB2    H N N 53  
ASN HB3    H N N 54  
ASN HD21   H N N 55  
ASN HD22   H N N 56  
ASN HXT    H N N 57  
ASP N      N N N 58  
ASP CA     C N S 59  
ASP C      C N N 60  
ASP O      O N N 61  
ASP CB     C N N 62  
ASP CG     C N N 63  
ASP OD1    O N N 64  
ASP OD2    O N N 65  
ASP OXT    O N N 66  
ASP H      H N N 67  
ASP H2     H N N 68  
ASP HA     H N N 69  
ASP HB2    H N N 70  
ASP HB3    H N N 71  
ASP HD2    H N N 72  
ASP HXT    H N N 73  
CYS N      N N N 74  
CYS CA     C N R 75  
CYS C      C N N 76  
CYS O      O N N 77  
CYS CB     C N N 78  
CYS SG     S N N 79  
CYS OXT    O N N 80  
CYS H      H N N 81  
CYS H2     H N N 82  
CYS HA     H N N 83  
CYS HB2    H N N 84  
CYS HB3    H N N 85  
CYS HG     H N N 86  
CYS HXT    H N N 87  
FMN N1     N N N 88  
FMN C2     C N N 89  
FMN O2     O N N 90  
FMN N3     N N N 91  
FMN C4     C N N 92  
FMN O4     O N N 93  
FMN C4A    C N N 94  
FMN N5     N N N 95  
FMN C5A    C Y N 96  
FMN C6     C Y N 97  
FMN C7     C Y N 98  
FMN C7M    C N N 99  
FMN C8     C Y N 100 
FMN C8M    C N N 101 
FMN C9     C Y N 102 
FMN C9A    C Y N 103 
FMN N10    N N N 104 
FMN C10    C N N 105 
FMN "C1'"  C N N 106 
FMN "C2'"  C N S 107 
FMN "O2'"  O N N 108 
FMN "C3'"  C N S 109 
FMN "O3'"  O N N 110 
FMN "C4'"  C N R 111 
FMN "O4'"  O N N 112 
FMN "C5'"  C N N 113 
FMN "O5'"  O N N 114 
FMN P      P N N 115 
FMN O1P    O N N 116 
FMN O2P    O N N 117 
FMN O3P    O N N 118 
FMN HN3    H N N 119 
FMN H6     H N N 120 
FMN HM71   H N N 121 
FMN HM72   H N N 122 
FMN HM73   H N N 123 
FMN HM81   H N N 124 
FMN HM82   H N N 125 
FMN HM83   H N N 126 
FMN H9     H N N 127 
FMN "H1'1" H N N 128 
FMN "H1'2" H N N 129 
FMN "H2'"  H N N 130 
FMN "HO2'" H N N 131 
FMN "H3'"  H N N 132 
FMN "HO3'" H N N 133 
FMN "H4'"  H N N 134 
FMN "HO4'" H N N 135 
FMN "H5'1" H N N 136 
FMN "H5'2" H N N 137 
FMN HOP2   H N N 138 
FMN HOP3   H N N 139 
GLN N      N N N 140 
GLN CA     C N S 141 
GLN C      C N N 142 
GLN O      O N N 143 
GLN CB     C N N 144 
GLN CG     C N N 145 
GLN CD     C N N 146 
GLN OE1    O N N 147 
GLN NE2    N N N 148 
GLN OXT    O N N 149 
GLN H      H N N 150 
GLN H2     H N N 151 
GLN HA     H N N 152 
GLN HB2    H N N 153 
GLN HB3    H N N 154 
GLN HG2    H N N 155 
GLN HG3    H N N 156 
GLN HE21   H N N 157 
GLN HE22   H N N 158 
GLN HXT    H N N 159 
GLU N      N N N 160 
GLU CA     C N S 161 
GLU C      C N N 162 
GLU O      O N N 163 
GLU CB     C N N 164 
GLU CG     C N N 165 
GLU CD     C N N 166 
GLU OE1    O N N 167 
GLU OE2    O N N 168 
GLU OXT    O N N 169 
GLU H      H N N 170 
GLU H2     H N N 171 
GLU HA     H N N 172 
GLU HB2    H N N 173 
GLU HB3    H N N 174 
GLU HG2    H N N 175 
GLU HG3    H N N 176 
GLU HE2    H N N 177 
GLU HXT    H N N 178 
GLY N      N N N 179 
GLY CA     C N N 180 
GLY C      C N N 181 
GLY O      O N N 182 
GLY OXT    O N N 183 
GLY H      H N N 184 
GLY H2     H N N 185 
GLY HA2    H N N 186 
GLY HA3    H N N 187 
GLY HXT    H N N 188 
GOL C1     C N N 189 
GOL O1     O N N 190 
GOL C2     C N N 191 
GOL O2     O N N 192 
GOL C3     C N N 193 
GOL O3     O N N 194 
GOL H11    H N N 195 
GOL H12    H N N 196 
GOL HO1    H N N 197 
GOL H2     H N N 198 
GOL HO2    H N N 199 
GOL H31    H N N 200 
GOL H32    H N N 201 
GOL HO3    H N N 202 
HIS N      N N N 203 
HIS CA     C N S 204 
HIS C      C N N 205 
HIS O      O N N 206 
HIS CB     C N N 207 
HIS CG     C Y N 208 
HIS ND1    N Y N 209 
HIS CD2    C Y N 210 
HIS CE1    C Y N 211 
HIS NE2    N Y N 212 
HIS OXT    O N N 213 
HIS H      H N N 214 
HIS H2     H N N 215 
HIS HA     H N N 216 
HIS HB2    H N N 217 
HIS HB3    H N N 218 
HIS HD1    H N N 219 
HIS HD2    H N N 220 
HIS HE1    H N N 221 
HIS HE2    H N N 222 
HIS HXT    H N N 223 
HOH O      O N N 224 
HOH H1     H N N 225 
HOH H2     H N N 226 
ILE N      N N N 227 
ILE CA     C N S 228 
ILE C      C N N 229 
ILE O      O N N 230 
ILE CB     C N S 231 
ILE CG1    C N N 232 
ILE CG2    C N N 233 
ILE CD1    C N N 234 
ILE OXT    O N N 235 
ILE H      H N N 236 
ILE H2     H N N 237 
ILE HA     H N N 238 
ILE HB     H N N 239 
ILE HG12   H N N 240 
ILE HG13   H N N 241 
ILE HG21   H N N 242 
ILE HG22   H N N 243 
ILE HG23   H N N 244 
ILE HD11   H N N 245 
ILE HD12   H N N 246 
ILE HD13   H N N 247 
ILE HXT    H N N 248 
LEU N      N N N 249 
LEU CA     C N S 250 
LEU C      C N N 251 
LEU O      O N N 252 
LEU CB     C N N 253 
LEU CG     C N N 254 
LEU CD1    C N N 255 
LEU CD2    C N N 256 
LEU OXT    O N N 257 
LEU H      H N N 258 
LEU H2     H N N 259 
LEU HA     H N N 260 
LEU HB2    H N N 261 
LEU HB3    H N N 262 
LEU HG     H N N 263 
LEU HD11   H N N 264 
LEU HD12   H N N 265 
LEU HD13   H N N 266 
LEU HD21   H N N 267 
LEU HD22   H N N 268 
LEU HD23   H N N 269 
LEU HXT    H N N 270 
LYS N      N N N 271 
LYS CA     C N S 272 
LYS C      C N N 273 
LYS O      O N N 274 
LYS CB     C N N 275 
LYS CG     C N N 276 
LYS CD     C N N 277 
LYS CE     C N N 278 
LYS NZ     N N N 279 
LYS OXT    O N N 280 
LYS H      H N N 281 
LYS H2     H N N 282 
LYS HA     H N N 283 
LYS HB2    H N N 284 
LYS HB3    H N N 285 
LYS HG2    H N N 286 
LYS HG3    H N N 287 
LYS HD2    H N N 288 
LYS HD3    H N N 289 
LYS HE2    H N N 290 
LYS HE3    H N N 291 
LYS HZ1    H N N 292 
LYS HZ2    H N N 293 
LYS HZ3    H N N 294 
LYS HXT    H N N 295 
MET N      N N N 296 
MET CA     C N S 297 
MET C      C N N 298 
MET O      O N N 299 
MET CB     C N N 300 
MET CG     C N N 301 
MET SD     S N N 302 
MET CE     C N N 303 
MET OXT    O N N 304 
MET H      H N N 305 
MET H2     H N N 306 
MET HA     H N N 307 
MET HB2    H N N 308 
MET HB3    H N N 309 
MET HG2    H N N 310 
MET HG3    H N N 311 
MET HE1    H N N 312 
MET HE2    H N N 313 
MET HE3    H N N 314 
MET HXT    H N N 315 
PHE N      N N N 316 
PHE CA     C N S 317 
PHE C      C N N 318 
PHE O      O N N 319 
PHE CB     C N N 320 
PHE CG     C Y N 321 
PHE CD1    C Y N 322 
PHE CD2    C Y N 323 
PHE CE1    C Y N 324 
PHE CE2    C Y N 325 
PHE CZ     C Y N 326 
PHE OXT    O N N 327 
PHE H      H N N 328 
PHE H2     H N N 329 
PHE HA     H N N 330 
PHE HB2    H N N 331 
PHE HB3    H N N 332 
PHE HD1    H N N 333 
PHE HD2    H N N 334 
PHE HE1    H N N 335 
PHE HE2    H N N 336 
PHE HZ     H N N 337 
PHE HXT    H N N 338 
PRO N      N N N 339 
PRO CA     C N S 340 
PRO C      C N N 341 
PRO O      O N N 342 
PRO CB     C N N 343 
PRO CG     C N N 344 
PRO CD     C N N 345 
PRO OXT    O N N 346 
PRO H      H N N 347 
PRO HA     H N N 348 
PRO HB2    H N N 349 
PRO HB3    H N N 350 
PRO HG2    H N N 351 
PRO HG3    H N N 352 
PRO HD2    H N N 353 
PRO HD3    H N N 354 
PRO HXT    H N N 355 
SER N      N N N 356 
SER CA     C N S 357 
SER C      C N N 358 
SER O      O N N 359 
SER CB     C N N 360 
SER OG     O N N 361 
SER OXT    O N N 362 
SER H      H N N 363 
SER H2     H N N 364 
SER HA     H N N 365 
SER HB2    H N N 366 
SER HB3    H N N 367 
SER HG     H N N 368 
SER HXT    H N N 369 
SO4 S      S N N 370 
SO4 O1     O N N 371 
SO4 O2     O N N 372 
SO4 O3     O N N 373 
SO4 O4     O N N 374 
THR N      N N N 375 
THR CA     C N S 376 
THR C      C N N 377 
THR O      O N N 378 
THR CB     C N R 379 
THR OG1    O N N 380 
THR CG2    C N N 381 
THR OXT    O N N 382 
THR H      H N N 383 
THR H2     H N N 384 
THR HA     H N N 385 
THR HB     H N N 386 
THR HG1    H N N 387 
THR HG21   H N N 388 
THR HG22   H N N 389 
THR HG23   H N N 390 
THR HXT    H N N 391 
TRP N      N N N 392 
TRP CA     C N S 393 
TRP C      C N N 394 
TRP O      O N N 395 
TRP CB     C N N 396 
TRP CG     C Y N 397 
TRP CD1    C Y N 398 
TRP CD2    C Y N 399 
TRP NE1    N Y N 400 
TRP CE2    C Y N 401 
TRP CE3    C Y N 402 
TRP CZ2    C Y N 403 
TRP CZ3    C Y N 404 
TRP CH2    C Y N 405 
TRP OXT    O N N 406 
TRP H      H N N 407 
TRP H2     H N N 408 
TRP HA     H N N 409 
TRP HB2    H N N 410 
TRP HB3    H N N 411 
TRP HD1    H N N 412 
TRP HE1    H N N 413 
TRP HE3    H N N 414 
TRP HZ2    H N N 415 
TRP HZ3    H N N 416 
TRP HH2    H N N 417 
TRP HXT    H N N 418 
TYR N      N N N 419 
TYR CA     C N S 420 
TYR C      C N N 421 
TYR O      O N N 422 
TYR CB     C N N 423 
TYR CG     C Y N 424 
TYR CD1    C Y N 425 
TYR CD2    C Y N 426 
TYR CE1    C Y N 427 
TYR CE2    C Y N 428 
TYR CZ     C Y N 429 
TYR OH     O N N 430 
TYR OXT    O N N 431 
TYR H      H N N 432 
TYR H2     H N N 433 
TYR HA     H N N 434 
TYR HB2    H N N 435 
TYR HB3    H N N 436 
TYR HD1    H N N 437 
TYR HD2    H N N 438 
TYR HE1    H N N 439 
TYR HE2    H N N 440 
TYR HH     H N N 441 
TYR HXT    H N N 442 
VAL N      N N N 443 
VAL CA     C N S 444 
VAL C      C N N 445 
VAL O      O N N 446 
VAL CB     C N N 447 
VAL CG1    C N N 448 
VAL CG2    C N N 449 
VAL OXT    O N N 450 
VAL H      H N N 451 
VAL H2     H N N 452 
VAL HA     H N N 453 
VAL HB     H N N 454 
VAL HG11   H N N 455 
VAL HG12   H N N 456 
VAL HG13   H N N 457 
VAL HG21   H N N 458 
VAL HG22   H N N 459 
VAL HG23   H N N 460 
VAL HXT    H N N 461 
# 
loop_
_chem_comp_bond.comp_id 
_chem_comp_bond.atom_id_1 
_chem_comp_bond.atom_id_2 
_chem_comp_bond.value_order 
_chem_comp_bond.pdbx_aromatic_flag 
_chem_comp_bond.pdbx_stereo_config 
_chem_comp_bond.pdbx_ordinal 
ALA N     CA     sing N N 1   
ALA N     H      sing N N 2   
ALA N     H2     sing N N 3   
ALA CA    C      sing N N 4   
ALA CA    CB     sing N N 5   
ALA CA    HA     sing N N 6   
ALA C     O      doub N N 7   
ALA C     OXT    sing N N 8   
ALA CB    HB1    sing N N 9   
ALA CB    HB2    sing N N 10  
ALA CB    HB3    sing N N 11  
ALA OXT   HXT    sing N N 12  
ARG N     CA     sing N N 13  
ARG N     H      sing N N 14  
ARG N     H2     sing N N 15  
ARG CA    C      sing N N 16  
ARG CA    CB     sing N N 17  
ARG CA    HA     sing N N 18  
ARG C     O      doub N N 19  
ARG C     OXT    sing N N 20  
ARG CB    CG     sing N N 21  
ARG CB    HB2    sing N N 22  
ARG CB    HB3    sing N N 23  
ARG CG    CD     sing N N 24  
ARG CG    HG2    sing N N 25  
ARG CG    HG3    sing N N 26  
ARG CD    NE     sing N N 27  
ARG CD    HD2    sing N N 28  
ARG CD    HD3    sing N N 29  
ARG NE    CZ     sing N N 30  
ARG NE    HE     sing N N 31  
ARG CZ    NH1    sing N N 32  
ARG CZ    NH2    doub N N 33  
ARG NH1   HH11   sing N N 34  
ARG NH1   HH12   sing N N 35  
ARG NH2   HH21   sing N N 36  
ARG NH2   HH22   sing N N 37  
ARG OXT   HXT    sing N N 38  
ASN N     CA     sing N N 39  
ASN N     H      sing N N 40  
ASN N     H2     sing N N 41  
ASN CA    C      sing N N 42  
ASN CA    CB     sing N N 43  
ASN CA    HA     sing N N 44  
ASN C     O      doub N N 45  
ASN C     OXT    sing N N 46  
ASN CB    CG     sing N N 47  
ASN CB    HB2    sing N N 48  
ASN CB    HB3    sing N N 49  
ASN CG    OD1    doub N N 50  
ASN CG    ND2    sing N N 51  
ASN ND2   HD21   sing N N 52  
ASN ND2   HD22   sing N N 53  
ASN OXT   HXT    sing N N 54  
ASP N     CA     sing N N 55  
ASP N     H      sing N N 56  
ASP N     H2     sing N N 57  
ASP CA    C      sing N N 58  
ASP CA    CB     sing N N 59  
ASP CA    HA     sing N N 60  
ASP C     O      doub N N 61  
ASP C     OXT    sing N N 62  
ASP CB    CG     sing N N 63  
ASP CB    HB2    sing N N 64  
ASP CB    HB3    sing N N 65  
ASP CG    OD1    doub N N 66  
ASP CG    OD2    sing N N 67  
ASP OD2   HD2    sing N N 68  
ASP OXT   HXT    sing N N 69  
CYS N     CA     sing N N 70  
CYS N     H      sing N N 71  
CYS N     H2     sing N N 72  
CYS CA    C      sing N N 73  
CYS CA    CB     sing N N 74  
CYS CA    HA     sing N N 75  
CYS C     O      doub N N 76  
CYS C     OXT    sing N N 77  
CYS CB    SG     sing N N 78  
CYS CB    HB2    sing N N 79  
CYS CB    HB3    sing N N 80  
CYS SG    HG     sing N N 81  
CYS OXT   HXT    sing N N 82  
FMN N1    C2     sing N N 83  
FMN N1    C10    doub N N 84  
FMN C2    O2     doub N N 85  
FMN C2    N3     sing N N 86  
FMN N3    C4     sing N N 87  
FMN N3    HN3    sing N N 88  
FMN C4    O4     doub N N 89  
FMN C4    C4A    sing N N 90  
FMN C4A   N5     doub N N 91  
FMN C4A   C10    sing N N 92  
FMN N5    C5A    sing N N 93  
FMN C5A   C6     doub Y N 94  
FMN C5A   C9A    sing Y N 95  
FMN C6    C7     sing Y N 96  
FMN C6    H6     sing N N 97  
FMN C7    C7M    sing N N 98  
FMN C7    C8     doub Y N 99  
FMN C7M   HM71   sing N N 100 
FMN C7M   HM72   sing N N 101 
FMN C7M   HM73   sing N N 102 
FMN C8    C8M    sing N N 103 
FMN C8    C9     sing Y N 104 
FMN C8M   HM81   sing N N 105 
FMN C8M   HM82   sing N N 106 
FMN C8M   HM83   sing N N 107 
FMN C9    C9A    doub Y N 108 
FMN C9    H9     sing N N 109 
FMN C9A   N10    sing N N 110 
FMN N10   C10    sing N N 111 
FMN N10   "C1'"  sing N N 112 
FMN "C1'" "C2'"  sing N N 113 
FMN "C1'" "H1'1" sing N N 114 
FMN "C1'" "H1'2" sing N N 115 
FMN "C2'" "O2'"  sing N N 116 
FMN "C2'" "C3'"  sing N N 117 
FMN "C2'" "H2'"  sing N N 118 
FMN "O2'" "HO2'" sing N N 119 
FMN "C3'" "O3'"  sing N N 120 
FMN "C3'" "C4'"  sing N N 121 
FMN "C3'" "H3'"  sing N N 122 
FMN "O3'" "HO3'" sing N N 123 
FMN "C4'" "O4'"  sing N N 124 
FMN "C4'" "C5'"  sing N N 125 
FMN "C4'" "H4'"  sing N N 126 
FMN "O4'" "HO4'" sing N N 127 
FMN "C5'" "O5'"  sing N N 128 
FMN "C5'" "H5'1" sing N N 129 
FMN "C5'" "H5'2" sing N N 130 
FMN "O5'" P      sing N N 131 
FMN P     O1P    doub N N 132 
FMN P     O2P    sing N N 133 
FMN P     O3P    sing N N 134 
FMN O2P   HOP2   sing N N 135 
FMN O3P   HOP3   sing N N 136 
GLN N     CA     sing N N 137 
GLN N     H      sing N N 138 
GLN N     H2     sing N N 139 
GLN CA    C      sing N N 140 
GLN CA    CB     sing N N 141 
GLN CA    HA     sing N N 142 
GLN C     O      doub N N 143 
GLN C     OXT    sing N N 144 
GLN CB    CG     sing N N 145 
GLN CB    HB2    sing N N 146 
GLN CB    HB3    sing N N 147 
GLN CG    CD     sing N N 148 
GLN CG    HG2    sing N N 149 
GLN CG    HG3    sing N N 150 
GLN CD    OE1    doub N N 151 
GLN CD    NE2    sing N N 152 
GLN NE2   HE21   sing N N 153 
GLN NE2   HE22   sing N N 154 
GLN OXT   HXT    sing N N 155 
GLU N     CA     sing N N 156 
GLU N     H      sing N N 157 
GLU N     H2     sing N N 158 
GLU CA    C      sing N N 159 
GLU CA    CB     sing N N 160 
GLU CA    HA     sing N N 161 
GLU C     O      doub N N 162 
GLU C     OXT    sing N N 163 
GLU CB    CG     sing N N 164 
GLU CB    HB2    sing N N 165 
GLU CB    HB3    sing N N 166 
GLU CG    CD     sing N N 167 
GLU CG    HG2    sing N N 168 
GLU CG    HG3    sing N N 169 
GLU CD    OE1    doub N N 170 
GLU CD    OE2    sing N N 171 
GLU OE2   HE2    sing N N 172 
GLU OXT   HXT    sing N N 173 
GLY N     CA     sing N N 174 
GLY N     H      sing N N 175 
GLY N     H2     sing N N 176 
GLY CA    C      sing N N 177 
GLY CA    HA2    sing N N 178 
GLY CA    HA3    sing N N 179 
GLY C     O      doub N N 180 
GLY C     OXT    sing N N 181 
GLY OXT   HXT    sing N N 182 
GOL C1    O1     sing N N 183 
GOL C1    C2     sing N N 184 
GOL C1    H11    sing N N 185 
GOL C1    H12    sing N N 186 
GOL O1    HO1    sing N N 187 
GOL C2    O2     sing N N 188 
GOL C2    C3     sing N N 189 
GOL C2    H2     sing N N 190 
GOL O2    HO2    sing N N 191 
GOL C3    O3     sing N N 192 
GOL C3    H31    sing N N 193 
GOL C3    H32    sing N N 194 
GOL O3    HO3    sing N N 195 
HIS N     CA     sing N N 196 
HIS N     H      sing N N 197 
HIS N     H2     sing N N 198 
HIS CA    C      sing N N 199 
HIS CA    CB     sing N N 200 
HIS CA    HA     sing N N 201 
HIS C     O      doub N N 202 
HIS C     OXT    sing N N 203 
HIS CB    CG     sing N N 204 
HIS CB    HB2    sing N N 205 
HIS CB    HB3    sing N N 206 
HIS CG    ND1    sing Y N 207 
HIS CG    CD2    doub Y N 208 
HIS ND1   CE1    doub Y N 209 
HIS ND1   HD1    sing N N 210 
HIS CD2   NE2    sing Y N 211 
HIS CD2   HD2    sing N N 212 
HIS CE1   NE2    sing Y N 213 
HIS CE1   HE1    sing N N 214 
HIS NE2   HE2    sing N N 215 
HIS OXT   HXT    sing N N 216 
HOH O     H1     sing N N 217 
HOH O     H2     sing N N 218 
ILE N     CA     sing N N 219 
ILE N     H      sing N N 220 
ILE N     H2     sing N N 221 
ILE CA    C      sing N N 222 
ILE CA    CB     sing N N 223 
ILE CA    HA     sing N N 224 
ILE C     O      doub N N 225 
ILE C     OXT    sing N N 226 
ILE CB    CG1    sing N N 227 
ILE CB    CG2    sing N N 228 
ILE CB    HB     sing N N 229 
ILE CG1   CD1    sing N N 230 
ILE CG1   HG12   sing N N 231 
ILE CG1   HG13   sing N N 232 
ILE CG2   HG21   sing N N 233 
ILE CG2   HG22   sing N N 234 
ILE CG2   HG23   sing N N 235 
ILE CD1   HD11   sing N N 236 
ILE CD1   HD12   sing N N 237 
ILE CD1   HD13   sing N N 238 
ILE OXT   HXT    sing N N 239 
LEU N     CA     sing N N 240 
LEU N     H      sing N N 241 
LEU N     H2     sing N N 242 
LEU CA    C      sing N N 243 
LEU CA    CB     sing N N 244 
LEU CA    HA     sing N N 245 
LEU C     O      doub N N 246 
LEU C     OXT    sing N N 247 
LEU CB    CG     sing N N 248 
LEU CB    HB2    sing N N 249 
LEU CB    HB3    sing N N 250 
LEU CG    CD1    sing N N 251 
LEU CG    CD2    sing N N 252 
LEU CG    HG     sing N N 253 
LEU CD1   HD11   sing N N 254 
LEU CD1   HD12   sing N N 255 
LEU CD1   HD13   sing N N 256 
LEU CD2   HD21   sing N N 257 
LEU CD2   HD22   sing N N 258 
LEU CD2   HD23   sing N N 259 
LEU OXT   HXT    sing N N 260 
LYS N     CA     sing N N 261 
LYS N     H      sing N N 262 
LYS N     H2     sing N N 263 
LYS CA    C      sing N N 264 
LYS CA    CB     sing N N 265 
LYS CA    HA     sing N N 266 
LYS C     O      doub N N 267 
LYS C     OXT    sing N N 268 
LYS CB    CG     sing N N 269 
LYS CB    HB2    sing N N 270 
LYS CB    HB3    sing N N 271 
LYS CG    CD     sing N N 272 
LYS CG    HG2    sing N N 273 
LYS CG    HG3    sing N N 274 
LYS CD    CE     sing N N 275 
LYS CD    HD2    sing N N 276 
LYS CD    HD3    sing N N 277 
LYS CE    NZ     sing N N 278 
LYS CE    HE2    sing N N 279 
LYS CE    HE3    sing N N 280 
LYS NZ    HZ1    sing N N 281 
LYS NZ    HZ2    sing N N 282 
LYS NZ    HZ3    sing N N 283 
LYS OXT   HXT    sing N N 284 
MET N     CA     sing N N 285 
MET N     H      sing N N 286 
MET N     H2     sing N N 287 
MET CA    C      sing N N 288 
MET CA    CB     sing N N 289 
MET CA    HA     sing N N 290 
MET C     O      doub N N 291 
MET C     OXT    sing N N 292 
MET CB    CG     sing N N 293 
MET CB    HB2    sing N N 294 
MET CB    HB3    sing N N 295 
MET CG    SD     sing N N 296 
MET CG    HG2    sing N N 297 
MET CG    HG3    sing N N 298 
MET SD    CE     sing N N 299 
MET CE    HE1    sing N N 300 
MET CE    HE2    sing N N 301 
MET CE    HE3    sing N N 302 
MET OXT   HXT    sing N N 303 
PHE N     CA     sing N N 304 
PHE N     H      sing N N 305 
PHE N     H2     sing N N 306 
PHE CA    C      sing N N 307 
PHE CA    CB     sing N N 308 
PHE CA    HA     sing N N 309 
PHE C     O      doub N N 310 
PHE C     OXT    sing N N 311 
PHE CB    CG     sing N N 312 
PHE CB    HB2    sing N N 313 
PHE CB    HB3    sing N N 314 
PHE CG    CD1    doub Y N 315 
PHE CG    CD2    sing Y N 316 
PHE CD1   CE1    sing Y N 317 
PHE CD1   HD1    sing N N 318 
PHE CD2   CE2    doub Y N 319 
PHE CD2   HD2    sing N N 320 
PHE CE1   CZ     doub Y N 321 
PHE CE1   HE1    sing N N 322 
PHE CE2   CZ     sing Y N 323 
PHE CE2   HE2    sing N N 324 
PHE CZ    HZ     sing N N 325 
PHE OXT   HXT    sing N N 326 
PRO N     CA     sing N N 327 
PRO N     CD     sing N N 328 
PRO N     H      sing N N 329 
PRO CA    C      sing N N 330 
PRO CA    CB     sing N N 331 
PRO CA    HA     sing N N 332 
PRO C     O      doub N N 333 
PRO C     OXT    sing N N 334 
PRO CB    CG     sing N N 335 
PRO CB    HB2    sing N N 336 
PRO CB    HB3    sing N N 337 
PRO CG    CD     sing N N 338 
PRO CG    HG2    sing N N 339 
PRO CG    HG3    sing N N 340 
PRO CD    HD2    sing N N 341 
PRO CD    HD3    sing N N 342 
PRO OXT   HXT    sing N N 343 
SER N     CA     sing N N 344 
SER N     H      sing N N 345 
SER N     H2     sing N N 346 
SER CA    C      sing N N 347 
SER CA    CB     sing N N 348 
SER CA    HA     sing N N 349 
SER C     O      doub N N 350 
SER C     OXT    sing N N 351 
SER CB    OG     sing N N 352 
SER CB    HB2    sing N N 353 
SER CB    HB3    sing N N 354 
SER OG    HG     sing N N 355 
SER OXT   HXT    sing N N 356 
SO4 S     O1     doub N N 357 
SO4 S     O2     doub N N 358 
SO4 S     O3     sing N N 359 
SO4 S     O4     sing N N 360 
THR N     CA     sing N N 361 
THR N     H      sing N N 362 
THR N     H2     sing N N 363 
THR CA    C      sing N N 364 
THR CA    CB     sing N N 365 
THR CA    HA     sing N N 366 
THR C     O      doub N N 367 
THR C     OXT    sing N N 368 
THR CB    OG1    sing N N 369 
THR CB    CG2    sing N N 370 
THR CB    HB     sing N N 371 
THR OG1   HG1    sing N N 372 
THR CG2   HG21   sing N N 373 
THR CG2   HG22   sing N N 374 
THR CG2   HG23   sing N N 375 
THR OXT   HXT    sing N N 376 
TRP N     CA     sing N N 377 
TRP N     H      sing N N 378 
TRP N     H2     sing N N 379 
TRP CA    C      sing N N 380 
TRP CA    CB     sing N N 381 
TRP CA    HA     sing N N 382 
TRP C     O      doub N N 383 
TRP C     OXT    sing N N 384 
TRP CB    CG     sing N N 385 
TRP CB    HB2    sing N N 386 
TRP CB    HB3    sing N N 387 
TRP CG    CD1    doub Y N 388 
TRP CG    CD2    sing Y N 389 
TRP CD1   NE1    sing Y N 390 
TRP CD1   HD1    sing N N 391 
TRP CD2   CE2    doub Y N 392 
TRP CD2   CE3    sing Y N 393 
TRP NE1   CE2    sing Y N 394 
TRP NE1   HE1    sing N N 395 
TRP CE2   CZ2    sing Y N 396 
TRP CE3   CZ3    doub Y N 397 
TRP CE3   HE3    sing N N 398 
TRP CZ2   CH2    doub Y N 399 
TRP CZ2   HZ2    sing N N 400 
TRP CZ3   CH2    sing Y N 401 
TRP CZ3   HZ3    sing N N 402 
TRP CH2   HH2    sing N N 403 
TRP OXT   HXT    sing N N 404 
TYR N     CA     sing N N 405 
TYR N     H      sing N N 406 
TYR N     H2     sing N N 407 
TYR CA    C      sing N N 408 
TYR CA    CB     sing N N 409 
TYR CA    HA     sing N N 410 
TYR C     O      doub N N 411 
TYR C     OXT    sing N N 412 
TYR CB    CG     sing N N 413 
TYR CB    HB2    sing N N 414 
TYR CB    HB3    sing N N 415 
TYR CG    CD1    doub Y N 416 
TYR CG    CD2    sing Y N 417 
TYR CD1   CE1    sing Y N 418 
TYR CD1   HD1    sing N N 419 
TYR CD2   CE2    doub Y N 420 
TYR CD2   HD2    sing N N 421 
TYR CE1   CZ     doub Y N 422 
TYR CE1   HE1    sing N N 423 
TYR CE2   CZ     sing Y N 424 
TYR CE2   HE2    sing N N 425 
TYR CZ    OH     sing N N 426 
TYR OH    HH     sing N N 427 
TYR OXT   HXT    sing N N 428 
VAL N     CA     sing N N 429 
VAL N     H      sing N N 430 
VAL N     H2     sing N N 431 
VAL CA    C      sing N N 432 
VAL CA    CB     sing N N 433 
VAL CA    HA     sing N N 434 
VAL C     O      doub N N 435 
VAL C     OXT    sing N N 436 
VAL CB    CG1    sing N N 437 
VAL CB    CG2    sing N N 438 
VAL CB    HB     sing N N 439 
VAL CG1   HG11   sing N N 440 
VAL CG1   HG12   sing N N 441 
VAL CG1   HG13   sing N N 442 
VAL CG2   HG21   sing N N 443 
VAL CG2   HG22   sing N N 444 
VAL CG2   HG23   sing N N 445 
VAL OXT   HXT    sing N N 446 
# 
_pdbx_audit_support.funding_organization   'Natural Sciences and Engineering Research Council (NSERC, Canada)' 
_pdbx_audit_support.country                Canada 
_pdbx_audit_support.grant_number           ? 
_pdbx_audit_support.ordinal                1 
# 
_atom_sites.entry_id                    6OHL 
_atom_sites.fract_transf_matrix[1][1]   0.00950125 
_atom_sites.fract_transf_matrix[1][2]   0.00196584 
_atom_sites.fract_transf_matrix[1][3]   0.00046244 
_atom_sites.fract_transf_matrix[2][1]   0.00318452 
_atom_sites.fract_transf_matrix[2][2]   0.00901414 
_atom_sites.fract_transf_matrix[2][3]   -0.00172218 
_atom_sites.fract_transf_matrix[3][1]   -0.00089431 
_atom_sites.fract_transf_matrix[3][2]   0.00211152 
_atom_sites.fract_transf_matrix[3][3]   0.00939830 
_atom_sites.fract_transf_vector[1]      1.179196 
_atom_sites.fract_transf_vector[2]      1.033168 
_atom_sites.fract_transf_vector[3]      1.167753 
# 
loop_
_atom_type.symbol 
C 
N 
O 
P 
S 
# 
loop_
_atom_site.group_PDB 
_atom_site.id 
_atom_site.type_symbol 
_atom_site.label_atom_id 
_atom_site.label_alt_id 
_atom_site.label_comp_id 
_atom_site.label_asym_id 
_atom_site.label_entity_id 
_atom_site.label_seq_id 
_atom_site.pdbx_PDB_ins_code 
_atom_site.Cartn_x 
_atom_site.Cartn_y 
_atom_site.Cartn_z 
_atom_site.occupancy 
_atom_site.B_iso_or_equiv 
_atom_site.pdbx_formal_charge 
_atom_site.auth_seq_id 
_atom_site.auth_comp_id 
_atom_site.auth_asym_id 
_atom_site.auth_atom_id 
_atom_site.pdbx_PDB_model_num 
ATOM   1    N N     . MET A 1 4   ? 6.235   -16.928 10.671  1.00 39.60 ? 1   MET A N     1 
ATOM   2    C CA    . MET A 1 4   ? 6.143   -15.565 10.131  1.00 30.55 ? 1   MET A CA    1 
ATOM   3    C C     . MET A 1 4   ? 5.715   -14.606 11.213  1.00 25.64 ? 1   MET A C     1 
ATOM   4    O O     . MET A 1 4   ? 4.768   -14.881 11.927  1.00 29.64 ? 1   MET A O     1 
ATOM   5    C CB    . MET A 1 4   ? 5.159   -15.517 8.957   1.00 27.42 ? 1   MET A CB    1 
ATOM   6    C CG    . MET A 1 4   ? 5.205   -14.215 8.164   1.00 25.98 ? 1   MET A CG    1 
ATOM   7    S SD    . MET A 1 4   ? 4.335   -14.333 6.583   1.00 27.22 ? 1   MET A SD    1 
ATOM   8    C CE    . MET A 1 4   ? 2.722   -14.809 7.175   1.00 29.35 ? 1   MET A CE    1 
ATOM   9    N N     . LYS A 1 5   ? 6.414   -13.476 11.355  1.00 22.78 ? 2   LYS A N     1 
ATOM   10   C CA    . LYS A 1 5   ? 6.038   -12.519 12.378  1.00 22.40 ? 2   LYS A CA    1 
ATOM   11   C C     . LYS A 1 5   ? 4.700   -11.875 12.030  1.00 23.64 ? 2   LYS A C     1 
ATOM   12   O O     . LYS A 1 5   ? 4.279   -11.846 10.871  1.00 23.27 ? 2   LYS A O     1 
ATOM   13   C CB    . LYS A 1 5   ? 7.106   -11.435 12.528  1.00 22.81 ? 2   LYS A CB    1 
ATOM   14   C CG    . LYS A 1 5   ? 8.503   -11.994 12.796  1.00 30.97 ? 2   LYS A CG    1 
ATOM   15   C CD    . LYS A 1 5   ? 8.578   -12.586 14.182  1.00 36.75 ? 2   LYS A CD    1 
ATOM   16   C CE    . LYS A 1 5   ? 10.034  -12.782 14.611  1.00 52.99 ? 2   LYS A CE    1 
ATOM   17   N NZ    . LYS A 1 5   ? 10.179  -12.576 16.083  1.00 54.70 ? 2   LYS A NZ    1 
ATOM   18   N N     . THR A 1 6   ? 4.027   -11.378 13.060  1.00 19.70 ? 3   THR A N     1 
ATOM   19   C CA    . THR A 1 6   ? 2.705   -10.782 12.889  1.00 22.17 ? 3   THR A CA    1 
ATOM   20   C C     . THR A 1 6   ? 2.769   -9.627  11.894  1.00 29.83 ? 3   THR A C     1 
ATOM   21   O O     . THR A 1 6   ? 3.721   -8.837  11.889  1.00 21.02 ? 3   THR A O     1 
ATOM   22   C CB    . THR A 1 6   ? 2.189   -10.294 14.240  1.00 26.71 ? 3   THR A CB    1 
ATOM   23   O OG1   . THR A 1 6   ? 2.166   -11.401 15.154  1.00 28.09 ? 3   THR A OG1   1 
ATOM   24   C CG2   . THR A 1 6   ? 0.794   -9.677  14.130  1.00 21.38 ? 3   THR A CG2   1 
ATOM   25   N N     . ILE A 1 7   ? 1.758   -9.550  11.026  1.00 22.36 ? 4   ILE A N     1 
ATOM   26   C CA    . ILE A 1 7   ? 1.686   -8.520  9.992   1.00 20.27 ? 4   ILE A CA    1 
ATOM   27   C C     . ILE A 1 7   ? 0.799   -7.377  10.479  1.00 23.29 ? 4   ILE A C     1 
ATOM   28   O O     . ILE A 1 7   ? -0.355  -7.594  10.887  1.00 18.90 ? 4   ILE A O     1 
ATOM   29   C CB    . ILE A 1 7   ? 1.156   -9.096  8.672   1.00 19.15 ? 4   ILE A CB    1 
ATOM   30   C CG1   . ILE A 1 7   ? 2.080   -10.195 8.161   1.00 22.47 ? 4   ILE A CG1   1 
ATOM   31   C CG2   . ILE A 1 7   ? 0.994   -7.970  7.631   1.00 19.52 ? 4   ILE A CG2   1 
ATOM   32   C CD1   . ILE A 1 7   ? 1.387   -11.201 7.196   1.00 18.39 ? 4   ILE A CD1   1 
ATOM   33   N N     . GLY A 1 8   ? 1.328   -6.162  10.419  1.00 19.02 ? 5   GLY A N     1 
ATOM   34   C CA    . GLY A 1 8   ? 0.554   -4.975  10.728  1.00 17.68 ? 5   GLY A CA    1 
ATOM   35   C C     . GLY A 1 8   ? -0.023  -4.395  9.458   1.00 21.22 ? 5   GLY A C     1 
ATOM   36   O O     . GLY A 1 8   ? 0.728   -4.050  8.540   1.00 17.79 ? 5   GLY A O     1 
ATOM   37   N N     . ILE A 1 9   ? -1.352  -4.274  9.399   1.00 19.55 ? 6   ILE A N     1 
ATOM   38   C CA    . ILE A 1 9   ? -2.076  -3.718  8.254   1.00 19.29 ? 6   ILE A CA    1 
ATOM   39   C C     . ILE A 1 9   ? -2.595  -2.340  8.635   1.00 16.06 ? 6   ILE A C     1 
ATOM   40   O O     . ILE A 1 9   ? -3.369  -2.211  9.594   1.00 17.63 ? 6   ILE A O     1 
ATOM   41   C CB    . ILE A 1 9   ? -3.248  -4.620  7.824   1.00 16.95 ? 6   ILE A CB    1 
ATOM   42   C CG1   . ILE A 1 9   ? -2.744  -6.019  7.484   1.00 17.24 ? 6   ILE A CG1   1 
ATOM   43   C CG2   . ILE A 1 9   ? -3.952  -4.001  6.610   1.00 17.88 ? 6   ILE A CG2   1 
ATOM   44   C CD1   . ILE A 1 9   ? -3.919  -7.054  7.386   1.00 19.30 ? 6   ILE A CD1   1 
ATOM   45   N N     . PHE A 1 10  ? -2.183  -1.308  7.882   1.00 15.57 ? 7   PHE A N     1 
ATOM   46   C CA    . PHE A 1 10  ? -2.555  0.080   8.163   1.00 16.77 ? 7   PHE A CA    1 
ATOM   47   C C     . PHE A 1 10  ? -3.217  0.685   6.935   1.00 16.15 ? 7   PHE A C     1 
ATOM   48   O O     . PHE A 1 10  ? -2.646  0.632   5.845   1.00 17.54 ? 7   PHE A O     1 
ATOM   49   C CB    . PHE A 1 10  ? -1.309  0.901   8.577   1.00 15.86 ? 7   PHE A CB    1 
ATOM   50   C CG    . PHE A 1 10  ? -0.719  0.417   9.880   1.00 21.02 ? 7   PHE A CG    1 
ATOM   51   C CD1   . PHE A 1 10  ? 0.073   -0.736  9.914   1.00 16.21 ? 7   PHE A CD1   1 
ATOM   52   C CD2   . PHE A 1 10  ? -1.050  1.036   11.065  1.00 19.52 ? 7   PHE A CD2   1 
ATOM   53   C CE1   . PHE A 1 10  ? 0.575   -1.232  11.137  1.00 18.25 ? 7   PHE A CE1   1 
ATOM   54   C CE2   . PHE A 1 10  ? -0.563  0.548   12.285  1.00 19.30 ? 7   PHE A CE2   1 
ATOM   55   C CZ    . PHE A 1 10  ? 0.257   -0.573  12.308  1.00 20.38 ? 7   PHE A CZ    1 
ATOM   56   N N     . TYR A 1 11  ? -4.416  1.271   7.106   1.00 17.58 ? 8   TYR A N     1 
ATOM   57   C CA    . TYR A 1 11  ? -5.125  1.815   5.949   1.00 18.46 ? 8   TYR A CA    1 
ATOM   58   C C     . TYR A 1 11  ? -5.841  3.108   6.322   1.00 16.72 ? 8   TYR A C     1 
ATOM   59   O O     . TYR A 1 11  ? -6.008  3.445   7.499   1.00 18.83 ? 8   TYR A O     1 
ATOM   60   C CB    . TYR A 1 11  ? -6.151  0.808   5.393   1.00 16.60 ? 8   TYR A CB    1 
ATOM   61   C CG    . TYR A 1 11  ? -7.413  0.722   6.255   1.00 17.06 ? 8   TYR A CG    1 
ATOM   62   C CD1   . TYR A 1 11  ? -7.422  -0.039  7.424   1.00 21.36 ? 8   TYR A CD1   1 
ATOM   63   C CD2   . TYR A 1 11  ? -8.573  1.425   5.916   1.00 21.58 ? 8   TYR A CD2   1 
ATOM   64   C CE1   . TYR A 1 11  ? -8.530  -0.114  8.223   1.00 23.71 ? 8   TYR A CE1   1 
ATOM   65   C CE2   . TYR A 1 11  ? -9.709  1.349   6.723   1.00 22.98 ? 8   TYR A CE2   1 
ATOM   66   C CZ    . TYR A 1 11  ? -9.668  0.583   7.875   1.00 26.02 ? 8   TYR A CZ    1 
ATOM   67   O OH    . TYR A 1 11  ? -10.770 0.488   8.679   1.00 24.28 ? 8   TYR A OH    1 
ATOM   68   N N     . ALA A 1 12  ? -6.334  3.801   5.297   1.00 17.42 ? 9   ALA A N     1 
ATOM   69   C CA    . ALA A 1 12  ? -7.273  4.897   5.482   1.00 17.66 ? 9   ALA A CA    1 
ATOM   70   C C     . ALA A 1 12  ? -8.337  4.809   4.388   1.00 18.70 ? 9   ALA A C     1 
ATOM   71   O O     . ALA A 1 12  ? -8.138  4.140   3.375   1.00 16.82 ? 9   ALA A O     1 
ATOM   72   C CB    . ALA A 1 12  ? -6.565  6.255   5.417   1.00 14.34 ? 9   ALA A CB    1 
ATOM   73   N N     . THR A 1 13  ? -9.459  5.510   4.580   1.00 17.01 ? 10  THR A N     1 
ATOM   74   C CA    . THR A 1 13  ? -10.515 5.488   3.572   1.00 17.69 ? 10  THR A CA    1 
ATOM   75   C C     . THR A 1 13  ? -11.374 6.740   3.701   1.00 21.38 ? 10  THR A C     1 
ATOM   76   O O     . THR A 1 13  ? -11.584 7.254   4.805   1.00 18.74 ? 10  THR A O     1 
ATOM   77   C CB    . THR A 1 13  ? -11.391 4.230   3.703   1.00 17.64 ? 10  THR A CB    1 
ATOM   78   O OG1   . THR A 1 13  ? -12.321 4.169   2.610   1.00 17.27 ? 10  THR A OG1   1 
ATOM   79   C CG2   . THR A 1 13  ? -12.152 4.211   5.014   1.00 20.71 ? 10  THR A CG2   1 
ATOM   80   N N     . LEU A 1 14  ? -11.873 7.220   2.562   1.00 16.14 ? 11  LEU A N     1 
ATOM   81   C CA    . LEU A 1 14  ? -12.926 8.236   2.556   1.00 19.42 ? 11  LEU A CA    1 
ATOM   82   C C     . LEU A 1 14  ? -14.280 7.608   2.262   1.00 19.84 ? 11  LEU A C     1 
ATOM   83   O O     . LEU A 1 14  ? -15.199 7.713   3.079   1.00 17.65 ? 11  LEU A O     1 
ATOM   84   C CB    . LEU A 1 14  ? -12.641 9.343   1.530   1.00 17.31 ? 11  LEU A CB    1 
ATOM   85   C CG    . LEU A 1 14  ? -13.734 10.432  1.464   1.00 16.70 ? 11  LEU A CG    1 
ATOM   86   C CD1   . LEU A 1 14  ? -13.819 11.203  2.796   1.00 19.72 ? 11  LEU A CD1   1 
ATOM   87   C CD2   . LEU A 1 14  ? -13.489 11.395  0.301   1.00 18.97 ? 11  LEU A CD2   1 
ATOM   88   N N     . THR A 1 15  ? -14.423 6.934   1.114   1.00 16.44 ? 12  THR A N     1 
ATOM   89   C CA    . THR A 1 15  ? -15.729 6.410   0.724   1.00 22.86 ? 12  THR A CA    1 
ATOM   90   C C     . THR A 1 15  ? -15.805 4.885   0.803   1.00 21.00 ? 12  THR A C     1 
ATOM   91   O O     . THR A 1 15  ? -16.662 4.262   0.168   1.00 19.49 ? 12  THR A O     1 
ATOM   92   C CB    . THR A 1 15  ? -16.130 6.916   -0.661  1.00 17.13 ? 12  THR A CB    1 
ATOM   93   O OG1   . THR A 1 15  ? -15.073 6.700   -1.610  1.00 19.12 ? 12  THR A OG1   1 
ATOM   94   C CG2   . THR A 1 15  ? -16.412 8.410   -0.578  1.00 16.68 ? 12  THR A CG2   1 
ATOM   95   N N     . LYS A 1 16  ? -14.968 4.278   1.633   1.00 13.93 ? 13  LYS A N     1 
ATOM   96   C CA    . LYS A 1 16  ? -15.057 2.897   2.093   1.00 19.34 ? 13  LYS A CA    1 
ATOM   97   C C     . LYS A 1 16  ? -14.551 1.877   1.070   1.00 15.72 ? 13  LYS A C     1 
ATOM   98   O O     . LYS A 1 16  ? -14.551 0.708   1.389   1.00 15.25 ? 13  LYS A O     1 
ATOM   99   C CB    . LYS A 1 16  ? -16.485 2.474   2.515   1.00 21.67 ? 13  LYS A CB    1 
ATOM   100  C CG    . LYS A 1 16  ? -17.185 3.419   3.516   1.00 27.28 ? 13  LYS A CG    1 
ATOM   101  C CD    . LYS A 1 16  ? -16.379 3.540   4.795   1.00 35.61 ? 13  LYS A CD    1 
ATOM   102  C CE    . LYS A 1 16  ? -17.113 4.366   5.862   1.00 46.60 ? 13  LYS A CE    1 
ATOM   103  N NZ    . LYS A 1 16  ? -16.178 5.308   6.558   1.00 35.78 ? 13  LYS A NZ    1 
ATOM   104  N N     . THR A 1 17  ? -14.161 2.263   -0.150  1.00 17.68 ? 14  THR A N     1 
ATOM   105  C CA    . THR A 1 17  ? -13.623 1.272   -1.095  1.00 14.19 ? 14  THR A CA    1 
ATOM   106  C C     . THR A 1 17  ? -12.452 0.509   -0.476  1.00 19.88 ? 14  THR A C     1 
ATOM   107  O O     . THR A 1 17  ? -12.364 -0.724  -0.578  1.00 17.78 ? 14  THR A O     1 
ATOM   108  C CB    . THR A 1 17  ? -13.156 1.954   -2.386  1.00 17.09 ? 14  THR A CB    1 
ATOM   109  O OG1   . THR A 1 17  ? -14.154 2.890   -2.855  1.00 19.00 ? 14  THR A OG1   1 
ATOM   110  C CG2   . THR A 1 17  ? -12.882 0.919   -3.474  1.00 17.42 ? 14  THR A CG2   1 
ATOM   111  N N     . THR A 1 18  ? -11.538 1.241   0.170   1.00 16.99 ? 15  THR A N     1 
ATOM   112  C CA    . THR A 1 18  ? -10.366 0.625   0.798   1.00 16.46 ? 15  THR A CA    1 
ATOM   113  C C     . THR A 1 18  ? -10.750 -0.414  1.852   1.00 17.99 ? 15  THR A C     1 
ATOM   114  O O     . THR A 1 18  ? -10.029 -1.402  2.043   1.00 15.43 ? 15  THR A O     1 
ATOM   115  C CB    . THR A 1 18  ? -9.486  1.730   1.394   1.00 14.94 ? 15  THR A CB    1 
ATOM   116  O OG1   . THR A 1 18  ? -9.144  2.648   0.357   1.00 16.58 ? 15  THR A OG1   1 
ATOM   117  C CG2   . THR A 1 18  ? -8.151  1.177   1.950   1.00 15.10 ? 15  THR A CG2   1 
ATOM   118  N N     . VAL A 1 19  ? -11.885 -0.225  2.541   1.00 15.80 ? 16  VAL A N     1 
ATOM   119  C CA    . VAL A 1 19  ? -12.318 -1.201  3.543   1.00 17.96 ? 16  VAL A CA    1 
ATOM   120  C C     . VAL A 1 19  ? -12.504 -2.583  2.919   1.00 20.23 ? 16  VAL A C     1 
ATOM   121  O O     . VAL A 1 19  ? -12.138 -3.611  3.520   1.00 18.40 ? 16  VAL A O     1 
ATOM   122  C CB    . VAL A 1 19  ? -13.616 -0.717  4.222   1.00 26.09 ? 16  VAL A CB    1 
ATOM   123  C CG1   . VAL A 1 19  ? -14.155 -1.781  5.166   1.00 17.70 ? 16  VAL A CG1   1 
ATOM   124  C CG2   . VAL A 1 19  ? -13.377 0.621   4.950   1.00 19.24 ? 16  VAL A CG2   1 
ATOM   125  N N     . GLY A 1 20  ? -13.108 -2.639  1.728   1.00 15.90 ? 17  GLY A N     1 
ATOM   126  C CA    . GLY A 1 20  ? -13.270 -3.934  1.058   1.00 13.90 ? 17  GLY A CA    1 
ATOM   127  C C     . GLY A 1 20  ? -11.930 -4.523  0.644   1.00 16.67 ? 17  GLY A C     1 
ATOM   128  O O     . GLY A 1 20  ? -11.703 -5.733  0.758   1.00 17.26 ? 17  GLY A O     1 
ATOM   129  N N     . ILE A 1 21  ? -11.014 -3.670  0.176   1.00 16.19 ? 18  ILE A N     1 
ATOM   130  C CA    . ILE A 1 21  ? -9.686  -4.156  -0.201  1.00 16.02 ? 18  ILE A CA    1 
ATOM   131  C C     . ILE A 1 21  ? -8.953  -4.704  1.025   1.00 13.93 ? 18  ILE A C     1 
ATOM   132  O O     . ILE A 1 21  ? -8.321  -5.760  0.962   1.00 16.14 ? 18  ILE A O     1 
ATOM   133  C CB    . ILE A 1 21  ? -8.886  -3.047  -0.920  1.00 17.03 ? 18  ILE A CB    1 
ATOM   134  C CG1   . ILE A 1 21  ? -9.154  -3.072  -2.441  1.00 18.29 ? 18  ILE A CG1   1 
ATOM   135  C CG2   . ILE A 1 21  ? -7.373  -3.259  -0.747  1.00 16.73 ? 18  ILE A CG2   1 
ATOM   136  C CD1   . ILE A 1 21  ? -10.647 -2.993  -2.877  1.00 21.22 ? 18  ILE A CD1   1 
ATOM   137  N N     . VAL A 1 22  ? -9.053  -4.017  2.168   1.00 16.40 ? 19  VAL A N     1 
ATOM   138  C CA    . VAL A 1 22  ? -8.448  -4.541  3.398   1.00 15.89 ? 19  VAL A CA    1 
ATOM   139  C C     . VAL A 1 22  ? -9.069  -5.879  3.788   1.00 20.82 ? 19  VAL A C     1 
ATOM   140  O O     . VAL A 1 22  ? -8.362  -6.825  4.166   1.00 17.66 ? 19  VAL A O     1 
ATOM   141  C CB    . VAL A 1 22  ? -8.577  -3.498  4.523   1.00 15.01 ? 19  VAL A CB    1 
ATOM   142  C CG1   . VAL A 1 22  ? -8.240  -4.109  5.893   1.00 17.77 ? 19  VAL A CG1   1 
ATOM   143  C CG2   . VAL A 1 22  ? -7.644  -2.279  4.197   1.00 15.36 ? 19  VAL A CG2   1 
ATOM   144  N N     . ASP A 1 23  ? -10.396 -5.990  3.687   1.00 18.13 ? 20  ASP A N     1 
ATOM   145  C CA    . ASP A 1 23  ? -11.051 -7.267  3.978   1.00 16.58 ? 20  ASP A CA    1 
ATOM   146  C C     . ASP A 1 23  ? -10.497 -8.388  3.099   1.00 18.24 ? 20  ASP A C     1 
ATOM   147  O O     . ASP A 1 23  ? -10.299 -9.524  3.559   1.00 18.42 ? 20  ASP A O     1 
ATOM   148  C CB    . ASP A 1 23  ? -12.576 -7.118  3.772   1.00 20.74 ? 20  ASP A CB    1 
ATOM   149  C CG    . ASP A 1 23  ? -13.354 -8.297  4.316   1.00 21.00 ? 20  ASP A CG    1 
ATOM   150  O OD1   . ASP A 1 23  ? -13.331 -8.500  5.549   1.00 21.11 ? 20  ASP A OD1   1 
ATOM   151  O OD2   . ASP A 1 23  ? -13.978 -9.026  3.511   1.00 19.86 ? 20  ASP A OD2   1 
ATOM   152  N N     . GLU A 1 24  ? -10.239 -8.089  1.830   1.00 16.68 ? 21  GLU A N     1 
ATOM   153  C CA    . GLU A 1 24  ? -9.654  -9.083  0.945   1.00 19.92 ? 21  GLU A CA    1 
ATOM   154  C C     . GLU A 1 24  ? -8.227  -9.457  1.369   1.00 20.57 ? 21  GLU A C     1 
ATOM   155  O O     . GLU A 1 24  ? -7.850  -10.639 1.356   1.00 16.43 ? 21  GLU A O     1 
ATOM   156  C CB    . GLU A 1 24  ? -9.654  -8.545  -0.475  1.00 20.36 ? 21  GLU A CB    1 
ATOM   157  C CG    . GLU A 1 24  ? -9.840  -9.637  -1.477  1.00 38.02 ? 21  GLU A CG    1 
ATOM   158  C CD    . GLU A 1 24  ? -10.708 -9.177  -2.578  1.00 35.36 ? 21  GLU A CD    1 
ATOM   159  O OE1   . GLU A 1 24  ? -10.711 -7.962  -2.833  1.00 43.81 ? 21  GLU A OE1   1 
ATOM   160  O OE2   . GLU A 1 24  ? -11.381 -10.009 -3.185  1.00 42.87 ? 21  GLU A OE2   1 
ATOM   161  N N     . ILE A 1 25  ? -7.415  -8.459  1.725   1.00 16.13 ? 22  ILE A N     1 
ATOM   162  C CA    . ILE A 1 25  ? -6.072  -8.755  2.237   1.00 16.83 ? 22  ILE A CA    1 
ATOM   163  C C     . ILE A 1 25  ? -6.172  -9.674  3.443   1.00 15.17 ? 22  ILE A C     1 
ATOM   164  O O     . ILE A 1 25  ? -5.473  -10.701 3.542   1.00 16.53 ? 22  ILE A O     1 
ATOM   165  C CB    . ILE A 1 25  ? -5.338  -7.444  2.591   1.00 19.34 ? 22  ILE A CB    1 
ATOM   166  C CG1   . ILE A 1 25  ? -5.056  -6.643  1.313   1.00 17.36 ? 22  ILE A CG1   1 
ATOM   167  C CG2   . ILE A 1 25  ? -4.069  -7.750  3.419   1.00 18.51 ? 22  ILE A CG2   1 
ATOM   168  C CD1   . ILE A 1 25  ? -4.678  -5.178  1.553   1.00 14.90 ? 22  ILE A CD1   1 
ATOM   169  N N     . GLU A 1 26  ? -7.076  -9.342  4.364   1.00 15.82 ? 23  GLU A N     1 
ATOM   170  C CA    . GLU A 1 26  ? -7.232  -10.162 5.562   1.00 16.73 ? 23  GLU A CA    1 
ATOM   171  C C     . GLU A 1 26  ? -7.670  -11.578 5.213   1.00 25.81 ? 23  GLU A C     1 
ATOM   172  O O     . GLU A 1 26  ? -7.227  -12.546 5.854   1.00 18.21 ? 23  GLU A O     1 
ATOM   173  C CB    . GLU A 1 26  ? -8.235  -9.527  6.513   1.00 19.64 ? 23  GLU A CB    1 
ATOM   174  C CG    . GLU A 1 26  ? -7.711  -8.264  7.193   1.00 23.19 ? 23  GLU A CG    1 
ATOM   175  C CD    . GLU A 1 26  ? -8.754  -7.606  8.058   1.00 32.87 ? 23  GLU A CD    1 
ATOM   176  O OE1   . GLU A 1 26  ? -9.936  -8.030  7.974   1.00 25.13 ? 23  GLU A OE1   1 
ATOM   177  O OE2   . GLU A 1 26  ? -8.398  -6.660  8.801   1.00 22.48 ? 23  GLU A OE2   1 
ATOM   178  N N     . PHE A 1 27  ? -8.524  -11.723 4.196   1.00 23.13 ? 24  PHE A N     1 
ATOM   179  C CA    . PHE A 1 27  ? -8.937  -13.056 3.768   1.00 21.99 ? 24  PHE A CA    1 
ATOM   180  C C     . PHE A 1 27  ? -7.735  -13.869 3.289   1.00 23.34 ? 24  PHE A C     1 
ATOM   181  O O     . PHE A 1 27  ? -7.579  -15.041 3.650   1.00 20.80 ? 24  PHE A O     1 
ATOM   182  C CB    . PHE A 1 27  ? -10.000 -12.965 2.664   1.00 22.76 ? 24  PHE A CB    1 
ATOM   183  C CG    . PHE A 1 27  ? -10.184 -14.258 1.914   1.00 24.31 ? 24  PHE A CG    1 
ATOM   184  C CD1   . PHE A 1 27  ? -10.932 -15.292 2.463   1.00 22.96 ? 24  PHE A CD1   1 
ATOM   185  C CD2   . PHE A 1 27  ? -9.585  -14.449 0.672   1.00 23.35 ? 24  PHE A CD2   1 
ATOM   186  C CE1   . PHE A 1 27  ? -11.096 -16.498 1.764   1.00 21.71 ? 24  PHE A CE1   1 
ATOM   187  C CE2   . PHE A 1 27  ? -9.745  -15.638 -0.017  1.00 26.08 ? 24  PHE A CE2   1 
ATOM   188  C CZ    . PHE A 1 27  ? -10.487 -16.665 0.540   1.00 24.69 ? 24  PHE A CZ    1 
ATOM   189  N N     . PHE A 1 28  ? -6.862  -13.262 2.485   1.00 19.97 ? 25  PHE A N     1 
ATOM   190  C CA    . PHE A 1 28  ? -5.693  -14.000 2.012   1.00 21.48 ? 25  PHE A CA    1 
ATOM   191  C C     . PHE A 1 28  ? -4.683  -14.253 3.129   1.00 20.79 ? 25  PHE A C     1 
ATOM   192  O O     . PHE A 1 28  ? -3.842  -15.153 2.997   1.00 23.43 ? 25  PHE A O     1 
ATOM   193  C CB    . PHE A 1 28  ? -5.035  -13.279 0.838   1.00 18.15 ? 25  PHE A CB    1 
ATOM   194  C CG    . PHE A 1 28  ? -5.833  -13.373 -0.441  1.00 20.66 ? 25  PHE A CG    1 
ATOM   195  C CD1   . PHE A 1 28  ? -6.046  -14.606 -1.049  1.00 23.31 ? 25  PHE A CD1   1 
ATOM   196  C CD2   . PHE A 1 28  ? -6.416  -12.244 -0.995  1.00 18.39 ? 25  PHE A CD2   1 
ATOM   197  C CE1   . PHE A 1 28  ? -6.796  -14.707 -2.196  1.00 23.67 ? 25  PHE A CE1   1 
ATOM   198  C CE2   . PHE A 1 28  ? -7.179  -12.332 -2.148  1.00 20.07 ? 25  PHE A CE2   1 
ATOM   199  C CZ    . PHE A 1 28  ? -7.362  -13.561 -2.752  1.00 23.16 ? 25  PHE A CZ    1 
ATOM   200  N N     . LEU A 1 29  ? -4.781  -13.527 4.241   1.00 20.26 ? 26  LEU A N     1 
ATOM   201  C CA    . LEU A 1 29  ? -3.961  -13.790 5.413   1.00 21.97 ? 26  LEU A CA    1 
ATOM   202  C C     . LEU A 1 29  ? -4.705  -14.593 6.466   1.00 28.26 ? 26  LEU A C     1 
ATOM   203  O O     . LEU A 1 29  ? -4.356  -14.520 7.649   1.00 25.97 ? 26  LEU A O     1 
ATOM   204  C CB    . LEU A 1 29  ? -3.453  -12.476 6.023   1.00 17.68 ? 26  LEU A CB    1 
ATOM   205  C CG    . LEU A 1 29  ? -2.528  -11.637 5.138   1.00 17.56 ? 26  LEU A CG    1 
ATOM   206  C CD1   . LEU A 1 29  ? -2.211  -10.339 5.848   1.00 21.65 ? 26  LEU A CD1   1 
ATOM   207  C CD2   . LEU A 1 29  ? -1.234  -12.400 4.783   1.00 23.29 ? 26  LEU A CD2   1 
ATOM   208  N N     . LYS A 1 30  ? -5.703  -15.386 6.057   1.00 22.56 ? 27  LYS A N     1 
ATOM   209  C CA    . LYS A 1 30  ? -6.564  -16.048 7.033   1.00 32.04 ? 27  LYS A CA    1 
ATOM   210  C C     . LYS A 1 30  ? -5.800  -16.983 7.962   1.00 24.28 ? 27  LYS A C     1 
ATOM   211  O O     . LYS A 1 30  ? -6.158  -17.114 9.139   1.00 27.44 ? 27  LYS A O     1 
ATOM   212  C CB    . LYS A 1 30  ? -7.690  -16.798 6.312   1.00 29.66 ? 27  LYS A CB    1 
ATOM   213  C CG    . LYS A 1 30  ? -8.919  -17.015 7.194   1.00 45.35 ? 27  LYS A CG    1 
ATOM   214  C CD    . LYS A 1 30  ? -9.342  -15.756 8.055   1.00 63.99 ? 27  LYS A CD    1 
ATOM   215  C CE    . LYS A 1 30  ? -9.138  -14.323 7.409   1.00 58.36 ? 27  LYS A CE    1 
ATOM   216  N NZ    . LYS A 1 30  ? -9.252  -13.158 8.349   1.00 48.95 ? 27  LYS A NZ    1 
ATOM   217  N N     . LYS A 1 31  ? -4.755  -17.621 7.467   1.00 25.51 ? 28  LYS A N     1 
ATOM   218  C CA    . LYS A 1 31  ? -3.957  -18.525 8.274   1.00 30.68 ? 28  LYS A CA    1 
ATOM   219  C C     . LYS A 1 31  ? -2.762  -17.839 8.938   1.00 43.40 ? 28  LYS A C     1 
ATOM   220  O O     . LYS A 1 31  ? -1.963  -18.518 9.598   1.00 30.56 ? 28  LYS A O     1 
ATOM   221  C CB    . LYS A 1 31  ? -3.485  -19.701 7.396   1.00 34.35 ? 28  LYS A CB    1 
ATOM   222  C CG    . LYS A 1 31  ? -4.620  -20.630 6.910   1.00 44.24 ? 28  LYS A CG    1 
ATOM   223  C CD    . LYS A 1 31  ? -4.659  -20.746 5.368   1.00 63.80 ? 28  LYS A CD    1 
ATOM   224  C CE    . LYS A 1 31  ? -5.573  -19.673 4.715   1.00 61.58 ? 28  LYS A CE    1 
ATOM   225  N NZ    . LYS A 1 31  ? -5.605  -19.732 3.212   1.00 50.45 ? 28  LYS A NZ    1 
ATOM   226  N N     . ASP A 1 32  ? -2.624  -16.519 8.793   1.00 24.08 ? 29  ASP A N     1 
ATOM   227  C CA    . ASP A 1 32  ? -1.450  -15.795 9.261   1.00 25.83 ? 29  ASP A CA    1 
ATOM   228  C C     . ASP A 1 32  ? -1.843  -14.756 10.299  1.00 32.28 ? 29  ASP A C     1 
ATOM   229  O O     . ASP A 1 32  ? -2.894  -14.122 10.196  1.00 35.22 ? 29  ASP A O     1 
ATOM   230  C CB    . ASP A 1 32  ? -0.755  -15.111 8.105   1.00 24.56 ? 29  ASP A CB    1 
ATOM   231  C CG    . ASP A 1 32  ? -0.455  -16.056 6.968   1.00 30.55 ? 29  ASP A CG    1 
ATOM   232  O OD1   . ASP A 1 32  ? 0.237   -17.062 7.222   1.00 31.60 ? 29  ASP A OD1   1 
ATOM   233  O OD2   . ASP A 1 32  ? -0.896  -15.798 5.822   1.00 26.10 ? 29  ASP A OD2   1 
ATOM   234  N N     . ASP A 1 33  ? -0.982  -14.553 11.293  1.00 23.48 ? 30  ASP A N     1 
ATOM   235  C CA    . ASP A 1 33  ? -1.253  -13.543 12.308  1.00 19.71 ? 30  ASP A CA    1 
ATOM   236  C C     . ASP A 1 33  ? -1.161  -12.138 11.713  1.00 19.16 ? 30  ASP A C     1 
ATOM   237  O O     . ASP A 1 33  ? -0.136  -11.772 11.133  1.00 25.95 ? 30  ASP A O     1 
ATOM   238  C CB    . ASP A 1 33  ? -0.249  -13.658 13.448  1.00 27.50 ? 30  ASP A CB    1 
ATOM   239  C CG    . ASP A 1 33  ? -0.427  -14.935 14.242  1.00 49.59 ? 30  ASP A CG    1 
ATOM   240  O OD1   . ASP A 1 33  ? -1.567  -15.433 14.310  1.00 32.33 ? 30  ASP A OD1   1 
ATOM   241  O OD2   . ASP A 1 33  ? 0.574   -15.429 14.787  1.00 40.03 ? 30  ASP A OD2   1 
ATOM   242  N N     . PHE A 1 34  ? -2.207  -11.334 11.905  1.00 19.79 ? 31  PHE A N     1 
ATOM   243  C CA    . PHE A 1 34  ? -2.158  -9.939  11.476  1.00 19.93 ? 31  PHE A CA    1 
ATOM   244  C C     . PHE A 1 34  ? -2.926  -9.097  12.482  1.00 21.37 ? 31  PHE A C     1 
ATOM   245  O O     . PHE A 1 34  ? -3.691  -9.616  13.294  1.00 22.31 ? 31  PHE A O     1 
ATOM   246  C CB    . PHE A 1 34  ? -2.728  -9.760  10.056  1.00 17.45 ? 31  PHE A CB    1 
ATOM   247  C CG    . PHE A 1 34  ? -4.199  -10.109 9.948   1.00 18.60 ? 31  PHE A CG    1 
ATOM   248  C CD1   . PHE A 1 34  ? -5.170  -9.205  10.345  1.00 19.10 ? 31  PHE A CD1   1 
ATOM   249  C CD2   . PHE A 1 34  ? -4.596  -11.350 9.461   1.00 23.89 ? 31  PHE A CD2   1 
ATOM   250  C CE1   . PHE A 1 34  ? -6.540  -9.504  10.257  1.00 24.41 ? 31  PHE A CE1   1 
ATOM   251  C CE2   . PHE A 1 34  ? -5.973  -11.667 9.371   1.00 23.55 ? 31  PHE A CE2   1 
ATOM   252  C CZ    . PHE A 1 34  ? -6.933  -10.741 9.774   1.00 29.27 ? 31  PHE A CZ    1 
ATOM   253  N N     . LYS A 1 35  ? -2.711  -7.787  12.435  1.00 24.96 ? 32  LYS A N     1 
ATOM   254  C CA    . LYS A 1 35  ? -3.518  -6.828  13.177  1.00 20.36 ? 32  LYS A CA    1 
ATOM   255  C C     . LYS A 1 35  ? -3.748  -5.636  12.262  1.00 22.55 ? 32  LYS A C     1 
ATOM   256  O O     . LYS A 1 35  ? -2.842  -5.247  11.521  1.00 19.33 ? 32  LYS A O     1 
ATOM   257  C CB    . LYS A 1 35  ? -2.834  -6.340  14.471  1.00 24.97 ? 32  LYS A CB    1 
ATOM   258  C CG    . LYS A 1 35  ? -2.471  -7.437  15.470  1.00 28.43 ? 32  LYS A CG    1 
ATOM   259  C CD    . LYS A 1 35  ? -2.001  -6.820  16.778  1.00 39.22 ? 32  LYS A CD    1 
ATOM   260  C CE    . LYS A 1 35  ? -1.386  -7.850  17.724  1.00 60.74 ? 32  LYS A CE    1 
ATOM   261  N NZ    . LYS A 1 35  ? -0.828  -7.215  18.965  1.00 55.47 ? 32  LYS A NZ    1 
ATOM   262  N N     . THR A 1 36  ? -4.942  -5.049  12.321  1.00 20.68 ? 33  THR A N     1 
ATOM   263  C CA    . THR A 1 36  ? -5.357  -4.049  11.341  1.00 17.24 ? 33  THR A CA    1 
ATOM   264  C C     . THR A 1 36  ? -5.732  -2.749  12.030  1.00 18.84 ? 33  THR A C     1 
ATOM   265  O O     . THR A 1 36  ? -6.424  -2.755  13.054  1.00 22.11 ? 33  THR A O     1 
ATOM   266  C CB    . THR A 1 36  ? -6.544  -4.570  10.507  1.00 20.18 ? 33  THR A CB    1 
ATOM   267  O OG1   . THR A 1 36  ? -6.154  -5.784  9.848   1.00 22.44 ? 33  THR A OG1   1 
ATOM   268  C CG2   . THR A 1 36  ? -7.000  -3.529  9.465   1.00 21.15 ? 33  THR A CG2   1 
ATOM   269  N N     . PHE A 1 37  ? -5.294  -1.628  11.449  1.00 18.01 ? 34  PHE A N     1 
ATOM   270  C CA    . PHE A 1 37  ? -5.461  -0.319  12.054  1.00 21.29 ? 34  PHE A CA    1 
ATOM   271  C C     . PHE A 1 37  ? -5.885  0.679   10.991  1.00 25.62 ? 34  PHE A C     1 
ATOM   272  O O     . PHE A 1 37  ? -5.372  0.646   9.869   1.00 19.81 ? 34  PHE A O     1 
ATOM   273  C CB    . PHE A 1 37  ? -4.145  0.184   12.700  1.00 22.64 ? 34  PHE A CB    1 
ATOM   274  C CG    . PHE A 1 37  ? -3.562  -0.764  13.705  1.00 21.13 ? 34  PHE A CG    1 
ATOM   275  C CD1   . PHE A 1 37  ? -2.769  -1.820  13.301  1.00 21.93 ? 34  PHE A CD1   1 
ATOM   276  C CD2   . PHE A 1 37  ? -3.834  -0.613  15.058  1.00 25.04 ? 34  PHE A CD2   1 
ATOM   277  C CE1   . PHE A 1 37  ? -2.225  -2.705  14.232  1.00 23.74 ? 34  PHE A CE1   1 
ATOM   278  C CE2   . PHE A 1 37  ? -3.309  -1.504  15.985  1.00 23.73 ? 34  PHE A CE2   1 
ATOM   279  C CZ    . PHE A 1 37  ? -2.500  -2.548  15.565  1.00 22.11 ? 34  PHE A CZ    1 
ATOM   280  N N     . ASN A 1 38  ? -6.784  1.585   11.360  1.00 22.11 ? 35  ASN A N     1 
ATOM   281  C CA    . ASN A 1 38  ? -7.157  2.723   10.529  1.00 22.35 ? 35  ASN A CA    1 
ATOM   282  C C     . ASN A 1 38  ? -6.326  3.921   10.983  1.00 21.84 ? 35  ASN A C     1 
ATOM   283  O O     . ASN A 1 38  ? -6.411  4.329   12.145  1.00 24.33 ? 35  ASN A O     1 
ATOM   284  C CB    . ASN A 1 38  ? -8.662  2.984   10.658  1.00 24.10 ? 35  ASN A CB    1 
ATOM   285  C CG    . ASN A 1 38  ? -9.175  4.093   9.745   1.00 21.89 ? 35  ASN A CG    1 
ATOM   286  O OD1   . ASN A 1 38  ? -8.464  5.045   9.414   1.00 24.03 ? 35  ASN A OD1   1 
ATOM   287  N ND2   . ASN A 1 38  ? -10.454 3.988   9.362   1.00 23.03 ? 35  ASN A ND2   1 
ATOM   288  N N     . VAL A 1 39  ? -5.527  4.491   10.077  1.00 20.64 ? 36  VAL A N     1 
ATOM   289  C CA    . VAL A 1 39  ? -4.588  5.528   10.510  1.00 19.91 ? 36  VAL A CA    1 
ATOM   290  C C     . VAL A 1 39  ? -5.282  6.844   10.809  1.00 23.66 ? 36  VAL A C     1 
ATOM   291  O O     . VAL A 1 39  ? -4.621  7.793   11.245  1.00 22.82 ? 36  VAL A O     1 
ATOM   292  C CB    . VAL A 1 39  ? -3.429  5.697   9.506   1.00 18.70 ? 36  VAL A CB    1 
ATOM   293  C CG1   . VAL A 1 39  ? -2.699  4.362   9.358   1.00 17.29 ? 36  VAL A CG1   1 
ATOM   294  C CG2   . VAL A 1 39  ? -3.907  6.222   8.125   1.00 19.23 ? 36  VAL A CG2   1 
ATOM   295  N N     . LYS A 1 40  ? -6.603  6.927   10.640  1.00 24.93 ? 37  LYS A N     1 
ATOM   296  C CA    . LYS A 1 40  ? -7.316  8.044   11.254  1.00 28.24 ? 37  LYS A CA    1 
ATOM   297  C C     . LYS A 1 40  ? -7.097  8.060   12.763  1.00 31.46 ? 37  LYS A C     1 
ATOM   298  O O     . LYS A 1 40  ? -7.239  9.116   13.389  1.00 28.10 ? 37  LYS A O     1 
ATOM   299  C CB    . LYS A 1 40  ? -8.816  7.986   10.942  1.00 19.62 ? 37  LYS A CB    1 
ATOM   300  C CG    . LYS A 1 40  ? -9.600  7.024   11.801  1.00 20.93 ? 37  LYS A CG    1 
ATOM   301  C CD    . LYS A 1 40  ? -11.055 6.964   11.299  1.00 27.47 ? 37  LYS A CD    1 
ATOM   302  C CE    . LYS A 1 40  ? -11.903 6.046   12.154  1.00 32.61 ? 37  LYS A CE    1 
ATOM   303  N NZ    . LYS A 1 40  ? -13.216 5.785   11.498  1.00 39.03 ? 37  LYS A NZ    1 
ATOM   304  N N     . ASN A 1 41  ? -6.725  6.916   13.341  1.00 24.25 ? 38  ASN A N     1 
ATOM   305  C CA    . ASN A 1 41  ? -6.348  6.797   14.742  1.00 25.76 ? 38  ASN A CA    1 
ATOM   306  C C     . ASN A 1 41  ? -4.834  6.873   14.969  1.00 28.62 ? 38  ASN A C     1 
ATOM   307  O O     . ASN A 1 41  ? -4.356  6.446   16.025  1.00 31.00 ? 38  ASN A O     1 
ATOM   308  C CB    . ASN A 1 41  ? -6.901  5.490   15.306  1.00 22.52 ? 38  ASN A CB    1 
ATOM   309  C CG    . ASN A 1 41  ? -8.415  5.375   15.115  1.00 33.07 ? 38  ASN A CG    1 
ATOM   310  O OD1   . ASN A 1 41  ? -9.143  6.345   15.310  1.00 29.57 ? 38  ASN A OD1   1 
ATOM   311  N ND2   . ASN A 1 41  ? -8.884  4.198   14.729  1.00 35.47 ? 38  ASN A ND2   1 
ATOM   312  N N     . GLY A 1 42  ? -4.071  7.380   14.009  1.00 25.85 ? 39  GLY A N     1 
ATOM   313  C CA    . GLY A 1 42  ? -2.637  7.521   14.168  1.00 31.03 ? 39  GLY A CA    1 
ATOM   314  C C     . GLY A 1 42  ? -1.829  6.352   13.609  1.00 27.79 ? 39  GLY A C     1 
ATOM   315  O O     . GLY A 1 42  ? -2.357  5.320   13.178  1.00 25.52 ? 39  GLY A O     1 
ATOM   316  N N     . VAL A 1 43  ? -0.503  6.522   13.630  1.00 24.32 ? 40  VAL A N     1 
ATOM   317  C CA    . VAL A 1 43  ? 0.414   5.549   13.054  1.00 19.87 ? 40  VAL A CA    1 
ATOM   318  C C     . VAL A 1 43  ? 1.361   4.954   14.087  1.00 23.23 ? 40  VAL A C     1 
ATOM   319  O O     . VAL A 1 43  ? 2.298   4.234   13.722  1.00 24.01 ? 40  VAL A O     1 
ATOM   320  C CB    . VAL A 1 43  ? 1.204   6.150   11.873  1.00 21.11 ? 40  VAL A CB    1 
ATOM   321  C CG1   . VAL A 1 43  ? 0.241   6.503   10.741  1.00 20.45 ? 40  VAL A CG1   1 
ATOM   322  C CG2   . VAL A 1 43  ? 1.987   7.412   12.298  1.00 20.89 ? 40  VAL A CG2   1 
ATOM   323  N N     . LYS A 1 44  ? 1.113   5.219   15.373  1.00 26.61 ? 41  LYS A N     1 
ATOM   324  C CA    . LYS A 1 44  ? 2.017   4.796   16.447  1.00 37.61 ? 41  LYS A CA    1 
ATOM   325  C C     . LYS A 1 44  ? 2.376   3.322   16.336  1.00 33.84 ? 41  LYS A C     1 
ATOM   326  O O     . LYS A 1 44  ? 3.543   2.935   16.505  1.00 26.55 ? 41  LYS A O     1 
ATOM   327  C CB    . LYS A 1 44  ? 1.363   5.059   17.811  1.00 30.57 ? 41  LYS A CB    1 
ATOM   328  C CG    . LYS A 1 44  ? 2.313   4.986   19.001  1.00 58.28 ? 41  LYS A CG    1 
ATOM   329  C CD    . LYS A 1 44  ? 3.722   5.467   18.658  1.00 59.24 ? 41  LYS A CD    1 
ATOM   330  C CE    . LYS A 1 44  ? 4.712   5.136   19.783  1.00 70.65 ? 41  LYS A CE    1 
ATOM   331  N NZ    . LYS A 1 44  ? 5.921   6.020   19.770  1.00 55.77 ? 41  LYS A NZ    1 
ATOM   332  N N     . GLU A 1 45  ? 1.370   2.478   16.069  1.00 24.41 ? 42  GLU A N     1 
ATOM   333  C CA    . GLU A 1 45  ? 1.585   1.040   16.148  1.00 24.53 ? 42  GLU A CA    1 
ATOM   334  C C     . GLU A 1 45  ? 2.459   0.499   15.026  1.00 23.42 ? 42  GLU A C     1 
ATOM   335  O O     . GLU A 1 45  ? 2.904   -0.647  15.124  1.00 22.78 ? 42  GLU A O     1 
ATOM   336  C CB    . GLU A 1 45  ? 0.248   0.299   16.160  1.00 24.32 ? 42  GLU A CB    1 
ATOM   337  C CG    . GLU A 1 45  ? -0.627  0.665   17.340  1.00 30.72 ? 42  GLU A CG    1 
ATOM   338  C CD    . GLU A 1 45  ? -1.476  1.904   17.064  1.00 50.64 ? 42  GLU A CD    1 
ATOM   339  O OE1   . GLU A 1 45  ? -1.216  2.632   16.054  1.00 37.31 ? 42  GLU A OE1   1 
ATOM   340  O OE2   . GLU A 1 45  ? -2.428  2.133   17.840  1.00 43.21 ? 42  GLU A OE2   1 
ATOM   341  N N     . ILE A 1 46  ? 2.742   1.285   13.980  1.00 21.40 ? 43  ILE A N     1 
ATOM   342  C CA    . ILE A 1 46  ? 3.616   0.768   12.926  1.00 21.03 ? 43  ILE A CA    1 
ATOM   343  C C     . ILE A 1 46  ? 4.955   0.334   13.504  1.00 22.34 ? 43  ILE A C     1 
ATOM   344  O O     . ILE A 1 46  ? 5.575   -0.633  13.034  1.00 22.79 ? 43  ILE A O     1 
ATOM   345  C CB    . ILE A 1 46  ? 3.776   1.822   11.812  1.00 18.93 ? 43  ILE A CB    1 
ATOM   346  C CG1   . ILE A 1 46  ? 2.465   1.893   11.014  1.00 25.88 ? 43  ILE A CG1   1 
ATOM   347  C CG2   . ILE A 1 46  ? 4.999   1.488   10.926  1.00 22.69 ? 43  ILE A CG2   1 
ATOM   348  C CD1   . ILE A 1 46  ? 2.303   3.109   10.083  1.00 23.36 ? 43  ILE A CD1   1 
ATOM   349  N N     . GLU A 1 47  ? 5.375   0.986   14.588  1.00 23.37 ? 44  GLU A N     1 
ATOM   350  C CA    . GLU A 1 47  ? 6.622   0.645   15.266  1.00 23.91 ? 44  GLU A CA    1 
ATOM   351  C C     . GLU A 1 47  ? 6.663   -0.810  15.699  1.00 27.23 ? 44  GLU A C     1 
ATOM   352  O O     . GLU A 1 47  ? 7.746   -1.400  15.778  1.00 26.10 ? 44  GLU A O     1 
ATOM   353  C CB    . GLU A 1 47  ? 6.781   1.552   16.494  1.00 24.39 ? 44  GLU A CB    1 
ATOM   354  C CG    . GLU A 1 47  ? 8.131   2.251   16.606  1.00 57.60 ? 44  GLU A CG    1 
ATOM   355  C CD    . GLU A 1 47  ? 8.048   3.524   17.442  1.00 71.45 ? 44  GLU A CD    1 
ATOM   356  O OE1   . GLU A 1 47  ? 8.678   4.553   17.063  1.00 44.99 ? 44  GLU A OE1   1 
ATOM   357  O OE2   . GLU A 1 47  ? 7.328   3.490   18.472  1.00 73.21 ? 44  GLU A OE2   1 
ATOM   358  N N     . ASN A 1 48  ? 5.503   -1.400  15.992  1.00 23.50 ? 45  ASN A N     1 
ATOM   359  C CA    . ASN A 1 48  ? 5.400   -2.674  16.695  1.00 22.91 ? 45  ASN A CA    1 
ATOM   360  C C     . ASN A 1 48  ? 5.455   -3.886  15.795  1.00 25.55 ? 45  ASN A C     1 
ATOM   361  O O     . ASN A 1 48  ? 5.421   -5.004  16.310  1.00 25.20 ? 45  ASN A O     1 
ATOM   362  C CB    . ASN A 1 48  ? 4.096   -2.739  17.486  1.00 28.45 ? 45  ASN A CB    1 
ATOM   363  C CG    . ASN A 1 48  ? 3.970   -1.622  18.481  1.00 38.64 ? 45  ASN A CG    1 
ATOM   364  O OD1   . ASN A 1 48  ? 4.967   -1.172  19.044  1.00 40.79 ? 45  ASN A OD1   1 
ATOM   365  N ND2   . ASN A 1 48  ? 2.745   -1.166  18.711  1.00 34.09 ? 45  ASN A ND2   1 
ATOM   366  N N     . PHE A 1 49  ? 5.533   -3.717  14.475  1.00 22.81 ? 46  PHE A N     1 
ATOM   367  C CA    . PHE A 1 49  ? 5.501   -4.854  13.565  1.00 18.91 ? 46  PHE A CA    1 
ATOM   368  C C     . PHE A 1 49  ? 6.766   -4.904  12.725  1.00 22.03 ? 46  PHE A C     1 
ATOM   369  O O     . PHE A 1 49  ? 7.291   -3.869  12.299  1.00 24.24 ? 46  PHE A O     1 
ATOM   370  C CB    . PHE A 1 49  ? 4.257   -4.799  12.653  1.00 20.54 ? 46  PHE A CB    1 
ATOM   371  C CG    . PHE A 1 49  ? 2.965   -4.769  13.425  1.00 20.70 ? 46  PHE A CG    1 
ATOM   372  C CD1   . PHE A 1 49  ? 2.331   -5.951  13.771  1.00 22.28 ? 46  PHE A CD1   1 
ATOM   373  C CD2   . PHE A 1 49  ? 2.431   -3.561  13.865  1.00 21.82 ? 46  PHE A CD2   1 
ATOM   374  C CE1   . PHE A 1 49  ? 1.164   -5.930  14.521  1.00 26.92 ? 46  PHE A CE1   1 
ATOM   375  C CE2   . PHE A 1 49  ? 1.253   -3.523  14.598  1.00 22.65 ? 46  PHE A CE2   1 
ATOM   376  C CZ    . PHE A 1 49  ? 0.622   -4.717  14.936  1.00 26.32 ? 46  PHE A CZ    1 
ATOM   377  N N     . GLU A 1 50  ? 7.260   -6.114  12.507  1.00 19.20 ? 47  GLU A N     1 
ATOM   378  C CA    . GLU A 1 50  ? 8.346   -6.313  11.564  1.00 21.71 ? 47  GLU A CA    1 
ATOM   379  C C     . GLU A 1 50  ? 7.857   -6.460  10.133  1.00 21.96 ? 47  GLU A C     1 
ATOM   380  O O     . GLU A 1 50  ? 8.639   -6.249  9.201   1.00 18.07 ? 47  GLU A O     1 
ATOM   381  C CB    . GLU A 1 50  ? 9.143   -7.569  11.944  1.00 23.32 ? 47  GLU A CB    1 
ATOM   382  C CG    . GLU A 1 50  ? 9.839   -7.486  13.294  1.00 27.80 ? 47  GLU A CG    1 
ATOM   383  C CD    . GLU A 1 50  ? 10.590  -8.774  13.586  1.00 41.58 ? 47  GLU A CD    1 
ATOM   384  O OE1   . GLU A 1 50  ? 11.486  -9.142  12.787  1.00 30.35 ? 47  GLU A OE1   1 
ATOM   385  O OE2   . GLU A 1 50  ? 10.253  -9.438  14.585  1.00 49.59 ? 47  GLU A OE2   1 
ATOM   386  N N     . ASN A 1 51  ? 6.602   -6.854  9.937   1.00 18.41 ? 48  ASN A N     1 
ATOM   387  C CA    . ASN A 1 51  ? 6.013   -7.040  8.615   1.00 22.74 ? 48  ASN A CA    1 
ATOM   388  C C     . ASN A 1 51  ? 4.837   -6.076  8.517   1.00 16.38 ? 48  ASN A C     1 
ATOM   389  O O     . ASN A 1 51  ? 4.031   -5.985  9.448   1.00 18.85 ? 48  ASN A O     1 
ATOM   390  C CB    . ASN A 1 51  ? 5.530   -8.483  8.399   1.00 23.18 ? 48  ASN A CB    1 
ATOM   391  C CG    . ASN A 1 51  ? 6.669   -9.502  8.403   1.00 23.06 ? 48  ASN A CG    1 
ATOM   392  O OD1   . ASN A 1 51  ? 7.740   -9.254  7.860   1.00 20.02 ? 48  ASN A OD1   1 
ATOM   393  N ND2   . ASN A 1 51  ? 6.420   -10.675 8.992   1.00 21.10 ? 48  ASN A ND2   1 
ATOM   394  N N     . LEU A 1 52  ? 4.760   -5.331  7.410   1.00 18.61 ? 49  LEU A N     1 
ATOM   395  C CA    . LEU A 1 52  ? 3.785   -4.249  7.291   1.00 15.81 ? 49  LEU A CA    1 
ATOM   396  C C     . LEU A 1 52  ? 3.118   -4.296  5.924   1.00 15.52 ? 49  LEU A C     1 
ATOM   397  O O     . LEU A 1 52  ? 3.772   -4.571  4.915   1.00 16.11 ? 49  LEU A O     1 
ATOM   398  C CB    . LEU A 1 52  ? 4.460   -2.862  7.458   1.00 14.02 ? 49  LEU A CB    1 
ATOM   399  C CG    . LEU A 1 52  ? 4.932   -2.532  8.873   1.00 17.49 ? 49  LEU A CG    1 
ATOM   400  C CD1   . LEU A 1 52  ? 5.875   -1.293  8.853   1.00 19.46 ? 49  LEU A CD1   1 
ATOM   401  C CD2   . LEU A 1 52  ? 3.709   -2.315  9.801   1.00 19.02 ? 49  LEU A CD2   1 
ATOM   402  N N     . ILE A 1 53  ? 1.819   -3.991  5.904   1.00 19.36 ? 50  ILE A N     1 
ATOM   403  C CA    . ILE A 1 53  ? 1.086   -3.704  4.675   1.00 15.20 ? 50  ILE A CA    1 
ATOM   404  C C     . ILE A 1 53  ? 0.427   -2.343  4.867   1.00 13.66 ? 50  ILE A C     1 
ATOM   405  O O     . ILE A 1 53  ? -0.440  -2.180  5.740   1.00 16.83 ? 50  ILE A O     1 
ATOM   406  C CB    . ILE A 1 53  ? 0.053   -4.797  4.348   1.00 12.55 ? 50  ILE A CB    1 
ATOM   407  C CG1   . ILE A 1 53  ? 0.765   -6.151  4.133   1.00 15.02 ? 50  ILE A CG1   1 
ATOM   408  C CG2   . ILE A 1 53  ? -0.723  -4.419  3.078   1.00 14.86 ? 50  ILE A CG2   1 
ATOM   409  C CD1   . ILE A 1 53  ? -0.223  -7.350  4.000   1.00 14.74 ? 50  ILE A CD1   1 
ATOM   410  N N     . LEU A 1 54  ? 0.865   -1.352  4.091   1.00 14.39 ? 51  LEU A N     1 
ATOM   411  C CA    . LEU A 1 54  ? 0.374   0.020   4.203   1.00 15.30 ? 51  LEU A CA    1 
ATOM   412  C C     . LEU A 1 54  ? -0.477  0.316   2.977   1.00 14.87 ? 51  LEU A C     1 
ATOM   413  O O     . LEU A 1 54  ? -0.004  0.161   1.847   1.00 15.82 ? 51  LEU A O     1 
ATOM   414  C CB    . LEU A 1 54  ? 1.540   1.018   4.312   1.00 14.93 ? 51  LEU A CB    1 
ATOM   415  C CG    . LEU A 1 54  ? 2.660   0.634   5.312   1.00 15.86 ? 51  LEU A CG    1 
ATOM   416  C CD1   . LEU A 1 54  ? 3.738   1.727   5.375   1.00 16.73 ? 51  LEU A CD1   1 
ATOM   417  C CD2   . LEU A 1 54  ? 2.087   0.361   6.716   1.00 16.41 ? 51  LEU A CD2   1 
ATOM   418  N N     . VAL A 1 55  ? -1.732  0.718   3.203   1.00 14.89 ? 52  VAL A N     1 
ATOM   419  C CA    . VAL A 1 55  ? -2.749  0.806   2.159   1.00 16.65 ? 52  VAL A CA    1 
ATOM   420  C C     . VAL A 1 55  ? -3.285  2.227   2.129   1.00 15.21 ? 52  VAL A C     1 
ATOM   421  O O     . VAL A 1 55  ? -3.728  2.740   3.164   1.00 17.33 ? 52  VAL A O     1 
ATOM   422  C CB    . VAL A 1 55  ? -3.911  -0.175  2.420   1.00 15.79 ? 52  VAL A CB    1 
ATOM   423  C CG1   . VAL A 1 55  ? -4.855  -0.208  1.231   1.00 15.56 ? 52  VAL A CG1   1 
ATOM   424  C CG2   . VAL A 1 55  ? -3.354  -1.611  2.717   1.00 13.22 ? 52  VAL A CG2   1 
ATOM   425  N N     . THR A 1 56  ? -3.304  2.845   0.943   1.00 15.70 ? 53  THR A N     1 
ATOM   426  C CA    . THR A 1 56  ? -4.000  4.110   0.877   1.00 14.93 ? 53  THR A CA    1 
ATOM   427  C C     . THR A 1 56  ? -4.691  4.311   -0.461  1.00 15.98 ? 53  THR A C     1 
ATOM   428  O O     . THR A 1 56  ? -4.101  4.025   -1.513  1.00 14.92 ? 53  THR A O     1 
ATOM   429  C CB    . THR A 1 56  ? -3.070  5.306   1.139   1.00 16.00 ? 53  THR A CB    1 
ATOM   430  O OG1   . THR A 1 56  ? -3.832  6.516   1.061   1.00 16.50 ? 53  THR A OG1   1 
ATOM   431  C CG2   . THR A 1 56  ? -1.920  5.395   0.125   1.00 17.53 ? 53  THR A CG2   1 
ATOM   432  N N     . PRO A 1 57  ? -5.917  4.819   -0.456  1.00 15.62 ? 54  PRO A N     1 
ATOM   433  C CA    . PRO A 1 57  ? -6.483  5.381   -1.683  1.00 18.31 ? 54  PRO A CA    1 
ATOM   434  C C     . PRO A 1 57  ? -5.785  6.691   -2.009  1.00 20.04 ? 54  PRO A C     1 
ATOM   435  O O     . PRO A 1 57  ? -5.011  7.236   -1.212  1.00 17.33 ? 54  PRO A O     1 
ATOM   436  C CB    . PRO A 1 57  ? -7.962  5.594   -1.333  1.00 13.23 ? 54  PRO A CB    1 
ATOM   437  C CG    . PRO A 1 57  ? -7.920  5.960   0.146   1.00 17.37 ? 54  PRO A CG    1 
ATOM   438  C CD    . PRO A 1 57  ? -6.749  5.091   0.730   1.00 14.63 ? 54  PRO A CD    1 
ATOM   439  N N     . THR A 1 58  ? -6.047  7.203   -3.207  1.00 15.25 ? 55  THR A N     1 
ATOM   440  C CA    . THR A 1 58  ? -5.332  8.372   -3.716  1.00 12.69 ? 55  THR A CA    1 
ATOM   441  C C     . THR A 1 58  ? -6.250  9.591   -3.778  1.00 17.85 ? 55  THR A C     1 
ATOM   442  O O     . THR A 1 58  ? -7.351  9.507   -4.319  1.00 17.91 ? 55  THR A O     1 
ATOM   443  C CB    . THR A 1 58  ? -4.766  8.121   -5.103  1.00 16.05 ? 55  THR A CB    1 
ATOM   444  O OG1   . THR A 1 58  ? -4.073  6.869   -5.117  1.00 21.02 ? 55  THR A OG1   1 
ATOM   445  C CG2   . THR A 1 58  ? -3.775  9.228   -5.477  1.00 15.35 ? 55  THR A CG2   1 
ATOM   446  N N     . TYR A 1 59  ? -5.758  10.732  -3.291  1.00 18.30 ? 56  TYR A N     1 
ATOM   447  C CA    . TYR A 1 59  ? -6.514  11.979  -3.295  1.00 22.42 ? 56  TYR A CA    1 
ATOM   448  C C     . TYR A 1 59  ? -5.577  13.124  -3.688  1.00 25.78 ? 56  TYR A C     1 
ATOM   449  O O     . TYR A 1 59  ? -4.356  12.971  -3.699  1.00 29.02 ? 56  TYR A O     1 
ATOM   450  C CB    . TYR A 1 59  ? -7.183  12.190  -1.913  1.00 21.16 ? 56  TYR A CB    1 
ATOM   451  C CG    . TYR A 1 59  ? -8.369  11.270  -1.740  1.00 23.04 ? 56  TYR A CG    1 
ATOM   452  C CD1   . TYR A 1 59  ? -9.612  11.624  -2.265  1.00 16.60 ? 56  TYR A CD1   1 
ATOM   453  C CD2   . TYR A 1 59  ? -8.242  10.026  -1.114  1.00 19.15 ? 56  TYR A CD2   1 
ATOM   454  C CE1   . TYR A 1 59  ? -10.699 10.795  -2.169  1.00 22.90 ? 56  TYR A CE1   1 
ATOM   455  C CE2   . TYR A 1 59  ? -9.337  9.167   -1.004  1.00 18.35 ? 56  TYR A CE2   1 
ATOM   456  C CZ    . TYR A 1 59  ? -10.569 9.564   -1.538  1.00 20.57 ? 56  TYR A CZ    1 
ATOM   457  O OH    . TYR A 1 59  ? -11.674 8.748   -1.474  1.00 18.44 ? 56  TYR A OH    1 
ATOM   458  N N     . GLN A 1 60  ? -6.152  14.288  -4.014  1.00 27.30 ? 57  GLN A N     1 
ATOM   459  C CA    . GLN A 1 60  ? -5.408  15.563  -4.113  1.00 27.18 ? 57  GLN A CA    1 
ATOM   460  C C     . GLN A 1 60  ? -4.118  15.450  -4.941  1.00 24.08 ? 57  GLN A C     1 
ATOM   461  O O     . GLN A 1 60  ? -3.011  15.639  -4.444  1.00 38.20 ? 57  GLN A O     1 
ATOM   462  C CB    . GLN A 1 60  ? -5.069  16.081  -2.704  1.00 27.18 ? 57  GLN A CB    1 
ATOM   463  C CG    . GLN A 1 60  ? -4.865  17.586  -2.596  1.00 48.29 ? 57  GLN A CG    1 
ATOM   464  C CD    . GLN A 1 60  ? -5.192  18.117  -1.208  1.00 52.92 ? 57  GLN A CD    1 
ATOM   465  O OE1   . GLN A 1 60  ? -6.235  18.733  -1.009  1.00 44.69 ? 57  GLN A OE1   1 
ATOM   466  N NE2   . GLN A 1 60  ? -4.299  17.874  -0.238  1.00 41.51 ? 57  GLN A NE2   1 
ATOM   467  N N     . VAL A 1 61  ? -4.279  15.162  -6.231  1.00 30.32 ? 58  VAL A N     1 
ATOM   468  C CA    . VAL A 1 61  ? -3.147  15.079  -7.157  1.00 28.35 ? 58  VAL A CA    1 
ATOM   469  C C     . VAL A 1 61  ? -2.082  14.109  -6.649  1.00 26.33 ? 58  VAL A C     1 
ATOM   470  O O     . VAL A 1 61  ? -0.924  14.484  -6.396  1.00 25.13 ? 58  VAL A O     1 
ATOM   471  C CB    . VAL A 1 61  ? -2.524  16.462  -7.439  1.00 32.41 ? 58  VAL A CB    1 
ATOM   472  C CG1   . VAL A 1 61  ? -1.596  16.358  -8.633  1.00 36.90 ? 58  VAL A CG1   1 
ATOM   473  C CG2   . VAL A 1 61  ? -3.621  17.480  -7.766  1.00 20.78 ? 58  VAL A CG2   1 
ATOM   474  N N     . GLY A 1 62  ? -2.451  12.847  -6.528  1.00 21.25 ? 59  GLY A N     1 
ATOM   475  C CA    . GLY A 1 62  ? -1.437  11.848  -6.272  1.00 19.08 ? 59  GLY A CA    1 
ATOM   476  C C     . GLY A 1 62  ? -1.048  11.694  -4.827  1.00 19.74 ? 59  GLY A C     1 
ATOM   477  O O     . GLY A 1 62  ? -0.079  10.985  -4.539  1.00 18.86 ? 59  GLY A O     1 
ATOM   478  N N     . GLU A 1 63  ? -1.750  12.356  -3.906  1.00 20.84 ? 60  GLU A N     1 
ATOM   479  C CA    . GLU A 1 63  ? -1.413  12.209  -2.503  1.00 18.31 ? 60  GLU A CA    1 
ATOM   480  C C     . GLU A 1 63  ? -2.094  10.981  -1.907  1.00 20.23 ? 60  GLU A C     1 
ATOM   481  O O     . GLU A 1 63  ? -3.007  10.384  -2.488  1.00 18.55 ? 60  GLU A O     1 
ATOM   482  C CB    . GLU A 1 63  ? -1.830  13.447  -1.708  1.00 21.09 ? 60  GLU A CB    1 
ATOM   483  C CG    . GLU A 1 63  ? -1.001  14.678  -2.055  1.00 23.46 ? 60  GLU A CG    1 
ATOM   484  C CD    . GLU A 1 63  ? -1.357  15.869  -1.192  1.00 33.24 ? 60  GLU A CD    1 
ATOM   485  O OE1   . GLU A 1 63  ? -2.282  15.749  -0.360  1.00 26.62 ? 60  GLU A OE1   1 
ATOM   486  O OE2   . GLU A 1 63  ? -0.690  16.909  -1.345  1.00 29.85 ? 60  GLU A OE2   1 
ATOM   487  N N     . ALA A 1 64  ? -1.636  10.610  -0.716  1.00 16.86 ? 61  ALA A N     1 
ATOM   488  C CA    . ALA A 1 64  ? -2.373  9.642   0.072   1.00 20.26 ? 61  ALA A CA    1 
ATOM   489  C C     . ALA A 1 64  ? -3.599  10.321  0.690   1.00 22.79 ? 61  ALA A C     1 
ATOM   490  O O     . ALA A 1 64  ? -3.792  11.542  0.572   1.00 18.65 ? 61  ALA A O     1 
ATOM   491  C CB    . ALA A 1 64  ? -1.467  9.039   1.145   1.00 17.14 ? 61  ALA A CB    1 
ATOM   492  N N     . HIS A 1 65  ? -4.448  9.510   1.317   1.00 19.64 ? 62  HIS A N     1 
ATOM   493  C CA    . HIS A 1 65  ? -5.542  10.031  2.127   1.00 20.47 ? 62  HIS A CA    1 
ATOM   494  C C     . HIS A 1 65  ? -4.988  10.983  3.187   1.00 20.73 ? 62  HIS A C     1 
ATOM   495  O O     . HIS A 1 65  ? -3.880  10.802  3.688   1.00 17.92 ? 62  HIS A O     1 
ATOM   496  C CB    . HIS A 1 65  ? -6.268  8.852   2.766   1.00 25.45 ? 62  HIS A CB    1 
ATOM   497  C CG    . HIS A 1 65  ? -7.514  9.196   3.521   1.00 20.08 ? 62  HIS A CG    1 
ATOM   498  N ND1   . HIS A 1 65  ? -7.496  9.779   4.773   1.00 17.04 ? 62  HIS A ND1   1 
ATOM   499  C CD2   . HIS A 1 65  ? -8.817  8.937   3.245   1.00 18.77 ? 62  HIS A CD2   1 
ATOM   500  C CE1   . HIS A 1 65  ? -8.734  9.901   5.219   1.00 22.94 ? 62  HIS A CE1   1 
ATOM   501  N NE2   . HIS A 1 65  ? -9.557  9.403   4.309   1.00 19.57 ? 62  HIS A NE2   1 
ATOM   502  N N     . ALA A 1 66  ? -5.749  12.033  3.494   1.00 19.81 ? 63  ALA A N     1 
ATOM   503  C CA    . ALA A 1 66  ? -5.292  13.043  4.450   1.00 18.86 ? 63  ALA A CA    1 
ATOM   504  C C     . ALA A 1 66  ? -4.850  12.445  5.788   1.00 18.92 ? 63  ALA A C     1 
ATOM   505  O O     . ALA A 1 66  ? -3.943  12.987  6.431   1.00 23.27 ? 63  ALA A O     1 
ATOM   506  C CB    . ALA A 1 66  ? -6.407  14.084  4.664   1.00 20.96 ? 63  ALA A CB    1 
ATOM   507  N N     . ALA A 1 67  ? -5.464  11.338  6.234   1.00 19.24 ? 64  ALA A N     1 
ATOM   508  C CA    . ALA A 1 67  ? -5.029  10.724  7.492   1.00 20.79 ? 64  ALA A CA    1 
ATOM   509  C C     . ALA A 1 67  ? -3.597  10.221  7.404   1.00 24.21 ? 64  ALA A C     1 
ATOM   510  O O     . ALA A 1 67  ? -2.887  10.201  8.415   1.00 22.69 ? 64  ALA A O     1 
ATOM   511  C CB    . ALA A 1 67  ? -5.938  9.559   7.888   1.00 21.02 ? 64  ALA A CB    1 
ATOM   512  N N     . TRP A 1 68  ? -3.171  9.766   6.224   1.00 20.04 ? 65  TRP A N     1 
ATOM   513  C CA    . TRP A 1 68  ? -1.764  9.426   6.039   1.00 19.04 ? 65  TRP A CA    1 
ATOM   514  C C     . TRP A 1 68  ? -0.928  10.695  5.910   1.00 18.36 ? 65  TRP A C     1 
ATOM   515  O O     . TRP A 1 68  ? 0.126   10.820  6.545   1.00 18.61 ? 65  TRP A O     1 
ATOM   516  C CB    . TRP A 1 68  ? -1.576  8.572   4.781   1.00 15.13 ? 65  TRP A CB    1 
ATOM   517  C CG    . TRP A 1 68  ? -1.807  7.102   4.930   1.00 19.70 ? 65  TRP A CG    1 
ATOM   518  C CD1   . TRP A 1 68  ? -2.826  6.366   4.357   1.00 16.97 ? 65  TRP A CD1   1 
ATOM   519  C CD2   . TRP A 1 68  ? -1.002  6.171   5.661   1.00 15.32 ? 65  TRP A CD2   1 
ATOM   520  N NE1   . TRP A 1 68  ? -2.704  5.032   4.704   1.00 17.98 ? 65  TRP A NE1   1 
ATOM   521  C CE2   . TRP A 1 68  ? -1.590  4.885   5.495   1.00 16.71 ? 65  TRP A CE2   1 
ATOM   522  C CE3   . TRP A 1 68  ? 0.158   6.292   6.446   1.00 16.58 ? 65  TRP A CE3   1 
ATOM   523  C CZ2   . TRP A 1 68  ? -1.049  3.731   6.075   1.00 16.32 ? 65  TRP A CZ2   1 
ATOM   524  C CZ3   . TRP A 1 68  ? 0.684   5.142   7.040   1.00 16.04 ? 65  TRP A CZ3   1 
ATOM   525  C CH2   . TRP A 1 68  ? 0.082   3.874   6.839   1.00 17.23 ? 65  TRP A CH2   1 
ATOM   526  N N     . MET A 1 69  ? -1.382  11.640  5.077   1.00 18.77 ? 66  MET A N     1 
ATOM   527  C CA    . MET A 1 69  ? -0.582  12.843  4.847   1.00 19.30 ? 66  MET A CA    1 
ATOM   528  C C     . MET A 1 69  ? -0.319  13.571  6.154   1.00 25.99 ? 66  MET A C     1 
ATOM   529  O O     . MET A 1 69  ? 0.808   14.025  6.408   1.00 22.83 ? 66  MET A O     1 
ATOM   530  C CB    . MET A 1 69  ? -1.271  13.761  3.841   1.00 19.40 ? 66  MET A CB    1 
ATOM   531  C CG    . MET A 1 69  ? -1.476  13.113  2.457   1.00 20.74 ? 66  MET A CG    1 
ATOM   532  S SD    . MET A 1 69  ? 0.032   12.524  1.684   1.00 21.22 ? 66  MET A SD    1 
ATOM   533  C CE    . MET A 1 69  ? 0.822   14.099  1.277   1.00 22.46 ? 66  MET A CE    1 
ATOM   534  N N     . ASN A 1 70  ? -1.337  13.651  7.012   1.00 22.07 ? 67  ASN A N     1 
ATOM   535  C CA    . ASN A 1 70  ? -1.225  14.328  8.301   1.00 25.32 ? 67  ASN A CA    1 
ATOM   536  C C     . ASN A 1 70  ? -0.269  13.629  9.244   1.00 24.94 ? 67  ASN A C     1 
ATOM   537  O O     . ASN A 1 70  ? 0.176   14.247  10.220  1.00 26.81 ? 67  ASN A O     1 
ATOM   538  C CB    . ASN A 1 70  ? -2.598  14.425  8.972   1.00 27.00 ? 67  ASN A CB    1 
ATOM   539  C CG    . ASN A 1 70  ? -3.518  15.375  8.261   1.00 31.94 ? 67  ASN A CG    1 
ATOM   540  O OD1   . ASN A 1 70  ? -3.074  16.297  7.585   1.00 31.34 ? 67  ASN A OD1   1 
ATOM   541  N ND2   . ASN A 1 70  ? -4.810  15.155  8.407   1.00 40.52 ? 67  ASN A ND2   1 
ATOM   542  N N     . ASN A 1 71  ? 0.046   12.357  8.994   1.00 19.70 ? 68  ASN A N     1 
ATOM   543  C CA    . ASN A 1 71  ? 0.937   11.584  9.831   1.00 18.29 ? 68  ASN A CA    1 
ATOM   544  C C     . ASN A 1 71  ? 2.291   11.302  9.197   1.00 19.37 ? 68  ASN A C     1 
ATOM   545  O O     . ASN A 1 71  ? 3.054   10.502  9.746   1.00 23.89 ? 68  ASN A O     1 
ATOM   546  C CB    . ASN A 1 71  ? 0.261   10.267  10.210  1.00 19.28 ? 68  ASN A CB    1 
ATOM   547  C CG    . ASN A 1 71  ? -0.747  10.454  11.308  1.00 31.75 ? 68  ASN A CG    1 
ATOM   548  O OD1   . ASN A 1 71  ? -0.386  10.881  12.402  1.00 28.58 ? 68  ASN A OD1   1 
ATOM   549  N ND2   . ASN A 1 71  ? -2.026  10.168  11.022  1.00 24.57 ? 68  ASN A ND2   1 
ATOM   550  N N     . LEU A 1 72  ? 2.632   11.942  8.074   1.00 20.52 ? 69  LEU A N     1 
ATOM   551  C CA    . LEU A 1 72  ? 3.915   11.629  7.444   1.00 16.94 ? 69  LEU A CA    1 
ATOM   552  C C     . LEU A 1 72  ? 5.100   12.000  8.348   1.00 20.68 ? 69  LEU A C     1 
ATOM   553  O O     . LEU A 1 72  ? 6.118   11.299  8.356   1.00 20.11 ? 69  LEU A O     1 
ATOM   554  C CB    . LEU A 1 72  ? 4.019   12.319  6.080   1.00 18.84 ? 69  LEU A CB    1 
ATOM   555  C CG    . LEU A 1 72  ? 3.110   11.755  4.971   1.00 20.43 ? 69  LEU A CG    1 
ATOM   556  C CD1   . LEU A 1 72  ? 3.417   12.417  3.644   1.00 20.85 ? 69  LEU A CD1   1 
ATOM   557  C CD2   . LEU A 1 72  ? 3.219   10.205  4.821   1.00 17.77 ? 69  LEU A CD2   1 
ATOM   558  N N     . LYS A 1 73  ? 5.012   13.099  9.104   1.00 21.86 ? 70  LYS A N     1 
ATOM   559  C CA    . LYS A 1 73  ? 6.128   13.412  10.008  1.00 21.16 ? 70  LYS A CA    1 
ATOM   560  C C     . LYS A 1 73  ? 6.268   12.350  11.089  1.00 24.79 ? 70  LYS A C     1 
ATOM   561  O O     . LYS A 1 73  ? 7.384   11.918  11.403  1.00 24.91 ? 70  LYS A O     1 
ATOM   562  C CB    . LYS A 1 73  ? 5.958   14.790  10.655  1.00 25.68 ? 70  LYS A CB    1 
ATOM   563  C CG    . LYS A 1 73  ? 5.860   15.943  9.693   1.00 33.66 ? 70  LYS A CG    1 
ATOM   564  C CD    . LYS A 1 73  ? 7.185   16.277  9.030   1.00 57.76 ? 70  LYS A CD    1 
ATOM   565  C CE    . LYS A 1 73  ? 7.016   17.475  8.089   1.00 61.73 ? 70  LYS A CE    1 
ATOM   566  N NZ    . LYS A 1 73  ? 8.254   17.773  7.315   1.00 68.00 ? 70  LYS A NZ    1 
ATOM   567  N N     . LYS A 1 74  ? 5.143   11.920  11.677  1.00 24.09 ? 71  LYS A N     1 
ATOM   568  C CA    . LYS A 1 74  ? 5.185   10.851  12.670  1.00 26.44 ? 71  LYS A CA    1 
ATOM   569  C C     . LYS A 1 74  ? 5.739   9.570   12.070  1.00 28.76 ? 71  LYS A C     1 
ATOM   570  O O     . LYS A 1 74  ? 6.517   8.855   12.715  1.00 21.95 ? 71  LYS A O     1 
ATOM   571  C CB    . LYS A 1 74  ? 3.782   10.599  13.234  1.00 26.79 ? 71  LYS A CB    1 
ATOM   572  C CG    . LYS A 1 74  ? 3.276   11.696  14.179  1.00 28.06 ? 71  LYS A CG    1 
ATOM   573  C CD    . LYS A 1 74  ? 4.276   11.871  15.308  1.00 39.29 ? 71  LYS A CD    1 
ATOM   574  C CE    . LYS A 1 74  ? 3.729   12.663  16.503  1.00 59.39 ? 71  LYS A CE    1 
ATOM   575  N NZ    . LYS A 1 74  ? 4.720   12.665  17.635  1.00 54.90 ? 71  LYS A NZ    1 
ATOM   576  N N     . LEU A 1 75  ? 5.338   9.255   10.840  1.00 23.37 ? 72  LEU A N     1 
ATOM   577  C CA    . LEU A 1 75  ? 5.842   8.053   10.182  1.00 20.86 ? 72  LEU A CA    1 
ATOM   578  C C     . LEU A 1 75  ? 7.351   8.120   10.027  1.00 19.56 ? 72  LEU A C     1 
ATOM   579  O O     . LEU A 1 75  ? 8.055   7.127   10.218  1.00 22.29 ? 72  LEU A O     1 
ATOM   580  C CB    . LEU A 1 75  ? 5.182   7.902   8.806   1.00 20.37 ? 72  LEU A CB    1 
ATOM   581  C CG    . LEU A 1 75  ? 5.332   6.583   8.074   1.00 30.63 ? 72  LEU A CG    1 
ATOM   582  C CD1   . LEU A 1 75  ? 4.611   5.502   8.841   1.00 22.98 ? 72  LEU A CD1   1 
ATOM   583  C CD2   . LEU A 1 75  ? 4.743   6.730   6.672   1.00 26.18 ? 72  LEU A CD2   1 
ATOM   584  N N     . GLU A 1 76  ? 7.858   9.285   9.646   1.00 21.15 ? 73  GLU A N     1 
ATOM   585  C CA    . GLU A 1 76  ? 9.278   9.423   9.416   1.00 20.30 ? 73  GLU A CA    1 
ATOM   586  C C     . GLU A 1 76  ? 10.083  9.316   10.712  1.00 23.45 ? 73  GLU A C     1 
ATOM   587  O O     . GLU A 1 76  ? 11.291  9.054   10.655  1.00 24.96 ? 73  GLU A O     1 
ATOM   588  C CB    . GLU A 1 76  ? 9.540   10.747  8.689   1.00 21.60 ? 73  GLU A CB    1 
ATOM   589  C CG    . GLU A 1 76  ? 10.952  10.863  8.258   1.00 26.47 ? 73  GLU A CG    1 
ATOM   590  C CD    . GLU A 1 76  ? 11.157  11.870  7.183   1.00 35.02 ? 73  GLU A CD    1 
ATOM   591  O OE1   . GLU A 1 76  ? 10.164  12.375  6.616   1.00 28.60 ? 73  GLU A OE1   1 
ATOM   592  O OE2   . GLU A 1 76  ? 12.337  12.159  6.913   1.00 32.97 ? 73  GLU A OE2   1 
ATOM   593  N N     . GLU A 1 77  ? 9.440   9.488   11.874  1.00 24.88 ? 74  GLU A N     1 
ATOM   594  C CA    . GLU A 1 77  ? 10.137  9.308   13.145  1.00 22.12 ? 74  GLU A CA    1 
ATOM   595  C C     . GLU A 1 77  ? 10.441  7.842   13.424  1.00 32.37 ? 74  GLU A C     1 
ATOM   596  O O     . GLU A 1 77  ? 11.324  7.548   14.233  1.00 28.10 ? 74  GLU A O     1 
ATOM   597  C CB    . GLU A 1 77  ? 9.314   9.911   14.296  1.00 26.27 ? 74  GLU A CB    1 
ATOM   598  C CG    . GLU A 1 77  ? 9.290   11.438  14.287  1.00 27.72 ? 74  GLU A CG    1 
ATOM   599  C CD    . GLU A 1 77  ? 8.268   12.095  15.239  1.00 44.87 ? 74  GLU A CD    1 
ATOM   600  O OE1   . GLU A 1 77  ? 7.560   11.410  16.007  1.00 38.24 ? 74  GLU A OE1   1 
ATOM   601  O OE2   . GLU A 1 77  ? 8.182   13.340  15.214  1.00 41.47 ? 74  GLU A OE2   1 
ATOM   602  N N     . ILE A 1 78  ? 9.771   6.919   12.734  1.00 22.33 ? 75  ILE A N     1 
ATOM   603  C CA    . ILE A 1 78  ? 9.904   5.493   13.001  1.00 17.64 ? 75  ILE A CA    1 
ATOM   604  C C     . ILE A 1 78  ? 11.174  4.953   12.354  1.00 21.26 ? 75  ILE A C     1 
ATOM   605  O O     . ILE A 1 78  ? 11.532  5.336   11.239  1.00 19.30 ? 75  ILE A O     1 
ATOM   606  C CB    . ILE A 1 78  ? 8.656   4.747   12.482  1.00 17.87 ? 75  ILE A CB    1 
ATOM   607  C CG1   . ILE A 1 78  ? 7.418   5.239   13.223  1.00 24.79 ? 75  ILE A CG1   1 
ATOM   608  C CG2   . ILE A 1 78  ? 8.818   3.237   12.656  1.00 24.29 ? 75  ILE A CG2   1 
ATOM   609  C CD1   . ILE A 1 78  ? 6.109   4.589   12.744  1.00 25.37 ? 75  ILE A CD1   1 
ATOM   610  N N     . ASP A 1 79  ? 11.852  4.040   13.045  1.00 18.13 ? 76  ASP A N     1 
ATOM   611  C CA    . ASP A 1 79  ? 12.989  3.313   12.488  1.00 20.34 ? 76  ASP A CA    1 
ATOM   612  C C     . ASP A 1 79  ? 12.476  2.067   11.763  1.00 23.60 ? 76  ASP A C     1 
ATOM   613  O O     . ASP A 1 79  ? 11.949  1.136   12.392  1.00 20.13 ? 76  ASP A O     1 
ATOM   614  C CB    . ASP A 1 79  ? 13.967  2.952   13.604  1.00 26.02 ? 76  ASP A CB    1 
ATOM   615  C CG    . ASP A 1 79  ? 15.230  2.312   13.098  1.00 30.72 ? 76  ASP A CG    1 
ATOM   616  O OD1   . ASP A 1 79  ? 15.288  1.912   11.916  1.00 26.25 ? 76  ASP A OD1   1 
ATOM   617  O OD2   . ASP A 1 79  ? 16.191  2.199   13.900  1.00 26.99 ? 76  ASP A OD2   1 
ATOM   618  N N     . PHE A 1 80  ? 12.657  2.029   10.442  1.00 18.75 ? 77  PHE A N     1 
ATOM   619  C CA    . PHE A 1 80  ? 12.172  0.906   9.641   1.00 19.37 ? 77  PHE A CA    1 
ATOM   620  C C     . PHE A 1 80  ? 13.234  -0.143  9.401   1.00 19.22 ? 77  PHE A C     1 
ATOM   621  O O     . PHE A 1 80  ? 13.005  -1.053  8.609   1.00 17.79 ? 77  PHE A O     1 
ATOM   622  C CB    . PHE A 1 80  ? 11.625  1.393   8.295   1.00 15.96 ? 77  PHE A CB    1 
ATOM   623  C CG    . PHE A 1 80  ? 10.271  2.022   8.396   1.00 19.22 ? 77  PHE A CG    1 
ATOM   624  C CD1   . PHE A 1 80  ? 10.133  3.344   8.759   1.00 17.88 ? 77  PHE A CD1   1 
ATOM   625  C CD2   . PHE A 1 80  ? 9.129   1.267   8.172   1.00 15.71 ? 77  PHE A CD2   1 
ATOM   626  C CE1   . PHE A 1 80  ? 8.865   3.938   8.857   1.00 20.03 ? 77  PHE A CE1   1 
ATOM   627  C CE2   . PHE A 1 80  ? 7.851   1.843   8.264   1.00 18.32 ? 77  PHE A CE2   1 
ATOM   628  C CZ    . PHE A 1 80  ? 7.719   3.171   8.604   1.00 21.35 ? 77  PHE A CZ    1 
ATOM   629  N N     . THR A 1 81  ? 14.401  -0.030  10.051  1.00 19.04 ? 78  THR A N     1 
ATOM   630  C CA    . THR A 1 81  ? 15.452  -1.012  9.842   1.00 17.91 ? 78  THR A CA    1 
ATOM   631  C C     . THR A 1 81  ? 14.951  -2.390  10.241  1.00 17.73 ? 78  THR A C     1 
ATOM   632  O O     . THR A 1 81  ? 14.382  -2.570  11.320  1.00 19.24 ? 78  THR A O     1 
ATOM   633  C CB    . THR A 1 81  ? 16.699  -0.646  10.649  1.00 23.44 ? 78  THR A CB    1 
ATOM   634  O OG1   . THR A 1 81  ? 17.056  0.710   10.365  1.00 23.79 ? 78  THR A OG1   1 
ATOM   635  C CG2   . THR A 1 81  ? 17.855  -1.570  10.290  1.00 25.25 ? 78  THR A CG2   1 
ATOM   636  N N     . GLY A 1 82  ? 15.134  -3.342  9.347   1.00 20.73 ? 79  GLY A N     1 
ATOM   637  C CA    . GLY A 1 82  ? 14.709  -4.704  9.574   1.00 21.39 ? 79  GLY A CA    1 
ATOM   638  C C     . GLY A 1 82  ? 13.245  -4.971  9.308   1.00 27.22 ? 79  GLY A C     1 
ATOM   639  O O     . GLY A 1 82  ? 12.821  -6.125  9.438   1.00 26.23 ? 79  GLY A O     1 
ATOM   640  N N     . LYS A 1 83  ? 12.462  -3.949  8.972   1.00 20.58 ? 80  LYS A N     1 
ATOM   641  C CA    . LYS A 1 83  ? 11.049  -4.121  8.627   1.00 17.12 ? 80  LYS A CA    1 
ATOM   642  C C     . LYS A 1 83  ? 10.922  -4.410  7.140   1.00 21.55 ? 80  LYS A C     1 
ATOM   643  O O     . LYS A 1 83  ? 11.741  -3.964  6.333   1.00 18.23 ? 80  LYS A O     1 
ATOM   644  C CB    . LYS A 1 83  ? 10.226  -2.882  8.984   1.00 17.47 ? 80  LYS A CB    1 
ATOM   645  C CG    . LYS A 1 83  ? 10.166  -2.546  10.479  1.00 24.25 ? 80  LYS A CG    1 
ATOM   646  C CD    . LYS A 1 83  ? 9.123   -1.480  10.749  1.00 19.32 ? 80  LYS A CD    1 
ATOM   647  C CE    . LYS A 1 83  ? 9.195   -0.919  12.158  1.00 23.14 ? 80  LYS A CE    1 
ATOM   648  N NZ    . LYS A 1 83  ? 9.077   -1.988  13.177  1.00 21.92 ? 80  LYS A NZ    1 
ATOM   649  N N     . VAL A 1 84  ? 9.906   -5.206  6.792   1.00 19.26 ? 81  VAL A N     1 
ATOM   650  C CA    . VAL A 1 84  ? 9.648   -5.623  5.420   1.00 15.80 ? 81  VAL A CA    1 
ATOM   651  C C     . VAL A 1 84  ? 8.244   -5.122  5.105   1.00 18.97 ? 81  VAL A C     1 
ATOM   652  O O     . VAL A 1 84  ? 7.301   -5.448  5.841   1.00 16.87 ? 81  VAL A O     1 
ATOM   653  C CB    . VAL A 1 84  ? 9.740   -7.151  5.252   1.00 17.24 ? 81  VAL A CB    1 
ATOM   654  C CG1   . VAL A 1 84  ? 9.381   -7.532  3.825   1.00 16.76 ? 81  VAL A CG1   1 
ATOM   655  C CG2   . VAL A 1 84  ? 11.176  -7.653  5.617   1.00 20.30 ? 81  VAL A CG2   1 
ATOM   656  N N     . VAL A 1 85  ? 8.109   -4.305  4.055   1.00 14.34 ? 82  VAL A N     1 
ATOM   657  C CA    . VAL A 1 85  ? 6.903   -3.476  3.876   1.00 16.49 ? 82  VAL A CA    1 
ATOM   658  C C     . VAL A 1 85  ? 6.347   -3.664  2.469   1.00 17.75 ? 82  VAL A C     1 
ATOM   659  O O     . VAL A 1 85  ? 7.070   -3.494  1.477   1.00 16.10 ? 82  VAL A O     1 
ATOM   660  C CB    . VAL A 1 85  ? 7.187   -1.975  4.106   1.00 17.68 ? 82  VAL A CB    1 
ATOM   661  C CG1   . VAL A 1 85  ? 5.879   -1.168  4.006   1.00 12.88 ? 82  VAL A CG1   1 
ATOM   662  C CG2   . VAL A 1 85  ? 7.878   -1.732  5.438   1.00 17.42 ? 82  VAL A CG2   1 
ATOM   663  N N     . GLY A 1 86  ? 5.048   -3.934  2.375   1.00 16.74 ? 83  GLY A N     1 
ATOM   664  C CA    . GLY A 1 86  ? 4.343   -3.916  1.103   1.00 17.15 ? 83  GLY A CA    1 
ATOM   665  C C     . GLY A 1 86  ? 3.371   -2.746  1.086   1.00 14.45 ? 83  GLY A C     1 
ATOM   666  O O     . GLY A 1 86  ? 2.739   -2.450  2.100   1.00 17.70 ? 83  GLY A O     1 
ATOM   667  N N     . LEU A 1 87  ? 3.271   -2.078  -0.065  1.00 14.59 ? 84  LEU A N     1 
ATOM   668  C CA    . LEU A 1 87  ? 2.420   -0.903  -0.235  1.00 12.86 ? 84  LEU A CA    1 
ATOM   669  C C     . LEU A 1 87  ? 1.266   -1.226  -1.182  1.00 12.08 ? 84  LEU A C     1 
ATOM   670  O O     . LEU A 1 87  ? 1.461   -1.880  -2.208  1.00 12.92 ? 84  LEU A O     1 
ATOM   671  C CB    . LEU A 1 87  ? 3.228   0.272   -0.793  1.00 15.35 ? 84  LEU A CB    1 
ATOM   672  C CG    . LEU A 1 87  ? 4.511   0.602   -0.005  1.00 14.73 ? 84  LEU A CG    1 
ATOM   673  C CD1   . LEU A 1 87  ? 5.325   1.649   -0.772  1.00 14.06 ? 84  LEU A CD1   1 
ATOM   674  C CD2   . LEU A 1 87  ? 4.199   1.130   1.416   1.00 12.11 ? 84  LEU A CD2   1 
ATOM   675  N N     . VAL A 1 88  ? 0.063   -0.751  -0.849  1.00 13.52 ? 85  VAL A N     1 
ATOM   676  C CA    . VAL A 1 88  ? -1.107  -0.931  -1.715  1.00 13.15 ? 85  VAL A CA    1 
ATOM   677  C C     . VAL A 1 88  ? -1.745  0.426   -1.951  1.00 14.36 ? 85  VAL A C     1 
ATOM   678  O O     . VAL A 1 88  ? -2.067  1.130   -0.995  1.00 16.73 ? 85  VAL A O     1 
ATOM   679  C CB    . VAL A 1 88  ? -2.152  -1.874  -1.098  1.00 12.83 ? 85  VAL A CB    1 
ATOM   680  C CG1   . VAL A 1 88  ? -3.276  -2.127  -2.101  1.00 13.38 ? 85  VAL A CG1   1 
ATOM   681  C CG2   . VAL A 1 88  ? -1.495  -3.213  -0.709  1.00 14.88 ? 85  VAL A CG2   1 
ATOM   682  N N     . GLY A 1 89  ? -1.934  0.783   -3.211  1.00 12.37 ? 86  GLY A N     1 
ATOM   683  C CA    . GLY A 1 89  ? -2.703  1.961   -3.568  1.00 15.72 ? 86  GLY A CA    1 
ATOM   684  C C     . GLY A 1 89  ? -4.022  1.573   -4.217  1.00 15.48 ? 86  GLY A C     1 
ATOM   685  O O     . GLY A 1 89  ? -4.138  0.515   -4.860  1.00 15.58 ? 86  GLY A O     1 
ATOM   686  N N     . LEU A 1 90  ? -5.029  2.416   -4.016  1.00 14.93 ? 87  LEU A N     1 
ATOM   687  C CA    . LEU A 1 90  ? -6.251  2.371   -4.801  1.00 13.46 ? 87  LEU A CA    1 
ATOM   688  C C     . LEU A 1 90  ? -6.345  3.685   -5.551  1.00 15.55 ? 87  LEU A C     1 
ATOM   689  O O     . LEU A 1 90  ? -6.037  4.744   -4.999  1.00 15.77 ? 87  LEU A O     1 
ATOM   690  C CB    . LEU A 1 90  ? -7.510  2.210   -3.932  1.00 13.99 ? 87  LEU A CB    1 
ATOM   691  C CG    . LEU A 1 90  ? -7.793  0.875   -3.264  1.00 19.96 ? 87  LEU A CG    1 
ATOM   692  C CD1   . LEU A 1 90  ? -6.939  0.716   -1.986  1.00 17.71 ? 87  LEU A CD1   1 
ATOM   693  C CD2   . LEU A 1 90  ? -9.279  0.894   -2.929  1.00 19.66 ? 87  LEU A CD2   1 
ATOM   694  N N     . GLY A 1 91  ? -6.765  3.624   -6.808  1.00 17.16 ? 88  GLY A N     1 
ATOM   695  C CA    . GLY A 1 91  ? -6.900  4.852   -7.566  1.00 18.49 ? 88  GLY A CA    1 
ATOM   696  C C     . GLY A 1 91  ? -7.809  4.617   -8.750  1.00 19.33 ? 88  GLY A C     1 
ATOM   697  O O     . GLY A 1 91  ? -8.499  3.598   -8.835  1.00 18.26 ? 88  GLY A O     1 
ATOM   698  N N     . ASN A 1 92  ? -7.811  5.581   -9.659  1.00 17.26 ? 89  ASN A N     1 
ATOM   699  C CA    . ASN A 1 92  ? -8.573  5.475   -10.901 1.00 17.28 ? 89  ASN A CA    1 
ATOM   700  C C     . ASN A 1 92  ? -7.634  5.883   -12.027 1.00 16.79 ? 89  ASN A C     1 
ATOM   701  O O     . ASN A 1 92  ? -7.290  7.068   -12.161 1.00 17.27 ? 89  ASN A O     1 
ATOM   702  C CB    . ASN A 1 92  ? -9.837  6.364   -10.864 1.00 16.48 ? 89  ASN A CB    1 
ATOM   703  C CG    . ASN A 1 92  ? -10.616 6.323   -12.181 1.00 21.16 ? 89  ASN A CG    1 
ATOM   704  O OD1   . ASN A 1 92  ? -10.037 6.154   -13.253 1.00 18.92 ? 89  ASN A OD1   1 
ATOM   705  N ND2   . ASN A 1 92  ? -11.928 6.497   -12.102 1.00 18.17 ? 89  ASN A ND2   1 
ATOM   706  N N     . GLN A 1 93  ? -7.226  4.910   -12.853 1.00 17.44 ? 90  GLN A N     1 
ATOM   707  C CA    . GLN A 1 93  ? -6.129  5.178   -13.786 1.00 16.31 ? 90  GLN A CA    1 
ATOM   708  C C     . GLN A 1 93  ? -6.533  6.013   -14.994 1.00 18.53 ? 90  GLN A C     1 
ATOM   709  O O     . GLN A 1 93  ? -5.653  6.608   -15.625 1.00 17.77 ? 90  GLN A O     1 
ATOM   710  C CB    . GLN A 1 93  ? -5.507  3.866   -14.288 1.00 16.80 ? 90  GLN A CB    1 
ATOM   711  C CG    . GLN A 1 93  ? -6.431  3.016   -15.165 1.00 15.72 ? 90  GLN A CG    1 
ATOM   712  C CD    . GLN A 1 93  ? -6.030  1.544   -15.162 1.00 14.83 ? 90  GLN A CD    1 
ATOM   713  O OE1   . GLN A 1 93  ? -5.191  1.109   -15.962 1.00 17.18 ? 90  GLN A OE1   1 
ATOM   714  N NE2   . GLN A 1 93  ? -6.598  0.785   -14.241 1.00 15.52 ? 90  GLN A NE2   1 
ATOM   715  N N     . PHE A 1 94  ? -7.822  6.046   -15.353 1.00 15.61 ? 91  PHE A N     1 
ATOM   716  C CA    . PHE A 1 94  ? -8.274  6.800   -16.528 1.00 15.77 ? 91  PHE A CA    1 
ATOM   717  C C     . PHE A 1 94  ? -8.690  8.221   -16.169 1.00 18.45 ? 91  PHE A C     1 
ATOM   718  O O     . PHE A 1 94  ? -8.426  9.156   -16.934 1.00 23.67 ? 91  PHE A O     1 
ATOM   719  C CB    . PHE A 1 94  ? -9.430  6.051   -17.222 1.00 18.57 ? 91  PHE A CB    1 
ATOM   720  C CG    . PHE A 1 94  ? -8.983  4.800   -17.955 1.00 19.25 ? 91  PHE A CG    1 
ATOM   721  C CD1   . PHE A 1 94  ? -8.257  4.898   -19.134 1.00 26.71 ? 91  PHE A CD1   1 
ATOM   722  C CD2   . PHE A 1 94  ? -9.238  3.545   -17.435 1.00 22.16 ? 91  PHE A CD2   1 
ATOM   723  C CE1   . PHE A 1 94  ? -7.820  3.742   -19.797 1.00 23.51 ? 91  PHE A CE1   1 
ATOM   724  C CE2   . PHE A 1 94  ? -8.802  2.392   -18.088 1.00 24.89 ? 91  PHE A CE2   1 
ATOM   725  C CZ    . PHE A 1 94  ? -8.082  2.509   -19.271 1.00 20.90 ? 91  PHE A CZ    1 
ATOM   726  N N     . ALA A 1 95  ? -9.274  8.412   -14.984 1.00 20.31 ? 92  ALA A N     1 
ATOM   727  C CA    . ALA A 1 95  ? -9.614  9.758   -14.534 1.00 21.00 ? 92  ALA A CA    1 
ATOM   728  C C     . ALA A 1 95  ? -8.392  10.529  -14.040 1.00 28.66 ? 92  ALA A C     1 
ATOM   729  O O     . ALA A 1 95  ? -8.395  11.765  -14.033 1.00 22.61 ? 92  ALA A O     1 
ATOM   730  C CB    . ALA A 1 95  ? -10.667 9.671   -13.442 1.00 18.76 ? 92  ALA A CB    1 
ATOM   731  N N     . PHE A 1 96  ? -7.334  9.829   -13.608 1.00 17.72 ? 93  PHE A N     1 
ATOM   732  C CA    . PHE A 1 96  ? -6.133  10.489  -13.105 1.00 17.02 ? 93  PHE A CA    1 
ATOM   733  C C     . PHE A 1 96  ? -4.931  9.915   -13.836 1.00 26.90 ? 93  PHE A C     1 
ATOM   734  O O     . PHE A 1 96  ? -4.152  9.149   -13.257 1.00 24.07 ? 93  PHE A O     1 
ATOM   735  C CB    . PHE A 1 96  ? -6.025  10.340  -11.590 1.00 14.50 ? 93  PHE A CB    1 
ATOM   736  C CG    . PHE A 1 96  ? -7.215  10.907  -10.873 1.00 21.82 ? 93  PHE A CG    1 
ATOM   737  C CD1   . PHE A 1 96  ? -7.272  12.267  -10.562 1.00 26.61 ? 93  PHE A CD1   1 
ATOM   738  C CD2   . PHE A 1 96  ? -8.315  10.106  -10.589 1.00 19.11 ? 93  PHE A CD2   1 
ATOM   739  C CE1   . PHE A 1 96  ? -8.397  12.817  -9.935  1.00 18.39 ? 93  PHE A CE1   1 
ATOM   740  C CE2   . PHE A 1 96  ? -9.443  10.637  -9.959  1.00 20.71 ? 93  PHE A CE2   1 
ATOM   741  C CZ    . PHE A 1 96  ? -9.493  12.009  -9.647  1.00 19.15 ? 93  PHE A CZ    1 
ATOM   742  N N     . GLY A 1 97  ? -4.783  10.318  -15.106 1.00 22.87 ? 94  GLY A N     1 
ATOM   743  C CA    . GLY A 1 97  ? -3.757  9.766   -15.979 1.00 20.34 ? 94  GLY A CA    1 
ATOM   744  C C     . GLY A 1 97  ? -2.326  10.073  -15.567 1.00 21.72 ? 94  GLY A C     1 
ATOM   745  O O     . GLY A 1 97  ? -1.389  9.452   -16.096 1.00 21.72 ? 94  GLY A O     1 
ATOM   746  N N     . GLU A 1 98  ? -2.123  11.035  -14.663 1.00 20.17 ? 95  GLU A N     1 
ATOM   747  C CA    . GLU A 1 98  ? -0.789  11.385  -14.218 1.00 20.45 ? 95  GLU A CA    1 
ATOM   748  C C     . GLU A 1 98  ? -0.543  11.128  -12.740 1.00 20.25 ? 95  GLU A C     1 
ATOM   749  O O     . GLU A 1 98  ? 0.573   11.370  -12.265 1.00 28.04 ? 95  GLU A O     1 
ATOM   750  C CB    . GLU A 1 98  ? -0.505  12.864  -14.527 1.00 24.59 ? 95  GLU A CB    1 
ATOM   751  C CG    . GLU A 1 98  ? -0.430  13.153  -16.026 1.00 22.73 ? 95  GLU A CG    1 
ATOM   752  C CD    . GLU A 1 98  ? 0.256   14.485  -16.351 1.00 46.84 ? 95  GLU A CD    1 
ATOM   753  O OE1   . GLU A 1 98  ? 0.079   14.967  -17.482 1.00 39.91 ? 95  GLU A OE1   1 
ATOM   754  O OE2   . GLU A 1 98  ? 0.966   15.050  -15.489 1.00 43.92 ? 95  GLU A OE2   1 
ATOM   755  N N     . SER A 1 99  ? -1.526  10.631  -12.000 1.00 16.75 ? 96  SER A N     1 
ATOM   756  C CA    A SER A 1 99  ? -1.372  10.492  -10.557 0.74 17.64 ? 96  SER A CA    1 
ATOM   757  C CA    B SER A 1 99  ? -1.409  10.507  -10.554 0.26 17.69 ? 96  SER A CA    1 
ATOM   758  C C     . SER A 1 99  ? -2.026  9.210   -10.048 1.00 16.52 ? 96  SER A C     1 
ATOM   759  O O     . SER A 1 99  ? -2.458  9.145   -8.892  1.00 17.47 ? 96  SER A O     1 
ATOM   760  C CB    A SER A 1 99  ? -1.963  11.707  -9.840  0.74 17.19 ? 96  SER A CB    1 
ATOM   761  C CB    B SER A 1 99  ? -2.075  11.691  -9.841  0.26 17.21 ? 96  SER A CB    1 
ATOM   762  O OG    A SER A 1 99  ? -3.284  11.899  -10.281 0.74 17.29 ? 96  SER A OG    1 
ATOM   763  O OG    B SER A 1 99  ? -1.662  12.927  -10.387 0.26 15.51 ? 96  SER A OG    1 
ATOM   764  N N     . PHE A 1 100 ? -2.098  8.183   -10.895 1.00 14.85 ? 97  PHE A N     1 
ATOM   765  C CA    . PHE A 1 100 ? -2.737  6.923   -10.510 1.00 15.83 ? 97  PHE A CA    1 
ATOM   766  C C     . PHE A 1 100 ? -1.981  6.260   -9.366  1.00 18.84 ? 97  PHE A C     1 
ATOM   767  O O     . PHE A 1 100 ? -0.778  5.980   -9.484  1.00 19.54 ? 97  PHE A O     1 
ATOM   768  C CB    . PHE A 1 100 ? -2.803  5.978   -11.711 1.00 15.24 ? 97  PHE A CB    1 
ATOM   769  C CG    . PHE A 1 100 ? -3.342  4.586   -11.383 1.00 17.02 ? 97  PHE A CG    1 
ATOM   770  C CD1   . PHE A 1 100 ? -4.596  4.420   -10.820 1.00 14.89 ? 97  PHE A CD1   1 
ATOM   771  C CD2   . PHE A 1 100 ? -2.576  3.461   -11.642 1.00 17.72 ? 97  PHE A CD2   1 
ATOM   772  C CE1   . PHE A 1 100 ? -5.112  3.144   -10.534 1.00 14.40 ? 97  PHE A CE1   1 
ATOM   773  C CE2   . PHE A 1 100 ? -3.062  2.180   -11.359 1.00 13.84 ? 97  PHE A CE2   1 
ATOM   774  C CZ    . PHE A 1 100 ? -4.343  2.023   -10.810 1.00 15.30 ? 97  PHE A CZ    1 
ATOM   775  N N     . CYS A 1 101 ? -2.693  6.025   -8.257  1.00 16.36 ? 98  CYS A N     1 
ATOM   776  C CA    . CYS A 1 101 ? -2.108  5.422   -7.053  1.00 14.02 ? 98  CYS A CA    1 
ATOM   777  C C     . CYS A 1 101 ? -0.869  6.171   -6.576  1.00 17.71 ? 98  CYS A C     1 
ATOM   778  O O     . CYS A 1 101 ? 0.040   5.574   -5.992  1.00 16.25 ? 98  CYS A O     1 
ATOM   779  C CB    . CYS A 1 101 ? -1.769  3.949   -7.284  1.00 13.18 ? 98  CYS A CB    1 
ATOM   780  S SG    . CYS A 1 101 ? -3.250  2.888   -7.292  1.00 14.48 ? 98  CYS A SG    1 
ATOM   781  N N     . GLY A 1 102 ? -0.829  7.490   -6.789  1.00 15.74 ? 99  GLY A N     1 
ATOM   782  C CA    . GLY A 1 102 ? 0.366   8.236   -6.410  1.00 15.85 ? 99  GLY A CA    1 
ATOM   783  C C     . GLY A 1 102 ? 0.618   8.280   -4.918  1.00 19.27 ? 99  GLY A C     1 
ATOM   784  O O     . GLY A 1 102 ? 1.739   8.591   -4.497  1.00 18.74 ? 99  GLY A O     1 
ATOM   785  N N     . GLY A 1 103 ? -0.387  7.940   -4.108  1.00 14.87 ? 100 GLY A N     1 
ATOM   786  C CA    . GLY A 1 103 ? -0.238  8.080   -2.672  1.00 16.09 ? 100 GLY A CA    1 
ATOM   787  C C     . GLY A 1 103 ? 0.855   7.201   -2.100  1.00 19.21 ? 100 GLY A C     1 
ATOM   788  O O     . GLY A 1 103 ? 1.482   7.559   -1.102  1.00 17.30 ? 100 GLY A O     1 
ATOM   789  N N     . ILE A 1 104 ? 1.107   6.043   -2.717  1.00 13.26 ? 101 ILE A N     1 
ATOM   790  C CA    . ILE A 1 104 ? 2.092   5.144   -2.135  1.00 16.66 ? 101 ILE A CA    1 
ATOM   791  C C     . ILE A 1 104 ? 3.509   5.667   -2.304  1.00 17.38 ? 101 ILE A C     1 
ATOM   792  O O     . ILE A 1 104 ? 4.401   5.186   -1.609  1.00 14.77 ? 101 ILE A O     1 
ATOM   793  C CB    . ILE A 1 104 ? 1.978   3.710   -2.700  1.00 15.50 ? 101 ILE A CB    1 
ATOM   794  C CG1   . ILE A 1 104 ? 2.219   3.696   -4.220  1.00 15.31 ? 101 ILE A CG1   1 
ATOM   795  C CG2   . ILE A 1 104 ? 0.599   3.119   -2.347  1.00 15.98 ? 101 ILE A CG2   1 
ATOM   796  C CD1   . ILE A 1 104 ? 2.282   2.255   -4.803  1.00 16.45 ? 101 ILE A CD1   1 
ATOM   797  N N     . ARG A 1 105 ? 3.735   6.659   -3.176  1.00 16.05 ? 102 ARG A N     1 
ATOM   798  C CA    . ARG A 1 105 ? 5.060   7.271   -3.255  1.00 17.53 ? 102 ARG A CA    1 
ATOM   799  C C     . ARG A 1 105 ? 5.456   7.923   -1.928  1.00 15.78 ? 102 ARG A C     1 
ATOM   800  O O     . ARG A 1 105 ? 6.620   7.832   -1.508  1.00 16.08 ? 102 ARG A O     1 
ATOM   801  C CB    . ARG A 1 105 ? 5.120   8.312   -4.389  1.00 12.78 ? 102 ARG A CB    1 
ATOM   802  C CG    . ARG A 1 105 ? 6.416   9.201   -4.374  1.00 15.72 ? 102 ARG A CG    1 
ATOM   803  C CD    . ARG A 1 105 ? 7.721   8.379   -4.467  1.00 18.55 ? 102 ARG A CD    1 
ATOM   804  N NE    . ARG A 1 105 ? 7.871   7.714   -5.764  1.00 21.06 ? 102 ARG A NE    1 
ATOM   805  C CZ    . ARG A 1 105 ? 8.974   7.074   -6.140  1.00 20.49 ? 102 ARG A CZ    1 
ATOM   806  N NH1   . ARG A 1 105 ? 10.012  7.017   -5.319  1.00 20.86 ? 102 ARG A NH1   1 
ATOM   807  N NH2   . ARG A 1 105 ? 9.034   6.491   -7.334  1.00 19.85 ? 102 ARG A NH2   1 
ATOM   808  N N     . TYR A 1 106 ? 4.517   8.612   -1.272  1.00 15.91 ? 103 TYR A N     1 
ATOM   809  C CA    . TYR A 1 106 ? 4.838   9.275   0.000   1.00 20.62 ? 103 TYR A CA    1 
ATOM   810  C C     . TYR A 1 106 ? 5.268   8.266   1.056   1.00 20.10 ? 103 TYR A C     1 
ATOM   811  O O     . TYR A 1 106 ? 6.164   8.543   1.864   1.00 18.69 ? 103 TYR A O     1 
ATOM   812  C CB    . TYR A 1 106 ? 3.637   10.072  0.499   1.00 19.05 ? 103 TYR A CB    1 
ATOM   813  C CG    . TYR A 1 106 ? 3.361   11.209  -0.436  1.00 20.22 ? 103 TYR A CG    1 
ATOM   814  C CD1   . TYR A 1 106 ? 2.481   11.058  -1.498  1.00 21.19 ? 103 TYR A CD1   1 
ATOM   815  C CD2   . TYR A 1 106 ? 4.049   12.415  -0.305  1.00 26.52 ? 103 TYR A CD2   1 
ATOM   816  C CE1   . TYR A 1 106 ? 2.258   12.105  -2.406  1.00 18.68 ? 103 TYR A CE1   1 
ATOM   817  C CE2   . TYR A 1 106 ? 3.820   13.474  -1.201  1.00 21.87 ? 103 TYR A CE2   1 
ATOM   818  C CZ    . TYR A 1 106 ? 2.929   13.303  -2.239  1.00 22.71 ? 103 TYR A CZ    1 
ATOM   819  O OH    . TYR A 1 106 ? 2.721   14.326  -3.139  1.00 25.94 ? 103 TYR A OH    1 
ATOM   820  N N     . LEU A 1 107 ? 4.621   7.096   1.081   1.00 14.81 ? 104 LEU A N     1 
ATOM   821  C CA    . LEU A 1 107 ? 4.980   6.067   2.039   1.00 11.73 ? 104 LEU A CA    1 
ATOM   822  C C     . LEU A 1 107 ? 6.304   5.413   1.660   1.00 18.63 ? 104 LEU A C     1 
ATOM   823  O O     . LEU A 1 107 ? 7.184   5.230   2.513   1.00 18.90 ? 104 LEU A O     1 
ATOM   824  C CB    . LEU A 1 107 ? 3.866   5.017   2.115   1.00 15.89 ? 104 LEU A CB    1 
ATOM   825  C CG    . LEU A 1 107 ? 2.447   5.567   2.360   1.00 16.59 ? 104 LEU A CG    1 
ATOM   826  C CD1   . LEU A 1 107 ? 1.427   4.447   2.354   1.00 16.51 ? 104 LEU A CD1   1 
ATOM   827  C CD2   . LEU A 1 107 ? 2.433   6.330   3.695   1.00 17.08 ? 104 LEU A CD2   1 
ATOM   828  N N     . TYR A 1 108 ? 6.469   5.094   0.376   1.00 13.18 ? 105 TYR A N     1 
ATOM   829  C CA    . TYR A 1 108 ? 7.677   4.435   -0.107  1.00 13.91 ? 105 TYR A CA    1 
ATOM   830  C C     . TYR A 1 108 ? 8.932   5.210   0.275   1.00 17.63 ? 105 TYR A C     1 
ATOM   831  O O     . TYR A 1 108 ? 9.892   4.642   0.813   1.00 15.12 ? 105 TYR A O     1 
ATOM   832  C CB    . TYR A 1 108 ? 7.589   4.286   -1.629  1.00 13.58 ? 105 TYR A CB    1 
ATOM   833  C CG    . TYR A 1 108 ? 8.819   3.644   -2.249  1.00 14.45 ? 105 TYR A CG    1 
ATOM   834  C CD1   . TYR A 1 108 ? 9.899   4.423   -2.700  1.00 15.23 ? 105 TYR A CD1   1 
ATOM   835  C CD2   . TYR A 1 108 ? 8.892   2.268   -2.390  1.00 15.03 ? 105 TYR A CD2   1 
ATOM   836  C CE1   . TYR A 1 108 ? 11.021  3.819   -3.243  1.00 15.55 ? 105 TYR A CE1   1 
ATOM   837  C CE2   . TYR A 1 108 ? 10.009  1.652   -2.933  1.00 16.98 ? 105 TYR A CE2   1 
ATOM   838  C CZ    . TYR A 1 108 ? 11.066  2.435   -3.375  1.00 15.75 ? 105 TYR A CZ    1 
ATOM   839  O OH    . TYR A 1 108 ? 12.179  1.811   -3.921  1.00 16.13 ? 105 TYR A OH    1 
ATOM   840  N N     . ASP A 1 109 ? 8.956   6.505   -0.045  1.00 15.70 ? 106 ASP A N     1 
ATOM   841  C CA    . ASP A 1 109 ? 10.172  7.293   0.165   1.00 16.30 ? 106 ASP A CA    1 
ATOM   842  C C     . ASP A 1 109 ? 10.560  7.311   1.637   1.00 17.45 ? 106 ASP A C     1 
ATOM   843  O O     . ASP A 1 109 ? 11.755  7.311   1.970   1.00 16.67 ? 106 ASP A O     1 
ATOM   844  C CB    . ASP A 1 109 ? 9.977   8.732   -0.333  1.00 17.51 ? 106 ASP A CB    1 
ATOM   845  C CG    . ASP A 1 109 ? 9.991   8.848   -1.866  1.00 20.73 ? 106 ASP A CG    1 
ATOM   846  O OD1   . ASP A 1 109 ? 10.328  7.862   -2.569  1.00 18.94 ? 106 ASP A OD1   1 
ATOM   847  O OD2   . ASP A 1 109 ? 9.650   9.955   -2.343  1.00 17.96 ? 106 ASP A OD2   1 
ATOM   848  N N     . ILE A 1 110 ? 9.568   7.354   2.529   1.00 15.47 ? 107 ILE A N     1 
ATOM   849  C CA    . ILE A 1 110 ? 9.865   7.364   3.965   1.00 18.28 ? 107 ILE A CA    1 
ATOM   850  C C     . ILE A 1 110 ? 10.371  6.000   4.414   1.00 19.65 ? 107 ILE A C     1 
ATOM   851  O O     . ILE A 1 110 ? 11.364  5.899   5.143   1.00 18.55 ? 107 ILE A O     1 
ATOM   852  C CB    . ILE A 1 110 ? 8.631   7.822   4.768   1.00 14.90 ? 107 ILE A CB    1 
ATOM   853  C CG1   . ILE A 1 110 ? 8.404   9.320   4.579   1.00 16.11 ? 107 ILE A CG1   1 
ATOM   854  C CG2   . ILE A 1 110 ? 8.789   7.542   6.282   1.00 18.64 ? 107 ILE A CG2   1 
ATOM   855  C CD1   . ILE A 1 110 ? 7.021   9.824   5.051   1.00 17.92 ? 107 ILE A CD1   1 
ATOM   856  N N     . VAL A 1 111 ? 9.730   4.928   3.963   1.00 16.58 ? 108 VAL A N     1 
ATOM   857  C CA    . VAL A 1 111 ? 10.151  3.596   4.412   1.00 14.00 ? 108 VAL A CA    1 
ATOM   858  C C     . VAL A 1 111 ? 11.604  3.335   4.026   1.00 16.88 ? 108 VAL A C     1 
ATOM   859  O O     . VAL A 1 111 ? 12.398  2.861   4.848   1.00 18.20 ? 108 VAL A O     1 
ATOM   860  C CB    . VAL A 1 111 ? 9.233   2.508   3.836   1.00 16.41 ? 108 VAL A CB    1 
ATOM   861  C CG1   . VAL A 1 111 ? 9.866   1.122   4.058   1.00 13.48 ? 108 VAL A CG1   1 
ATOM   862  C CG2   . VAL A 1 111 ? 7.829   2.589   4.491   1.00 19.50 ? 108 VAL A CG2   1 
ATOM   863  N N     . VAL A 1 112 ? 11.970  3.595   2.761   1.00 13.29 ? 109 VAL A N     1 
ATOM   864  C CA    . VAL A 1 112 ? 13.339  3.244   2.363   1.00 15.27 ? 109 VAL A CA    1 
ATOM   865  C C     . VAL A 1 112 ? 14.331  4.222   2.995   1.00 20.63 ? 109 VAL A C     1 
ATOM   866  O O     . VAL A 1 112 ? 15.455  3.838   3.347   1.00 18.94 ? 109 VAL A O     1 
ATOM   867  C CB    . VAL A 1 112 ? 13.516  3.182   0.822   1.00 16.69 ? 109 VAL A CB    1 
ATOM   868  C CG1   . VAL A 1 112 ? 12.625  2.090   0.220   1.00 16.10 ? 109 VAL A CG1   1 
ATOM   869  C CG2   . VAL A 1 112 ? 13.248  4.549   0.138   1.00 15.73 ? 109 VAL A CG2   1 
ATOM   870  N N     . LYS A 1 113 ? 13.939  5.486   3.153   1.00 17.13 ? 110 LYS A N     1 
ATOM   871  C CA    . LYS A 1 113 ? 14.819  6.456   3.809   1.00 17.44 ? 110 LYS A CA    1 
ATOM   872  C C     . LYS A 1 113 ? 15.176  6.018   5.222   1.00 19.37 ? 110 LYS A C     1 
ATOM   873  O O     . LYS A 1 113 ? 16.309  6.206   5.674   1.00 15.82 ? 110 LYS A O     1 
ATOM   874  C CB    . LYS A 1 113 ? 14.136  7.813   3.825   1.00 21.60 ? 110 LYS A CB    1 
ATOM   875  C CG    . LYS A 1 113 ? 14.857  8.939   4.500   1.00 33.76 ? 110 LYS A CG    1 
ATOM   876  C CD    . LYS A 1 113 ? 13.745  9.877   4.931   1.00 43.41 ? 110 LYS A CD    1 
ATOM   877  C CE    . LYS A 1 113 ? 14.090  11.280  4.580   1.00 52.93 ? 110 LYS A CE    1 
ATOM   878  N NZ    . LYS A 1 113 ? 14.976  11.793  5.652   1.00 49.74 ? 110 LYS A NZ    1 
ATOM   879  N N     . LYS A 1 114 ? 14.206  5.441   5.943   1.00 16.53 ? 111 LYS A N     1 
ATOM   880  C CA    . LYS A 1 114 ? 14.387  5.068   7.342   1.00 16.58 ? 111 LYS A CA    1 
ATOM   881  C C     . LYS A 1 114 ? 14.854  3.631   7.510   1.00 16.32 ? 111 LYS A C     1 
ATOM   882  O O     . LYS A 1 114 ? 14.805  3.109   8.625   1.00 21.11 ? 111 LYS A O     1 
ATOM   883  C CB    . LYS A 1 114 ? 13.098  5.301   8.152   1.00 14.22 ? 111 LYS A CB    1 
ATOM   884  C CG    . LYS A 1 114 ? 12.573  6.748   8.145   1.00 15.52 ? 111 LYS A CG    1 
ATOM   885  C CD    . LYS A 1 114 ? 13.700  7.783   8.489   1.00 23.33 ? 111 LYS A CD    1 
ATOM   886  C CE    . LYS A 1 114 ? 14.339  7.514   9.868   1.00 25.19 ? 111 LYS A CE    1 
ATOM   887  N NZ    . LYS A 1 114 ? 13.352  7.484   11.044  1.00 22.68 ? 111 LYS A NZ    1 
ATOM   888  N N     . GLY A 1 115 ? 15.325  2.990   6.445   1.00 17.60 ? 112 GLY A N     1 
ATOM   889  C CA    . GLY A 1 115 ? 16.015  1.718   6.569   1.00 16.39 ? 112 GLY A CA    1 
ATOM   890  C C     . GLY A 1 115 ? 15.189  0.496   6.252   1.00 16.86 ? 112 GLY A C     1 
ATOM   891  O O     . GLY A 1 115 ? 15.688  -0.624  6.411   1.00 19.09 ? 112 GLY A O     1 
ATOM   892  N N     . GLY A 1 116 ? 13.951  0.670   5.792   1.00 17.87 ? 113 GLY A N     1 
ATOM   893  C CA    . GLY A 1 116 ? 13.095  -0.473  5.553   1.00 17.19 ? 113 GLY A CA    1 
ATOM   894  C C     . GLY A 1 116 ? 13.363  -1.114  4.230   1.00 17.40 ? 113 GLY A C     1 
ATOM   895  O O     . GLY A 1 116 ? 14.024  -0.560  3.351   1.00 19.86 ? 113 GLY A O     1 
ATOM   896  N N     . LYS A 1 117 ? 12.825  -2.320  4.073   1.00 16.03 ? 114 LYS A N     1 
ATOM   897  C CA    . LYS A 1 117 ? 12.853  -3.012  2.794   1.00 16.35 ? 114 LYS A CA    1 
ATOM   898  C C     . LYS A 1 117 ? 11.438  -3.024  2.216   1.00 20.19 ? 114 LYS A C     1 
ATOM   899  O O     . LYS A 1 117 ? 10.525  -3.538  2.860   1.00 18.19 ? 114 LYS A O     1 
ATOM   900  C CB    . LYS A 1 117 ? 13.373  -4.440  2.948   1.00 18.54 ? 114 LYS A CB    1 
ATOM   901  C CG    . LYS A 1 117 ? 13.486  -5.150  1.597   1.00 20.81 ? 114 LYS A CG    1 
ATOM   902  C CD    . LYS A 1 117 ? 13.901  -6.573  1.766   1.00 25.64 ? 114 LYS A CD    1 
ATOM   903  C CE    . LYS A 1 117 ? 14.244  -7.186  0.428   1.00 36.83 ? 114 LYS A CE    1 
ATOM   904  N NZ    . LYS A 1 117 ? 14.430  -8.673  0.570   1.00 59.06 ? 114 LYS A NZ    1 
ATOM   905  N N     . VAL A 1 118 ? 11.254  -2.442  1.027   1.00 19.49 ? 115 VAL A N     1 
ATOM   906  C CA    . VAL A 1 118 ? 9.960   -2.489  0.339   1.00 18.08 ? 115 VAL A CA    1 
ATOM   907  C C     . VAL A 1 118 ? 9.957   -3.682  -0.603  1.00 18.23 ? 115 VAL A C     1 
ATOM   908  O O     . VAL A 1 118 ? 10.907  -3.877  -1.373  1.00 20.07 ? 115 VAL A O     1 
ATOM   909  C CB    . VAL A 1 118 ? 9.676   -1.191  -0.428  1.00 19.11 ? 115 VAL A CB    1 
ATOM   910  C CG1   . VAL A 1 118 ? 8.312   -1.333  -1.192  1.00 20.15 ? 115 VAL A CG1   1 
ATOM   911  C CG2   . VAL A 1 118 ? 9.633   -0.034  0.506   1.00 18.24 ? 115 VAL A CG2   1 
ATOM   912  N N     . VAL A 1 119 ? 8.905   -4.495  -0.527  1.00 15.78 ? 116 VAL A N     1 
ATOM   913  C CA    . VAL A 1 119 ? 8.758   -5.682  -1.353  1.00 16.67 ? 116 VAL A CA    1 
ATOM   914  C C     . VAL A 1 119 ? 7.417   -5.594  -2.088  1.00 20.40 ? 116 VAL A C     1 
ATOM   915  O O     . VAL A 1 119 ? 6.584   -4.739  -1.808  1.00 17.69 ? 116 VAL A O     1 
ATOM   916  C CB    . VAL A 1 119 ? 8.824   -6.983  -0.524  1.00 16.75 ? 116 VAL A CB    1 
ATOM   917  C CG1   . VAL A 1 119 ? 10.211  -7.144  0.136   1.00 20.21 ? 116 VAL A CG1   1 
ATOM   918  C CG2   . VAL A 1 119 ? 7.740   -6.993  0.528   1.00 15.92 ? 116 VAL A CG2   1 
ATOM   919  N N     . GLY A 1 120 ? 7.221   -6.499  -3.036  1.00 15.30 ? 117 GLY A N     1 
ATOM   920  C CA    . GLY A 1 120 ? 5.940   -6.504  -3.725  1.00 17.07 ? 117 GLY A CA    1 
ATOM   921  C C     . GLY A 1 120 ? 5.802   -5.464  -4.800  1.00 17.24 ? 117 GLY A C     1 
ATOM   922  O O     . GLY A 1 120 ? 4.692   -4.926  -4.988  1.00 19.81 ? 117 GLY A O     1 
ATOM   923  N N     . PHE A 1 121 ? 6.897   -5.135  -5.500  1.00 13.54 ? 118 PHE A N     1 
ATOM   924  C CA    . PHE A 1 121 ? 6.780   -4.364  -6.735  1.00 20.20 ? 118 PHE A CA    1 
ATOM   925  C C     . PHE A 1 121 ? 5.929   -5.151  -7.728  1.00 17.16 ? 118 PHE A C     1 
ATOM   926  O O     . PHE A 1 121 ? 5.924   -6.383  -7.717  1.00 16.50 ? 118 PHE A O     1 
ATOM   927  C CB    . PHE A 1 121 ? 8.157   -4.099  -7.365  1.00 15.44 ? 118 PHE A CB    1 
ATOM   928  C CG    . PHE A 1 121 ? 8.944   -2.979  -6.719  1.00 19.29 ? 118 PHE A CG    1 
ATOM   929  C CD1   . PHE A 1 121 ? 9.035   -2.861  -5.347  1.00 24.85 ? 118 PHE A CD1   1 
ATOM   930  C CD2   . PHE A 1 121 ? 9.631   -2.074  -7.501  1.00 20.37 ? 118 PHE A CD2   1 
ATOM   931  C CE1   . PHE A 1 121 ? 9.798   -1.817  -4.755  1.00 27.14 ? 118 PHE A CE1   1 
ATOM   932  C CE2   . PHE A 1 121 ? 10.391  -1.029  -6.926  1.00 22.92 ? 118 PHE A CE2   1 
ATOM   933  C CZ    . PHE A 1 121 ? 10.462  -0.907  -5.545  1.00 17.09 ? 118 PHE A CZ    1 
ATOM   934  N N     . THR A 1 122 ? 5.205   -4.448  -8.604  1.00 15.88 ? 119 THR A N     1 
ATOM   935  C CA    . THR A 1 122 ? 4.313   -5.128  -9.543  1.00 17.90 ? 119 THR A CA    1 
ATOM   936  C C     . THR A 1 122 ? 4.559   -4.678  -10.977 1.00 18.50 ? 119 THR A C     1 
ATOM   937  O O     . THR A 1 122 ? 5.055   -3.584  -11.241 1.00 17.24 ? 119 THR A O     1 
ATOM   938  C CB    . THR A 1 122 ? 2.835   -4.913  -9.186  1.00 17.04 ? 119 THR A CB    1 
ATOM   939  O OG1   . THR A 1 122 ? 2.526   -3.503  -9.192  1.00 16.50 ? 119 THR A OG1   1 
ATOM   940  C CG2   . THR A 1 122 ? 2.546   -5.481  -7.815  1.00 19.51 ? 119 THR A CG2   1 
ATOM   941  N N     . SER A 1 123 ? 4.164   -5.524  -11.920 1.00 16.00 ? 120 SER A N     1 
ATOM   942  C CA    . SER A 1 123 ? 4.297   -5.165  -13.325 1.00 14.93 ? 120 SER A CA    1 
ATOM   943  C C     . SER A 1 123 ? 3.386   -3.988  -13.683 1.00 14.78 ? 120 SER A C     1 
ATOM   944  O O     . SER A 1 123 ? 2.240   -3.925  -13.233 1.00 19.69 ? 120 SER A O     1 
ATOM   945  C CB    . SER A 1 123 ? 3.942   -6.380  -14.192 1.00 21.79 ? 120 SER A CB    1 
ATOM   946  O OG    . SER A 1 123 ? 3.907   -6.031  -15.564 1.00 19.62 ? 120 SER A OG    1 
ATOM   947  N N     . THR A 1 124 ? 3.883   -3.088  -14.534 1.00 15.81 ? 121 THR A N     1 
ATOM   948  C CA    . THR A 1 124 ? 3.073   -1.997  -15.059 1.00 18.59 ? 121 THR A CA    1 
ATOM   949  C C     . THR A 1 124 ? 2.225   -2.416  -16.249 1.00 23.77 ? 121 THR A C     1 
ATOM   950  O O     . THR A 1 124 ? 1.446   -1.592  -16.741 1.00 20.99 ? 121 THR A O     1 
ATOM   951  C CB    . THR A 1 124 ? 3.937   -0.815  -15.484 1.00 19.35 ? 121 THR A CB    1 
ATOM   952  O OG1   . THR A 1 124 ? 4.848   -1.216  -16.528 1.00 19.87 ? 121 THR A OG1   1 
ATOM   953  C CG2   . THR A 1 124 ? 4.739   -0.263  -14.273 1.00 17.27 ? 121 THR A CG2   1 
ATOM   954  N N     . ASP A 1 125 ? 2.396   -3.640  -16.751 1.00 17.40 ? 122 ASP A N     1 
ATOM   955  C CA    . ASP A 1 125 ? 1.574   -4.112  -17.862 1.00 21.43 ? 122 ASP A CA    1 
ATOM   956  C C     . ASP A 1 125 ? 0.118   -4.134  -17.430 1.00 22.01 ? 122 ASP A C     1 
ATOM   957  O O     . ASP A 1 125 ? -0.198  -4.476  -16.288 1.00 21.72 ? 122 ASP A O     1 
ATOM   958  C CB    . ASP A 1 125 ? 1.944   -5.550  -18.265 1.00 22.56 ? 122 ASP A CB    1 
ATOM   959  C CG    . ASP A 1 125 ? 3.212   -5.652  -19.059 1.00 29.53 ? 122 ASP A CG    1 
ATOM   960  O OD1   . ASP A 1 125 ? 3.969   -4.672  -19.156 1.00 30.79 ? 122 ASP A OD1   1 
ATOM   961  O OD2   . ASP A 1 125 ? 3.447   -6.765  -19.589 1.00 38.46 ? 122 ASP A OD2   1 
ATOM   962  N N     . GLY A 1 126 ? -0.771  -3.838  -18.358 1.00 25.44 ? 123 GLY A N     1 
ATOM   963  C CA    . GLY A 1 126 ? -2.180  -3.934  -18.027 1.00 33.63 ? 123 GLY A CA    1 
ATOM   964  C C     . GLY A 1 126 ? -2.766  -2.687  -17.397 1.00 23.39 ? 123 GLY A C     1 
ATOM   965  O O     . GLY A 1 126 ? -3.914  -2.721  -16.931 1.00 22.69 ? 123 GLY A O     1 
ATOM   966  N N     . TYR A 1 127 ? -2.000  -1.605  -17.337 1.00 20.65 ? 124 TYR A N     1 
ATOM   967  C CA    . TYR A 1 127 ? -2.467  -0.329  -16.817 1.00 19.85 ? 124 TYR A CA    1 
ATOM   968  C C     . TYR A 1 127 ? -2.294  0.742   -17.867 1.00 17.92 ? 124 TYR A C     1 
ATOM   969  O O     . TYR A 1 127 ? -1.335  0.735   -18.649 1.00 20.33 ? 124 TYR A O     1 
ATOM   970  C CB    . TYR A 1 127 ? -1.696  0.115   -15.572 1.00 15.67 ? 124 TYR A CB    1 
ATOM   971  C CG    . TYR A 1 127 ? -1.861  -0.781  -14.378 1.00 16.53 ? 124 TYR A CG    1 
ATOM   972  C CD1   . TYR A 1 127 ? -2.900  -0.576  -13.478 1.00 15.76 ? 124 TYR A CD1   1 
ATOM   973  C CD2   . TYR A 1 127 ? -0.956  -1.836  -14.134 1.00 18.14 ? 124 TYR A CD2   1 
ATOM   974  C CE1   . TYR A 1 127 ? -3.043  -1.369  -12.372 1.00 16.53 ? 124 TYR A CE1   1 
ATOM   975  C CE2   . TYR A 1 127 ? -1.084  -2.635  -13.028 1.00 14.97 ? 124 TYR A CE2   1 
ATOM   976  C CZ    . TYR A 1 127 ? -2.118  -2.402  -12.141 1.00 15.36 ? 124 TYR A CZ    1 
ATOM   977  O OH    . TYR A 1 127 ? -2.283  -3.194  -11.027 1.00 17.40 ? 124 TYR A OH    1 
ATOM   978  N N     . HIS A 1 128 ? -3.204  1.697   -17.846 1.00 16.53 ? 125 HIS A N     1 
ATOM   979  C CA    . HIS A 1 128 ? -3.094  2.863   -18.692 1.00 16.72 ? 125 HIS A CA    1 
ATOM   980  C C     . HIS A 1 128 ? -2.598  4.032   -17.843 1.00 19.24 ? 125 HIS A C     1 
ATOM   981  O O     . HIS A 1 128 ? -3.180  4.326   -16.799 1.00 21.39 ? 125 HIS A O     1 
ATOM   982  C CB    . HIS A 1 128 ? -4.450  3.187   -19.328 1.00 19.51 ? 125 HIS A CB    1 
ATOM   983  C CG    . HIS A 1 128 ? -4.336  4.135   -20.474 1.00 22.10 ? 125 HIS A CG    1 
ATOM   984  N ND1   . HIS A 1 128 ? -4.203  5.493   -20.292 1.00 24.69 ? 125 HIS A ND1   1 
ATOM   985  C CD2   . HIS A 1 128 ? -4.274  3.923   -21.814 1.00 27.17 ? 125 HIS A CD2   1 
ATOM   986  C CE1   . HIS A 1 128 ? -4.067  6.085   -21.466 1.00 26.28 ? 125 HIS A CE1   1 
ATOM   987  N NE2   . HIS A 1 128 ? -4.113  5.157   -22.408 1.00 32.25 ? 125 HIS A NE2   1 
ATOM   988  N N     . TYR A 1 129 ? -1.521  4.690   -18.271 1.00 19.83 ? 126 TYR A N     1 
ATOM   989  C CA    . TYR A 1 129 ? -1.125  5.925   -17.591 1.00 20.91 ? 126 TYR A CA    1 
ATOM   990  C C     . TYR A 1 129 ? -0.408  6.837   -18.568 1.00 24.86 ? 126 TYR A C     1 
ATOM   991  O O     . TYR A 1 129 ? 0.318   6.366   -19.454 1.00 22.40 ? 126 TYR A O     1 
ATOM   992  C CB    . TYR A 1 129 ? -0.231  5.679   -16.363 1.00 16.51 ? 126 TYR A CB    1 
ATOM   993  C CG    . TYR A 1 129 ? 0.969   4.791   -16.645 1.00 17.89 ? 126 TYR A CG    1 
ATOM   994  C CD1   . TYR A 1 129 ? 2.215   5.337   -16.953 1.00 25.69 ? 126 TYR A CD1   1 
ATOM   995  C CD2   . TYR A 1 129 ? 0.836   3.397   -16.620 1.00 21.04 ? 126 TYR A CD2   1 
ATOM   996  C CE1   . TYR A 1 129 ? 3.315   4.504   -17.221 1.00 26.11 ? 126 TYR A CE1   1 
ATOM   997  C CE2   . TYR A 1 129 ? 1.911   2.565   -16.890 1.00 27.15 ? 126 TYR A CE2   1 
ATOM   998  C CZ    . TYR A 1 129 ? 3.141   3.119   -17.181 1.00 31.56 ? 126 TYR A CZ    1 
ATOM   999  O OH    . TYR A 1 129 ? 4.193   2.269   -17.450 1.00 38.84 ? 126 TYR A OH    1 
ATOM   1000 N N     . GLU A 1 130 ? -0.630  8.143   -18.410 1.00 19.26 ? 127 GLU A N     1 
ATOM   1001 C CA    . GLU A 1 130 ? 0.068   9.134   -19.218 1.00 19.80 ? 127 GLU A CA    1 
ATOM   1002 C C     . GLU A 1 130 ? 1.427   9.477   -18.618 1.00 24.21 ? 127 GLU A C     1 
ATOM   1003 O O     . GLU A 1 130 ? 2.398   9.648   -19.361 1.00 23.56 ? 127 GLU A O     1 
ATOM   1004 C CB    . GLU A 1 130 ? -0.789  10.405  -19.372 1.00 25.11 ? 127 GLU A CB    1 
ATOM   1005 C CG    . GLU A 1 130 ? -2.213  10.153  -19.933 1.00 22.24 ? 127 GLU A CG    1 
ATOM   1006 C CD    . GLU A 1 130 ? -2.183  9.643   -21.392 1.00 40.45 ? 127 GLU A CD    1 
ATOM   1007 O OE1   . GLU A 1 130 ? -1.084  9.644   -21.999 1.00 36.78 ? 127 GLU A OE1   1 
ATOM   1008 O OE2   . GLU A 1 130 ? -3.250  9.248   -21.936 1.00 34.92 ? 127 GLU A OE2   1 
ATOM   1009 N N     . GLU A 1 131 ? 1.489   9.619   -17.289 1.00 21.74 ? 128 GLU A N     1 
ATOM   1010 C CA    . GLU A 1 131 ? 2.734   9.783   -16.532 1.00 26.43 ? 128 GLU A CA    1 
ATOM   1011 C C     . GLU A 1 131 ? 2.560   9.071   -15.201 1.00 18.20 ? 128 GLU A C     1 
ATOM   1012 O O     . GLU A 1 131 ? 1.440   8.782   -14.777 1.00 20.31 ? 128 GLU A O     1 
ATOM   1013 C CB    . GLU A 1 131 ? 3.089   11.249  -16.245 1.00 25.74 ? 128 GLU A CB    1 
ATOM   1014 C CG    . GLU A 1 131 ? 3.105   12.176  -17.448 1.00 34.94 ? 128 GLU A CG    1 
ATOM   1015 C CD    . GLU A 1 131 ? 4.339   11.989  -18.320 1.00 43.58 ? 128 GLU A CD    1 
ATOM   1016 O OE1   . GLU A 1 131 ? 4.353   12.523  -19.447 1.00 43.10 ? 128 GLU A OE1   1 
ATOM   1017 O OE2   . GLU A 1 131 ? 5.295   11.306  -17.883 1.00 31.12 ? 128 GLU A OE2   1 
ATOM   1018 N N     . THR A 1 132 ? 3.668   8.820   -14.517 1.00 19.34 ? 129 THR A N     1 
ATOM   1019 C CA    . THR A 1 132 ? 3.538   8.180   -13.214 1.00 22.94 ? 129 THR A CA    1 
ATOM   1020 C C     . THR A 1 132 ? 4.689   8.623   -12.325 1.00 20.84 ? 129 THR A C     1 
ATOM   1021 O O     . THR A 1 132 ? 5.777   8.946   -12.811 1.00 21.14 ? 129 THR A O     1 
ATOM   1022 C CB    . THR A 1 132 ? 3.487   6.648   -13.328 1.00 18.91 ? 129 THR A CB    1 
ATOM   1023 O OG1   . THR A 1 132 ? 3.354   6.078   -12.019 1.00 17.85 ? 129 THR A OG1   1 
ATOM   1024 C CG2   . THR A 1 132 ? 4.741   6.087   -13.967 1.00 19.75 ? 129 THR A CG2   1 
ATOM   1025 N N     . SER A 1 133 ? 4.424   8.661   -11.019 1.00 18.28 ? 130 SER A N     1 
ATOM   1026 C CA    . SER A 1 133 ? 5.454   8.899   -10.017 1.00 21.06 ? 130 SER A CA    1 
ATOM   1027 C C     . SER A 1 133 ? 5.691   7.686   -9.134  1.00 20.91 ? 130 SER A C     1 
ATOM   1028 O O     . SER A 1 133 ? 6.368   7.812   -8.107  1.00 18.19 ? 130 SER A O     1 
ATOM   1029 C CB    . SER A 1 133 ? 5.069   10.098  -9.144  1.00 29.38 ? 130 SER A CB    1 
ATOM   1030 O OG    . SER A 1 133 ? 4.890   11.227  -9.963  1.00 22.10 ? 130 SER A OG    1 
ATOM   1031 N N     . ILE A 1 134 ? 5.115   6.525   -9.471  1.00 15.54 ? 131 ILE A N     1 
ATOM   1032 C CA    . ILE A 1 134 ? 5.244   5.379   -8.569  1.00 14.96 ? 131 ILE A CA    1 
ATOM   1033 C C     . ILE A 1 134 ? 5.964   4.222   -9.263  1.00 16.52 ? 131 ILE A C     1 
ATOM   1034 O O     . ILE A 1 134 ? 5.724   3.047   -8.945  1.00 16.12 ? 131 ILE A O     1 
ATOM   1035 C CB    . ILE A 1 134 ? 3.873   4.932   -8.017  1.00 14.01 ? 131 ILE A CB    1 
ATOM   1036 C CG1   . ILE A 1 134 ? 2.855   4.707   -9.149  1.00 15.62 ? 131 ILE A CG1   1 
ATOM   1037 C CG2   . ILE A 1 134 ? 3.306   5.979   -7.006  1.00 13.22 ? 131 ILE A CG2   1 
ATOM   1038 C CD1   . ILE A 1 134 ? 1.689   3.736   -8.708  1.00 13.13 ? 131 ILE A CD1   1 
ATOM   1039 N N     . ILE A 1 135 ? 6.895   4.524   -10.168 1.00 16.27 ? 132 ILE A N     1 
ATOM   1040 C CA    . ILE A 1 135 ? 7.740   3.473   -10.746 1.00 16.36 ? 132 ILE A CA    1 
ATOM   1041 C C     . ILE A 1 135 ? 9.176   3.617   -10.258 1.00 16.26 ? 132 ILE A C     1 
ATOM   1042 O O     . ILE A 1 135 ? 9.718   4.729   -10.198 1.00 18.10 ? 132 ILE A O     1 
ATOM   1043 C CB    . ILE A 1 135 ? 7.707   3.493   -12.286 1.00 15.89 ? 132 ILE A CB    1 
ATOM   1044 C CG1   . ILE A 1 135 ? 6.363   2.993   -12.820 1.00 16.88 ? 132 ILE A CG1   1 
ATOM   1045 C CG2   . ILE A 1 135 ? 8.842   2.639   -12.852 1.00 20.15 ? 132 ILE A CG2   1 
ATOM   1046 C CD1   . ILE A 1 135 ? 6.316   3.041   -14.354 1.00 21.41 ? 132 ILE A CD1   1 
ATOM   1047 N N     . GLU A 1 136 ? 9.798   2.481   -9.927  1.00 17.69 ? 133 GLU A N     1 
ATOM   1048 C CA    . GLU A 1 136 ? 11.245  2.368   -9.774  1.00 16.37 ? 133 GLU A CA    1 
ATOM   1049 C C     . GLU A 1 136 ? 11.646  1.048   -10.408 1.00 17.28 ? 133 GLU A C     1 
ATOM   1050 O O     . GLU A 1 136 ? 10.939  0.052   -10.248 1.00 15.56 ? 133 GLU A O     1 
ATOM   1051 C CB    . GLU A 1 136 ? 11.686  2.367   -8.299  1.00 19.11 ? 133 GLU A CB    1 
ATOM   1052 C CG    . GLU A 1 136 ? 11.334  3.625   -7.485  1.00 16.66 ? 133 GLU A CG    1 
ATOM   1053 C CD    . GLU A 1 136 ? 12.063  4.871   -7.963  1.00 22.54 ? 133 GLU A CD    1 
ATOM   1054 O OE1   . GLU A 1 136 ? 11.671  5.976   -7.546  1.00 19.61 ? 133 GLU A OE1   1 
ATOM   1055 O OE2   . GLU A 1 136 ? 13.011  4.770   -8.778  1.00 19.79 ? 133 GLU A OE2   1 
ATOM   1056 N N     . ASN A 1 137 ? 12.770  1.034   -11.122 1.00 19.17 ? 134 ASN A N     1 
ATOM   1057 C CA    . ASN A 1 137 ? 13.263  -0.205  -11.731 1.00 20.04 ? 134 ASN A CA    1 
ATOM   1058 C C     . ASN A 1 137 ? 12.230  -0.805  -12.692 1.00 22.09 ? 134 ASN A C     1 
ATOM   1059 O O     . ASN A 1 137 ? 12.063  -2.020  -12.767 1.00 19.27 ? 134 ASN A O     1 
ATOM   1060 C CB    . ASN A 1 137 ? 13.658  -1.214  -10.650 1.00 19.08 ? 134 ASN A CB    1 
ATOM   1061 C CG    . ASN A 1 137 ? 14.829  -0.705  -9.792  1.00 24.74 ? 134 ASN A CG    1 
ATOM   1062 O OD1   . ASN A 1 137 ? 15.749  -0.095  -10.319 1.00 19.47 ? 134 ASN A OD1   1 
ATOM   1063 N ND2   . ASN A 1 137 ? 14.774  -0.925  -8.493  1.00 15.99 ? 134 ASN A ND2   1 
ATOM   1064 N N     . GLY A 1 138 ? 11.519  0.056   -13.416 1.00 19.88 ? 135 GLY A N     1 
ATOM   1065 C CA    . GLY A 1 138 ? 10.570  -0.423  -14.411 1.00 25.36 ? 135 GLY A CA    1 
ATOM   1066 C C     . GLY A 1 138 ? 9.311   -1.073  -13.873 1.00 21.90 ? 135 GLY A C     1 
ATOM   1067 O O     . GLY A 1 138 ? 8.539   -1.635  -14.667 1.00 22.52 ? 135 GLY A O     1 
ATOM   1068 N N     . LYS A 1 139 ? 9.072   -1.029  -12.558 1.00 15.72 ? 136 LYS A N     1 
ATOM   1069 C CA    . LYS A 1 139 ? 7.886   -1.627  -11.962 1.00 15.95 ? 136 LYS A CA    1 
ATOM   1070 C C     . LYS A 1 139 ? 7.218   -0.616  -11.044 1.00 16.01 ? 136 LYS A C     1 
ATOM   1071 O O     . LYS A 1 139 ? 7.850   0.332   -10.578 1.00 18.39 ? 136 LYS A O     1 
ATOM   1072 C CB    . LYS A 1 139 ? 8.208   -2.890  -11.150 1.00 19.14 ? 136 LYS A CB    1 
ATOM   1073 C CG    . LYS A 1 139 ? 8.779   -4.050  -11.964 1.00 23.33 ? 136 LYS A CG    1 
ATOM   1074 C CD    . LYS A 1 139 ? 9.068   -5.235  -11.035 1.00 31.54 ? 136 LYS A CD    1 
ATOM   1075 C CE    . LYS A 1 139 ? 9.827   -6.345  -11.770 1.00 40.07 ? 136 LYS A CE    1 
ATOM   1076 N NZ    . LYS A 1 139 ? 9.032   -6.909  -12.896 1.00 48.44 ? 136 LYS A NZ    1 
ATOM   1077 N N     . PHE A 1 140 ? 5.932   -0.831  -10.777 1.00 18.78 ? 137 PHE A N     1 
ATOM   1078 C CA    . PHE A 1 140 ? 5.265   -0.074  -9.723  1.00 15.70 ? 137 PHE A CA    1 
ATOM   1079 C C     . PHE A 1 140 ? 5.820   -0.483  -8.362  1.00 14.74 ? 137 PHE A C     1 
ATOM   1080 O O     . PHE A 1 140 ? 6.057   -1.668  -8.098  1.00 15.34 ? 137 PHE A O     1 
ATOM   1081 C CB    . PHE A 1 140 ? 3.752   -0.328  -9.746  1.00 12.39 ? 137 PHE A CB    1 
ATOM   1082 C CG    . PHE A 1 140 ? 3.016   0.400   -10.840 1.00 17.97 ? 137 PHE A CG    1 
ATOM   1083 C CD1   . PHE A 1 140 ? 3.357   1.702   -11.204 1.00 16.39 ? 137 PHE A CD1   1 
ATOM   1084 C CD2   . PHE A 1 140 ? 1.961   -0.228  -11.500 1.00 19.78 ? 137 PHE A CD2   1 
ATOM   1085 C CE1   . PHE A 1 140 ? 2.657   2.360   -12.201 1.00 20.00 ? 137 PHE A CE1   1 
ATOM   1086 C CE2   . PHE A 1 140 ? 1.265   0.421   -12.520 1.00 18.01 ? 137 PHE A CE2   1 
ATOM   1087 C CZ    . PHE A 1 140 ? 1.608   1.721   -12.858 1.00 18.90 ? 137 PHE A CZ    1 
ATOM   1088 N N     . ILE A 1 141 ? 5.990   0.509   -7.476  1.00 15.18 ? 138 ILE A N     1 
ATOM   1089 C CA    . ILE A 1 141 ? 6.599   0.291   -6.170  1.00 16.25 ? 138 ILE A CA    1 
ATOM   1090 C C     . ILE A 1 141 ? 5.646   -0.385  -5.193  1.00 17.23 ? 138 ILE A C     1 
ATOM   1091 O O     . ILE A 1 141 ? 5.957   -0.514  -4.007  1.00 18.05 ? 138 ILE A O     1 
ATOM   1092 C CB    . ILE A 1 141 ? 7.106   1.619   -5.581  1.00 13.88 ? 138 ILE A CB    1 
ATOM   1093 C CG1   . ILE A 1 141 ? 5.933   2.614   -5.463  1.00 17.43 ? 138 ILE A CG1   1 
ATOM   1094 C CG2   . ILE A 1 141 ? 8.247   2.159   -6.479  1.00 14.39 ? 138 ILE A CG2   1 
ATOM   1095 C CD1   . ILE A 1 141 ? 6.380   4.050   -5.040  1.00 14.87 ? 138 ILE A CD1   1 
ATOM   1096 N N     . GLY A 1 142 ? 4.494   -0.837  -5.673  1.00 16.42 ? 139 GLY A N     1 
ATOM   1097 C CA    . GLY A 1 142 ? 3.588   -1.565  -4.807  1.00 12.77 ? 139 GLY A CA    1 
ATOM   1098 C C     . GLY A 1 142 ? 2.446   -2.116  -5.635  1.00 14.91 ? 139 GLY A C     1 
ATOM   1099 O O     . GLY A 1 142 ? 2.504   -2.119  -6.859  1.00 14.31 ? 139 GLY A O     1 
ATOM   1100 N N     . LEU A 1 143 ? 1.400   -2.570  -4.948  1.00 15.31 ? 140 LEU A N     1 
ATOM   1101 C CA    . LEU A 1 143 ? 0.199   -3.076  -5.615  1.00 15.88 ? 140 LEU A CA    1 
ATOM   1102 C C     . LEU A 1 143 ? -0.732  -1.916  -5.962  1.00 13.55 ? 140 LEU A C     1 
ATOM   1103 O O     . LEU A 1 143 ? -1.091  -1.119  -5.090  1.00 17.02 ? 140 LEU A O     1 
ATOM   1104 C CB    . LEU A 1 143 ? -0.527  -4.076  -4.706  1.00 12.69 ? 140 LEU A CB    1 
ATOM   1105 C CG    . LEU A 1 143 ? -1.825  -4.691  -5.214  1.00 15.66 ? 140 LEU A CG    1 
ATOM   1106 C CD1   . LEU A 1 143 ? -1.569  -5.551  -6.449  1.00 15.88 ? 140 LEU A CD1   1 
ATOM   1107 C CD2   . LEU A 1 143 ? -2.475  -5.473  -4.095  1.00 15.26 ? 140 LEU A CD2   1 
ATOM   1108 N N     . ALA A 1 144 ? -1.150  -1.840  -7.226  1.00 16.38 ? 141 ALA A N     1 
ATOM   1109 C CA    . ALA A 1 144 ? -1.979  -0.734  -7.711  1.00 13.86 ? 141 ALA A CA    1 
ATOM   1110 C C     . ALA A 1 144 ? -3.348  -1.271  -8.120  1.00 18.86 ? 141 ALA A C     1 
ATOM   1111 O O     . ALA A 1 144 ? -3.450  -2.086  -9.044  1.00 16.95 ? 141 ALA A O     1 
ATOM   1112 C CB    . ALA A 1 144 ? -1.285  -0.015  -8.871  1.00 14.91 ? 141 ALA A CB    1 
ATOM   1113 N N     . LEU A 1 145 ? -4.393  -0.831  -7.420  1.00 16.72 ? 142 LEU A N     1 
ATOM   1114 C CA    . LEU A 1 145 ? -5.743  -1.327  -7.630  1.00 15.48 ? 142 LEU A CA    1 
ATOM   1115 C C     . LEU A 1 145 ? -6.631  -0.227  -8.194  1.00 18.01 ? 142 LEU A C     1 
ATOM   1116 O O     . LEU A 1 145 ? -6.488  0.950   -7.839  1.00 16.01 ? 142 LEU A O     1 
ATOM   1117 C CB    . LEU A 1 145 ? -6.330  -1.862  -6.323  1.00 12.94 ? 142 LEU A CB    1 
ATOM   1118 C CG    . LEU A 1 145 ? -5.440  -2.955  -5.716  1.00 15.28 ? 142 LEU A CG    1 
ATOM   1119 C CD1   . LEU A 1 145 ? -5.971  -3.347  -4.348  1.00 10.87 ? 142 LEU A CD1   1 
ATOM   1120 C CD2   . LEU A 1 145 ? -5.365  -4.146  -6.644  1.00 13.32 ? 142 LEU A CD2   1 
ATOM   1121 N N     . ASP A 1 146 ? -7.559  -0.611  -9.070  1.00 14.23 ? 143 ASP A N     1 
ATOM   1122 C CA    . ASP A 1 146 ? -8.477  0.354   -9.678  1.00 14.23 ? 143 ASP A CA    1 
ATOM   1123 C C     . ASP A 1 146 ? -9.857  -0.301  -9.618  1.00 18.75 ? 143 ASP A C     1 
ATOM   1124 O O     . ASP A 1 146 ? -10.188 -1.148  -10.456 1.00 15.64 ? 143 ASP A O     1 
ATOM   1125 C CB    . ASP A 1 146 ? -8.058  0.695   -11.112 1.00 15.96 ? 143 ASP A CB    1 
ATOM   1126 C CG    . ASP A 1 146 ? -8.954  1.768   -11.756 1.00 14.36 ? 143 ASP A CG    1 
ATOM   1127 O OD1   . ASP A 1 146 ? -10.118 1.928   -11.333 1.00 17.68 ? 143 ASP A OD1   1 
ATOM   1128 O OD2   . ASP A 1 146 ? -8.501  2.433   -12.711 1.00 15.31 ? 143 ASP A OD2   1 
ATOM   1129 N N     . GLU A 1 147 ? -10.625 0.035   -8.583  1.00 16.89 ? 144 GLU A N     1 
ATOM   1130 C CA    . GLU A 1 147 ? -11.951 -0.546  -8.388  1.00 18.90 ? 144 GLU A CA    1 
ATOM   1131 C C     . GLU A 1 147 ? -12.999 0.029   -9.334  1.00 20.50 ? 144 GLU A C     1 
ATOM   1132 O O     . GLU A 1 147 ? -14.069 -0.581  -9.499  1.00 23.80 ? 144 GLU A O     1 
ATOM   1133 C CB    . GLU A 1 147 ? -12.427 -0.319  -6.946  1.00 18.28 ? 144 GLU A CB    1 
ATOM   1134 C CG    . GLU A 1 147 ? -11.955 -1.338  -5.980  1.00 31.40 ? 144 GLU A CG    1 
ATOM   1135 C CD    . GLU A 1 147 ? -12.323 -2.763  -6.390  1.00 25.06 ? 144 GLU A CD    1 
ATOM   1136 O OE1   . GLU A 1 147 ? -13.454 -3.230  -6.148  1.00 37.09 ? 144 GLU A OE1   1 
ATOM   1137 O OE2   . GLU A 1 147 ? -11.454 -3.407  -6.955  1.00 24.36 ? 144 GLU A OE2   1 
ATOM   1138 N N     A GLU A 1 148 ? -12.721 1.167   -9.971  0.41 21.64 ? 145 GLU A N     1 
ATOM   1139 N N     B GLU A 1 148 ? -12.755 1.213   -9.898  0.59 21.62 ? 145 GLU A N     1 
ATOM   1140 C CA    A GLU A 1 148 ? -13.697 1.807   -10.847 0.41 21.90 ? 145 GLU A CA    1 
ATOM   1141 C CA    B GLU A 1 148 ? -13.702 1.771   -10.858 0.59 21.93 ? 145 GLU A CA    1 
ATOM   1142 C C     A GLU A 1 148 ? -13.537 1.418   -12.308 0.41 18.57 ? 145 GLU A C     1 
ATOM   1143 C C     B GLU A 1 148 ? -13.603 1.051   -12.191 0.59 20.62 ? 145 GLU A C     1 
ATOM   1144 O O     A GLU A 1 148 ? -14.482 1.578   -13.088 0.41 17.79 ? 145 GLU A O     1 
ATOM   1145 O O     B GLU A 1 148 ? -14.618 0.612   -12.751 0.59 17.84 ? 145 GLU A O     1 
ATOM   1146 C CB    A GLU A 1 148 ? -13.598 3.323   -10.707 0.41 21.30 ? 145 GLU A CB    1 
ATOM   1147 C CB    B GLU A 1 148 ? -13.444 3.262   -11.061 0.59 18.83 ? 145 GLU A CB    1 
ATOM   1148 C CG    A GLU A 1 148 ? -13.228 3.724   -9.293  0.41 26.43 ? 145 GLU A CG    1 
ATOM   1149 C CG    B GLU A 1 148 ? -13.915 4.135   -9.920  0.59 28.70 ? 145 GLU A CG    1 
ATOM   1150 C CD    A GLU A 1 148 ? -13.510 5.173   -8.980  0.41 27.67 ? 145 GLU A CD    1 
ATOM   1151 C CD    B GLU A 1 148 ? -12.778 4.590   -9.009  0.59 26.55 ? 145 GLU A CD    1 
ATOM   1152 O OE1   A GLU A 1 148 ? -13.719 5.989   -9.911  0.41 29.26 ? 145 GLU A OE1   1 
ATOM   1153 O OE1   B GLU A 1 148 ? -11.725 3.906   -8.915  0.59 28.63 ? 145 GLU A OE1   1 
ATOM   1154 O OE2   A GLU A 1 148 ? -13.543 5.488   -7.774  0.41 24.52 ? 145 GLU A OE2   1 
ATOM   1155 O OE2   B GLU A 1 148 ? -12.934 5.658   -8.391  0.59 29.37 ? 145 GLU A OE2   1 
ATOM   1156 N N     . ASN A 1 149 ? -12.377 0.898   -12.693 1.00 15.48 ? 146 ASN A N     1 
ATOM   1157 C CA    . ASN A 1 149 ? -12.154 0.431   -14.045 1.00 17.91 ? 146 ASN A CA    1 
ATOM   1158 C C     . ASN A 1 149 ? -11.729 -1.019  -14.120 1.00 16.35 ? 146 ASN A C     1 
ATOM   1159 O O     . ASN A 1 149 ? -11.980 -1.666  -15.149 1.00 19.72 ? 146 ASN A O     1 
ATOM   1160 C CB    . ASN A 1 149 ? -11.105 1.303   -14.744 1.00 19.27 ? 146 ASN A CB    1 
ATOM   1161 C CG    . ASN A 1 149 ? -11.559 2.737   -14.911 1.00 24.15 ? 146 ASN A CG    1 
ATOM   1162 O OD1   . ASN A 1 149 ? -12.491 3.019   -15.666 1.00 21.03 ? 146 ASN A OD1   1 
ATOM   1163 N ND2   . ASN A 1 149 ? -10.890 3.651   -14.235 1.00 17.46 ? 146 ASN A ND2   1 
ATOM   1164 N N     . GLN A 1 150 ? -11.134 -1.569  -13.051 1.00 15.43 ? 147 GLN A N     1 
ATOM   1165 C CA    . GLN A 1 150 ? -10.705 -2.959  -13.117 1.00 14.83 ? 147 GLN A CA    1 
ATOM   1166 C C     . GLN A 1 150 ? -11.077 -3.723  -11.854 1.00 14.11 ? 147 GLN A C     1 
ATOM   1167 O O     . GLN A 1 150 ? -10.229 -4.422  -11.286 1.00 15.30 ? 147 GLN A O     1 
ATOM   1168 C CB    . GLN A 1 150 ? -9.188  -3.030  -13.350 1.00 22.73 ? 147 GLN A CB    1 
ATOM   1169 C CG    . GLN A 1 150 ? -8.746  -2.388  -14.669 1.00 17.86 ? 147 GLN A CG    1 
ATOM   1170 C CD    . GLN A 1 150 ? -7.254  -2.385  -14.829 1.00 23.69 ? 147 GLN A CD    1 
ATOM   1171 O OE1   . GLN A 1 150 ? -6.519  -2.048  -13.897 1.00 18.44 ? 147 GLN A OE1   1 
ATOM   1172 N NE2   . GLN A 1 150 ? -6.784  -2.762  -16.013 1.00 21.12 ? 147 GLN A NE2   1 
ATOM   1173 N N     . PRO A 1 151 ? -12.326 -3.627  -11.386 1.00 16.87 ? 148 PRO A N     1 
ATOM   1174 C CA    . PRO A 1 151 ? -12.697 -4.346  -10.158 1.00 18.89 ? 148 PRO A CA    1 
ATOM   1175 C C     . PRO A 1 151 ? -12.575 -5.849  -10.301 1.00 20.25 ? 148 PRO A C     1 
ATOM   1176 O O     . PRO A 1 151 ? -12.317 -6.550  -9.308  1.00 17.68 ? 148 PRO A O     1 
ATOM   1177 C CB    . PRO A 1 151 ? -14.163 -3.918  -9.924  1.00 19.70 ? 148 PRO A CB    1 
ATOM   1178 C CG    . PRO A 1 151 ? -14.665 -3.620  -11.328 1.00 19.73 ? 148 PRO A CG    1 
ATOM   1179 C CD    . PRO A 1 151 ? -13.482 -2.930  -11.990 1.00 15.22 ? 148 PRO A CD    1 
ATOM   1180 N N     . ASN A 1 152 ? -12.755 -6.376  -11.515 1.00 13.81 ? 149 ASN A N     1 
ATOM   1181 C CA    . ASN A 1 152 ? -12.739 -7.823  -11.662 1.00 14.52 ? 149 ASN A CA    1 
ATOM   1182 C C     . ASN A 1 152 ? -11.338 -8.391  -11.554 1.00 13.50 ? 149 ASN A C     1 
ATOM   1183 O O     . ASN A 1 152 ? -11.199 -9.599  -11.359 1.00 17.24 ? 149 ASN A O     1 
ATOM   1184 C CB    . ASN A 1 152 ? -13.376 -8.206  -12.994 1.00 17.60 ? 149 ASN A CB    1 
ATOM   1185 C CG    . ASN A 1 152 ? -14.839 -7.841  -13.034 1.00 16.94 ? 149 ASN A CG    1 
ATOM   1186 O OD1   . ASN A 1 152 ? -15.517 -7.939  -12.023 1.00 18.92 ? 149 ASN A OD1   1 
ATOM   1187 N ND2   . ASN A 1 152 ? -15.329 -7.414  -14.193 1.00 17.12 ? 149 ASN A ND2   1 
ATOM   1188 N N     . LEU A 1 153 ? -10.306 -7.545  -11.661 1.00 15.22 ? 150 LEU A N     1 
ATOM   1189 C CA    . LEU A 1 153 ? -8.921  -7.983  -11.483 1.00 18.62 ? 150 LEU A CA    1 
ATOM   1190 C C     . LEU A 1 153 ? -8.415  -7.900  -10.037 1.00 18.00 ? 150 LEU A C     1 
ATOM   1191 O O     . LEU A 1 153 ? -7.367  -8.482  -9.726  1.00 16.99 ? 150 LEU A O     1 
ATOM   1192 C CB    . LEU A 1 153 ? -8.006  -7.140  -12.394 1.00 14.14 ? 150 LEU A CB    1 
ATOM   1193 C CG    . LEU A 1 153 ? -8.353  -7.115  -13.883 1.00 23.90 ? 150 LEU A CG    1 
ATOM   1194 C CD1   . LEU A 1 153 ? -7.306  -6.308  -14.717 1.00 22.97 ? 150 LEU A CD1   1 
ATOM   1195 C CD2   . LEU A 1 153 ? -8.454  -8.537  -14.408 1.00 21.35 ? 150 LEU A CD2   1 
ATOM   1196 N N     . THR A 1 154 ? -9.107  -7.176  -9.156  1.00 17.53 ? 151 THR A N     1 
ATOM   1197 C CA    . THR A 1 154 ? -8.620  -6.963  -7.787  1.00 18.53 ? 151 THR A CA    1 
ATOM   1198 C C     . THR A 1 154 ? -8.419  -8.246  -6.977  1.00 19.97 ? 151 THR A C     1 
ATOM   1199 O O     . THR A 1 154 ? -7.355  -8.385  -6.336  1.00 16.91 ? 151 THR A O     1 
ATOM   1200 C CB    . THR A 1 154 ? -9.581  -5.993  -7.082  1.00 19.64 ? 151 THR A CB    1 
ATOM   1201 O OG1   . THR A 1 154 ? -9.423  -4.704  -7.665  1.00 16.64 ? 151 THR A OG1   1 
ATOM   1202 C CG2   . THR A 1 154 ? -9.270  -5.890  -5.585  1.00 17.94 ? 151 THR A CG2   1 
ATOM   1203 N N     . PRO A 1 155 ? -9.366  -9.206  -6.918  1.00 17.74 ? 152 PRO A N     1 
ATOM   1204 C CA    . PRO A 1 155 ? -9.118  -10.389 -6.074  1.00 17.74 ? 152 PRO A CA    1 
ATOM   1205 C C     . PRO A 1 155 ? -7.832  -11.119 -6.412  1.00 21.12 ? 152 PRO A C     1 
ATOM   1206 O O     . PRO A 1 155 ? -7.045  -11.417 -5.504  1.00 19.17 ? 152 PRO A O     1 
ATOM   1207 C CB    . PRO A 1 155 ? -10.369 -11.261 -6.323  1.00 19.72 ? 152 PRO A CB    1 
ATOM   1208 C CG    . PRO A 1 155 ? -11.437 -10.207 -6.613  1.00 16.02 ? 152 PRO A CG    1 
ATOM   1209 C CD    . PRO A 1 155 ? -10.743 -9.211  -7.461  1.00 16.05 ? 152 PRO A CD    1 
ATOM   1210 N N     . LYS A 1 156 ? -7.588  -11.405 -7.699  1.00 17.00 ? 153 LYS A N     1 
ATOM   1211 C CA    . LYS A 1 156 ? -6.375  -12.137 -8.055  1.00 19.08 ? 153 LYS A CA    1 
ATOM   1212 C C     . LYS A 1 156 ? -5.140  -11.263 -7.879  1.00 18.04 ? 153 LYS A C     1 
ATOM   1213 O O     . LYS A 1 156 ? -4.096  -11.751 -7.440  1.00 17.55 ? 153 LYS A O     1 
ATOM   1214 C CB    . LYS A 1 156 ? -6.450  -12.643 -9.496  1.00 18.46 ? 153 LYS A CB    1 
ATOM   1215 C CG    . LYS A 1 156 ? -5.196  -13.450 -9.925  1.00 26.04 ? 153 LYS A CG    1 
ATOM   1216 C CD    . LYS A 1 156 ? -5.419  -14.075 -11.291 1.00 34.79 ? 153 LYS A CD    1 
ATOM   1217 C CE    . LYS A 1 156 ? -4.364  -15.125 -11.607 1.00 39.74 ? 153 LYS A CE    1 
ATOM   1218 N NZ    . LYS A 1 156 ? -3.143  -14.512 -12.155 1.00 33.90 ? 153 LYS A NZ    1 
ATOM   1219 N N     . ARG A 1 157 ? -5.241  -9.969  -8.205  1.00 15.70 ? 154 ARG A N     1 
ATOM   1220 C CA    . ARG A 1 157 ? -4.107  -9.067  -7.993  1.00 15.84 ? 154 ARG A CA    1 
ATOM   1221 C C     . ARG A 1 157 ? -3.664  -9.093  -6.532  1.00 16.99 ? 154 ARG A C     1 
ATOM   1222 O O     . ARG A 1 157 ? -2.466  -9.212  -6.227  1.00 16.96 ? 154 ARG A O     1 
ATOM   1223 C CB    . ARG A 1 157 ? -4.488  -7.646  -8.424  1.00 16.92 ? 154 ARG A CB    1 
ATOM   1224 C CG    . ARG A 1 157 ? -4.271  -7.403  -9.914  1.00 15.33 ? 154 ARG A CG    1 
ATOM   1225 C CD    . ARG A 1 157 ? -4.792  -6.011  -10.319 1.00 13.37 ? 154 ARG A CD    1 
ATOM   1226 N NE    . ARG A 1 157 ? -4.369  -5.641  -11.667 1.00 15.36 ? 154 ARG A NE    1 
ATOM   1227 C CZ    . ARG A 1 157 ? -4.839  -4.604  -12.335 1.00 16.93 ? 154 ARG A CZ    1 
ATOM   1228 N NH1   . ARG A 1 157 ? -5.792  -3.829  -11.790 1.00 15.18 ? 154 ARG A NH1   1 
ATOM   1229 N NH2   . ARG A 1 157 ? -4.377  -4.341  -13.553 1.00 14.54 ? 154 ARG A NH2   1 
ATOM   1230 N N     . ILE A 1 158 ? -4.619  -9.034  -5.609  1.00 14.03 ? 155 ILE A N     1 
ATOM   1231 C CA    . ILE A 1 158 ? -4.267  -9.066  -4.187  1.00 18.89 ? 155 ILE A CA    1 
ATOM   1232 C C     . ILE A 1 158 ? -3.737  -10.444 -3.785  1.00 18.99 ? 155 ILE A C     1 
ATOM   1233 O O     . ILE A 1 158 ? -2.709  -10.557 -3.105  1.00 15.05 ? 155 ILE A O     1 
ATOM   1234 C CB    . ILE A 1 158 ? -5.472  -8.666  -3.327  1.00 13.61 ? 155 ILE A CB    1 
ATOM   1235 C CG1   . ILE A 1 158 ? -5.850  -7.207  -3.581  1.00 14.30 ? 155 ILE A CG1   1 
ATOM   1236 C CG2   . ILE A 1 158 ? -5.160  -8.893  -1.829  1.00 17.14 ? 155 ILE A CG2   1 
ATOM   1237 C CD1   . ILE A 1 158 ? -7.098  -6.780  -2.791  1.00 19.66 ? 155 ILE A CD1   1 
ATOM   1238 N N     . GLY A 1 159 ? -4.439  -11.516 -4.168  1.00 15.60 ? 156 GLY A N     1 
ATOM   1239 C CA    . GLY A 1 159 ? -3.974  -12.854 -3.788  1.00 16.75 ? 156 GLY A CA    1 
ATOM   1240 C C     . GLY A 1 159 ? -2.562  -13.166 -4.271  1.00 18.31 ? 156 GLY A C     1 
ATOM   1241 O O     . GLY A 1 159 ? -1.732  -13.686 -3.515  1.00 19.36 ? 156 GLY A O     1 
ATOM   1242 N N     . ASP A 1 160 ? -2.276  -12.874 -5.544  1.00 18.25 ? 157 ASP A N     1 
ATOM   1243 C CA    . ASP A 1 160 ? -0.919  -13.079 -6.064  1.00 19.50 ? 157 ASP A CA    1 
ATOM   1244 C C     . ASP A 1 160 ? 0.104   -12.246 -5.287  1.00 29.70 ? 157 ASP A C     1 
ATOM   1245 O O     . ASP A 1 160 ? 1.216   -12.711 -4.983  1.00 19.41 ? 157 ASP A O     1 
ATOM   1246 C CB    . ASP A 1 160 ? -0.835  -12.671 -7.537  1.00 18.84 ? 157 ASP A CB    1 
ATOM   1247 C CG    . ASP A 1 160 ? -1.535  -13.636 -8.485  1.00 22.71 ? 157 ASP A CG    1 
ATOM   1248 O OD1   . ASP A 1 160 ? -1.942  -14.730 -8.059  1.00 22.81 ? 157 ASP A OD1   1 
ATOM   1249 O OD2   . ASP A 1 160 ? -1.646  -13.269 -9.672  1.00 26.00 ? 157 ASP A OD2   1 
ATOM   1250 N N     . TRP A 1 161 ? -0.243  -10.991 -5.007  1.00 18.88 ? 158 TRP A N     1 
ATOM   1251 C CA    . TRP A 1 161 ? 0.662   -10.080 -4.313  1.00 18.53 ? 158 TRP A CA    1 
ATOM   1252 C C     . TRP A 1 161 ? 0.956   -10.559 -2.899  1.00 16.24 ? 158 TRP A C     1 
ATOM   1253 O O     . TRP A 1 161 ? 2.121   -10.551 -2.453  1.00 17.99 ? 158 TRP A O     1 
ATOM   1254 C CB    . TRP A 1 161 ? 0.024   -8.682  -4.305  1.00 14.52 ? 158 TRP A CB    1 
ATOM   1255 C CG    . TRP A 1 161 ? 0.912   -7.570  -3.818  1.00 12.92 ? 158 TRP A CG    1 
ATOM   1256 C CD1   . TRP A 1 161 ? 1.939   -6.954  -4.506  1.00 14.00 ? 158 TRP A CD1   1 
ATOM   1257 C CD2   . TRP A 1 161 ? 0.829   -6.920  -2.547  1.00 16.45 ? 158 TRP A CD2   1 
ATOM   1258 N NE1   . TRP A 1 161 ? 2.523   -5.973  -3.707  1.00 14.45 ? 158 TRP A NE1   1 
ATOM   1259 C CE2   . TRP A 1 161 ? 1.849   -5.932  -2.506  1.00 15.75 ? 158 TRP A CE2   1 
ATOM   1260 C CE3   . TRP A 1 161 ? 0.014   -7.099  -1.420  1.00 14.40 ? 158 TRP A CE3   1 
ATOM   1261 C CZ2   . TRP A 1 161 ? 2.046   -5.105  -1.391  1.00 13.87 ? 158 TRP A CZ2   1 
ATOM   1262 C CZ3   . TRP A 1 161 ? 0.208   -6.278  -0.310  1.00 17.52 ? 158 TRP A CZ3   1 
ATOM   1263 C CH2   . TRP A 1 161 ? 1.237   -5.290  -0.306  1.00 11.77 ? 158 TRP A CH2   1 
ATOM   1264 N N     . ILE A 1 162 ? -0.086  -10.971 -2.172  1.00 16.89 ? 159 ILE A N     1 
ATOM   1265 C CA    . ILE A 1 162 ? 0.090   -11.481 -0.809  1.00 19.35 ? 159 ILE A CA    1 
ATOM   1266 C C     . ILE A 1 162 ? 0.963   -12.729 -0.812  1.00 20.91 ? 159 ILE A C     1 
ATOM   1267 O O     . ILE A 1 162 ? 1.829   -12.899 0.057   1.00 18.18 ? 159 ILE A O     1 
ATOM   1268 C CB    . ILE A 1 162 ? -1.281  -11.764 -0.156  1.00 16.36 ? 159 ILE A CB    1 
ATOM   1269 C CG1   . ILE A 1 162 ? -2.037  -10.454 0.097   1.00 17.01 ? 159 ILE A CG1   1 
ATOM   1270 C CG2   . ILE A 1 162 ? -1.118  -12.570 1.136   1.00 18.24 ? 159 ILE A CG2   1 
ATOM   1271 C CD1   . ILE A 1 162 ? -1.404  -9.514  1.144   1.00 17.48 ? 159 ILE A CD1   1 
ATOM   1272 N N     . THR A 1 163 ? 0.752   -13.626 -1.781  1.00 18.18 ? 160 THR A N     1 
ATOM   1273 C CA    . THR A 1 163 ? 1.646   -14.778 -1.898  1.00 21.04 ? 160 THR A CA    1 
ATOM   1274 C C     . THR A 1 163 ? 3.094   -14.340 -2.087  1.00 23.13 ? 160 THR A C     1 
ATOM   1275 O O     . THR A 1 163 ? 4.016   -14.914 -1.482  1.00 24.13 ? 160 THR A O     1 
ATOM   1276 C CB    . THR A 1 163 ? 1.218   -15.652 -3.069  1.00 21.42 ? 160 THR A CB    1 
ATOM   1277 O OG1   . THR A 1 163 ? -0.041  -16.235 -2.754  1.00 21.17 ? 160 THR A OG1   1 
ATOM   1278 C CG2   . THR A 1 163 ? 2.265   -16.766 -3.348  1.00 23.41 ? 160 THR A CG2   1 
ATOM   1279 N N     . GLU A 1 164 ? 3.318   -13.346 -2.938  1.00 22.11 ? 161 GLU A N     1 
ATOM   1280 C CA    . GLU A 1 164 ? 4.688   -12.917 -3.214  1.00 20.99 ? 161 GLU A CA    1 
ATOM   1281 C C     . GLU A 1 164 ? 5.328   -12.280 -1.995  1.00 26.41 ? 161 GLU A C     1 
ATOM   1282 O O     . GLU A 1 164 ? 6.466   -12.622 -1.644  1.00 23.32 ? 161 GLU A O     1 
ATOM   1283 C CB    . GLU A 1 164 ? 4.746   -11.958 -4.405  1.00 25.03 ? 161 GLU A CB    1 
ATOM   1284 C CG    . GLU A 1 164 ? 4.572   -12.616 -5.767  1.00 49.18 ? 161 GLU A CG    1 
ATOM   1285 C CD    . GLU A 1 164 ? 5.475   -13.838 -5.974  1.00 61.92 ? 161 GLU A CD    1 
ATOM   1286 O OE1   . GLU A 1 164 ? 4.958   -14.989 -5.984  1.00 42.16 ? 161 GLU A OE1   1 
ATOM   1287 O OE2   . GLU A 1 164 ? 6.702   -13.635 -6.129  1.00 46.62 ? 161 GLU A OE2   1 
ATOM   1288 N N     . ILE A 1 165 ? 4.637   -11.348 -1.329  1.00 18.09 ? 162 ILE A N     1 
ATOM   1289 C CA    . ILE A 1 165 ? 5.346   -10.653 -0.249  1.00 18.19 ? 162 ILE A CA    1 
ATOM   1290 C C     . ILE A 1 165 ? 5.547   -11.561 0.962   1.00 25.60 ? 162 ILE A C     1 
ATOM   1291 O O     . ILE A 1 165 ? 6.519   -11.381 1.717   1.00 20.93 ? 162 ILE A O     1 
ATOM   1292 C CB    . ILE A 1 165 ? 4.656   -9.336  0.150   1.00 21.48 ? 162 ILE A CB    1 
ATOM   1293 C CG1   . ILE A 1 165 ? 3.278   -9.573  0.808   1.00 16.96 ? 162 ILE A CG1   1 
ATOM   1294 C CG2   . ILE A 1 165 ? 4.549   -8.427  -1.089  1.00 20.54 ? 162 ILE A CG2   1 
ATOM   1295 C CD1   . ILE A 1 165 ? 2.622   -8.204  1.330   1.00 15.94 ? 162 ILE A CD1   1 
ATOM   1296 N N     . LYS A 1 166 ? 4.665   -12.553 1.166   1.00 23.87 ? 163 LYS A N     1 
ATOM   1297 C CA    . LYS A 1 166 ? 4.850   -13.468 2.294   1.00 22.04 ? 163 LYS A CA    1 
ATOM   1298 C C     . LYS A 1 166 ? 6.186   -14.204 2.206   1.00 24.21 ? 163 LYS A C     1 
ATOM   1299 O O     . LYS A 1 166 ? 6.746   -14.590 3.242   1.00 23.14 ? 163 LYS A O     1 
ATOM   1300 C CB    . LYS A 1 166 ? 3.693   -14.485 2.384   1.00 19.55 ? 163 LYS A CB    1 
ATOM   1301 C CG    . LYS A 1 166 ? 2.331   -13.860 2.759   1.00 24.32 ? 163 LYS A CG    1 
ATOM   1302 C CD    . LYS A 1 166 ? 1.331   -14.761 3.465   1.00 26.49 ? 163 LYS A CD    1 
ATOM   1303 C CE    . LYS A 1 166 ? 1.346   -16.201 3.010   1.00 39.19 ? 163 LYS A CE    1 
ATOM   1304 N NZ    . LYS A 1 166 ? 0.225   -16.949 3.702   1.00 30.13 ? 163 LYS A NZ    1 
ATOM   1305 N N     . LYS A 1 167 ? 6.719   -14.388 0.998   1.00 22.22 ? 164 LYS A N     1 
ATOM   1306 C CA    . LYS A 1 167 ? 8.016   -15.053 0.851   1.00 24.99 ? 164 LYS A CA    1 
ATOM   1307 C C     . LYS A 1 167 ? 9.164   -14.207 1.374   1.00 31.64 ? 164 LYS A C     1 
ATOM   1308 O O     . LYS A 1 167 ? 10.216  -14.759 1.722   1.00 24.87 ? 164 LYS A O     1 
ATOM   1309 C CB    . LYS A 1 167 ? 8.291   -15.395 -0.608  1.00 21.78 ? 164 LYS A CB    1 
ATOM   1310 C CG    . LYS A 1 167 ? 7.242   -16.264 -1.300  1.00 27.94 ? 164 LYS A CG    1 
ATOM   1311 C CD    . LYS A 1 167 ? 7.583   -16.284 -2.789  1.00 40.23 ? 164 LYS A CD    1 
ATOM   1312 C CE    . LYS A 1 167 ? 6.565   -17.027 -3.638  1.00 43.76 ? 164 LYS A CE    1 
ATOM   1313 N NZ    . LYS A 1 167 ? 6.982   -16.877 -5.071  1.00 54.66 ? 164 LYS A NZ    1 
ATOM   1314 N N     . GLU A 1 168 ? 8.976   -12.898 1.458   1.00 22.41 ? 165 GLU A N     1 
ATOM   1315 C CA    . GLU A 1 168 ? 9.985   -11.970 1.949   1.00 22.45 ? 165 GLU A CA    1 
ATOM   1316 C C     . GLU A 1 168 ? 9.789   -11.501 3.364   1.00 26.39 ? 165 GLU A C     1 
ATOM   1317 O O     . GLU A 1 168 ? 10.664  -10.975 3.957   1.00 21.48 ? 165 GLU A O     1 
ATOM   1318 C CB    . GLU A 1 168 ? 9.984   -10.766 1.087   1.00 24.17 ? 165 GLU A CB    1 
ATOM   1319 C CG    . GLU A 1 168 ? 10.072  -11.119 -0.348  1.00 35.97 ? 165 GLU A CG    1 
ATOM   1320 C CD    . GLU A 1 168 ? 11.395  -10.786 -0.888  1.00 47.81 ? 165 GLU A CD    1 
ATOM   1321 O OE1   . GLU A 1 168 ? 11.470  -9.991  -1.814  1.00 52.14 ? 165 GLU A OE1   1 
ATOM   1322 O OE2   . GLU A 1 168 ? 12.342  -11.291 -0.320  1.00 60.30 ? 165 GLU A OE2   1 
ATOM   1323 N N     . PHE A 1 169 ? 8.594   -11.662 3.864   1.00 21.91 ? 166 PHE A N     1 
ATOM   1324 C CA    . PHE A 1 169 ? 8.256   -11.256 5.165   1.00 17.41 ? 166 PHE A CA    1 
ATOM   1325 C C     . PHE A 1 169 ? 9.210   -11.916 6.252   1.00 25.68 ? 166 PHE A C     1 
ATOM   1326 O O     . PHE A 1 169 ? 9.594   -13.030 6.072   1.00 22.72 ? 166 PHE A O     1 
ATOM   1327 C CB    . PHE A 1 169 ? 6.825   -11.586 5.482   1.00 17.71 ? 166 PHE A CB    1 
ATOM   1328 C CG    . PHE A 1 169 ? 5.842   -10.503 5.124   1.00 25.28 ? 166 PHE A CG    1 
ATOM   1329 C CD1   . PHE A 1 169 ? 6.241   -9.245  4.791   1.00 21.03 ? 166 PHE A CD1   1 
ATOM   1330 C CD2   . PHE A 1 169 ? 4.507   -10.783 5.126   1.00 24.96 ? 166 PHE A CD2   1 
ATOM   1331 C CE1   . PHE A 1 169 ? 5.318   -8.282  4.493   1.00 26.87 ? 166 PHE A CE1   1 
ATOM   1332 C CE2   . PHE A 1 169 ? 3.595   -9.820  4.861   1.00 23.02 ? 166 PHE A CE2   1 
ATOM   1333 C CZ    . PHE A 1 169 ? 3.991   -8.588  4.518   1.00 18.78 ? 166 PHE A CZ    1 
ATOM   1334 N N     A LYS A 1 170 ? 9.598   -11.421 7.436   0.50 18.46 ? 167 LYS A N     1 
ATOM   1335 N N     B LYS A 1 170 ? 9.575   -11.359 7.408   0.50 34.45 ? 167 LYS A N     1 
ATOM   1336 C CA    A LYS A 1 170 ? 10.278  -12.097 8.515   0.50 24.60 ? 167 LYS A CA    1 
ATOM   1337 C CA    B LYS A 1 170 ? 10.216  -12.016 8.498   0.50 22.82 ? 167 LYS A CA    1 
ATOM   1338 C C     A LYS A 1 170 ? 9.429   -13.144 9.217   0.50 23.69 ? 167 LYS A C     1 
ATOM   1339 C C     B LYS A 1 170 ? 9.370   -13.051 9.193   0.50 23.87 ? 167 LYS A C     1 
ATOM   1340 O O     A LYS A 1 170 ? 8.263   -12.948 9.349   0.50 18.63 ? 167 LYS A O     1 
ATOM   1341 O O     B LYS A 1 170 ? 10.004  -13.879 9.778   0.50 10.17 ? 167 LYS A O     1 
ATOM   1342 C CB    A LYS A 1 170 ? 10.620  -11.048 9.531   0.50 23.86 ? 167 LYS A CB    1 
ATOM   1343 C CB    B LYS A 1 170 ? 10.596  -10.986 9.519   0.50 33.90 ? 167 LYS A CB    1 
ATOM   1344 C CG    A LYS A 1 170 ? 11.415  -9.885  8.971   0.50 27.38 ? 167 LYS A CG    1 
ATOM   1345 C CG    B LYS A 1 170 ? 11.423  -9.849  8.960   0.50 35.24 ? 167 LYS A CG    1 
ATOM   1346 C CD    A LYS A 1 170 ? 12.815  -10.286 8.578   0.50 35.93 ? 167 LYS A CD    1 
ATOM   1347 C CD    B LYS A 1 170 ? 12.818  -10.277 8.578   0.50 35.94 ? 167 LYS A CD    1 
ATOM   1348 C CE    A LYS A 1 170 ? 13.681  -9.073  8.411   0.50 39.57 ? 167 LYS A CE    1 
ATOM   1349 C CE    B LYS A 1 170 ? 13.698  -9.073  8.414   0.50 39.32 ? 167 LYS A CE    1 
ATOM   1350 N NZ    A LYS A 1 170 ? 14.966  -9.266  7.742   0.50 44.99 ? 167 LYS A NZ    1 
ATOM   1351 N NZ    B LYS A 1 170 ? 14.978  -9.271  7.736   0.50 45.03 ? 167 LYS A NZ    1 
HETATM 1352 N N1    . FMN B 2 .   ? -7.260  8.266   -7.876  1.00 17.93 ? 201 FMN A N1    1 
HETATM 1353 C C2    . FMN B 2 .   ? -5.962  8.332   -8.340  1.00 17.45 ? 201 FMN A C2    1 
HETATM 1354 O O2    . FMN B 2 .   ? -5.405  7.347   -8.837  1.00 16.91 ? 201 FMN A O2    1 
HETATM 1355 N N3    . FMN B 2 .   ? -5.255  9.502   -8.300  1.00 18.57 ? 201 FMN A N3    1 
HETATM 1356 C C4    . FMN B 2 .   ? -5.801  10.635  -7.759  1.00 20.99 ? 201 FMN A C4    1 
HETATM 1357 O O4    . FMN B 2 .   ? -5.115  11.640  -7.732  1.00 21.44 ? 201 FMN A O4    1 
HETATM 1358 C C4A   . FMN B 2 .   ? -7.112  10.599  -7.293  1.00 22.03 ? 201 FMN A C4A   1 
HETATM 1359 N N5    . FMN B 2 .   ? -7.679  11.730  -6.764  1.00 22.18 ? 201 FMN A N5    1 
HETATM 1360 C C5A   . FMN B 2 .   ? -8.961  11.688  -6.297  1.00 20.78 ? 201 FMN A C5A   1 
HETATM 1361 C C6    . FMN B 2 .   ? -9.502  12.881  -5.782  1.00 21.84 ? 201 FMN A C6    1 
HETATM 1362 C C7    . FMN B 2 .   ? -10.795 12.865  -5.299  1.00 22.46 ? 201 FMN A C7    1 
HETATM 1363 C C7M   . FMN B 2 .   ? -11.380 14.140  -4.729  1.00 28.09 ? 201 FMN A C7M   1 
HETATM 1364 C C8    . FMN B 2 .   ? -11.547 11.699  -5.344  1.00 21.28 ? 201 FMN A C8    1 
HETATM 1365 C C8M   . FMN B 2 .   ? -12.959 11.704  -4.837  1.00 24.33 ? 201 FMN A C8M   1 
HETATM 1366 C C9    . FMN B 2 .   ? -11.016 10.515  -5.871  1.00 21.02 ? 201 FMN A C9    1 
HETATM 1367 C C9A   . FMN B 2 .   ? -9.706  10.518  -6.357  1.00 22.59 ? 201 FMN A C9A   1 
HETATM 1368 N N10   . FMN B 2 .   ? -9.119  9.352   -6.857  1.00 18.99 ? 201 FMN A N10   1 
HETATM 1369 C C10   . FMN B 2 .   ? -7.835  9.415   -7.354  1.00 15.46 ? 201 FMN A C10   1 
HETATM 1370 C "C1'" . FMN B 2 .   ? -9.850  8.060   -6.938  1.00 15.90 ? 201 FMN A "C1'" 1 
HETATM 1371 C "C2'" . FMN B 2 .   ? -9.843  7.334   -5.558  1.00 17.32 ? 201 FMN A "C2'" 1 
HETATM 1372 O "O2'" . FMN B 2 .   ? -8.530  7.173   -5.029  1.00 18.52 ? 201 FMN A "O2'" 1 
HETATM 1373 C "C3'" . FMN B 2 .   ? -10.551 5.986   -5.694  1.00 15.16 ? 201 FMN A "C3'" 1 
HETATM 1374 O "O3'" . FMN B 2 .   ? -11.898 6.277   -6.038  1.00 20.46 ? 201 FMN A "O3'" 1 
HETATM 1375 C "C4'" . FMN B 2 .   ? -10.515 5.102   -4.435  1.00 15.27 ? 201 FMN A "C4'" 1 
HETATM 1376 O "O4'" . FMN B 2 .   ? -11.148 3.844   -4.657  1.00 17.41 ? 201 FMN A "O4'" 1 
HETATM 1377 C "C5'" . FMN B 2 .   ? -11.211 5.764   -3.248  1.00 16.08 ? 201 FMN A "C5'" 1 
HETATM 1378 O "O5'" . FMN B 2 .   ? -11.075 4.907   -2.123  1.00 17.76 ? 201 FMN A "O5'" 1 
HETATM 1379 P P     . FMN B 2 .   ? -11.909 5.086   -0.741  1.00 17.70 ? 201 FMN A P     1 
HETATM 1380 O O1P   . FMN B 2 .   ? -11.697 6.531   -0.289  1.00 16.15 ? 201 FMN A O1P   1 
HETATM 1381 O O2P   . FMN B 2 .   ? -11.416 4.064   0.252   1.00 15.99 ? 201 FMN A O2P   1 
HETATM 1382 O O3P   . FMN B 2 .   ? -13.381 4.861   -1.030  1.00 17.70 ? 201 FMN A O3P   1 
HETATM 1383 S S     . SO4 C 3 .   ? 13.712  3.189   -13.774 1.00 62.97 ? 202 SO4 A S     1 
HETATM 1384 O O1    . SO4 C 3 .   ? 14.604  2.161   -14.335 1.00 55.82 ? 202 SO4 A O1    1 
HETATM 1385 O O2    . SO4 C 3 .   ? 13.984  4.476   -14.422 1.00 69.65 ? 202 SO4 A O2    1 
HETATM 1386 O O3    . SO4 C 3 .   ? 14.024  3.320   -12.358 1.00 33.77 ? 202 SO4 A O3    1 
HETATM 1387 O O4    . SO4 C 3 .   ? 12.288  2.808   -13.966 1.00 32.50 ? 202 SO4 A O4    1 
HETATM 1388 S S     . SO4 D 3 .   ? 5.489   -11.031 16.555  1.00 89.46 ? 203 SO4 A S     1 
HETATM 1389 O O1    . SO4 D 3 .   ? 5.374   -12.102 15.561  1.00 38.96 ? 203 SO4 A O1    1 
HETATM 1390 O O2    . SO4 D 3 .   ? 6.076   -9.845  15.918  1.00 57.51 ? 203 SO4 A O2    1 
HETATM 1391 O O3    . SO4 D 3 .   ? 6.370   -11.481 17.640  1.00 84.81 ? 203 SO4 A O3    1 
HETATM 1392 O O4    . SO4 D 3 .   ? 4.162   -10.699 17.100  1.00 65.99 ? 203 SO4 A O4    1 
HETATM 1393 C C1    . GOL E 4 .   ? -9.415  12.428  1.524   1.00 28.98 ? 204 GOL A C1    1 
HETATM 1394 O O1    . GOL E 4 .   ? -8.059  12.674  1.838   1.00 25.31 ? 204 GOL A O1    1 
HETATM 1395 C C2    . GOL E 4 .   ? -10.296 13.507  2.174   1.00 26.24 ? 204 GOL A C2    1 
HETATM 1396 O O2    . GOL E 4 .   ? -9.903  14.774  1.720   1.00 27.70 ? 204 GOL A O2    1 
HETATM 1397 C C3    . GOL E 4 .   ? -10.118 13.411  3.691   1.00 41.95 ? 204 GOL A C3    1 
HETATM 1398 O O3    . GOL E 4 .   ? -11.026 14.256  4.375   1.00 38.36 ? 204 GOL A O3    1 
HETATM 1399 O O     . HOH F 5 .   ? 16.458  13.029  6.082   1.00 39.53 ? 301 HOH A O     1 
HETATM 1400 O O     . HOH F 5 .   ? 7.748   -6.056  -14.675 1.00 30.27 ? 302 HOH A O     1 
HETATM 1401 O O     . HOH F 5 .   ? 5.100   -8.268  -20.369 1.00 34.89 ? 303 HOH A O     1 
HETATM 1402 O O     . HOH F 5 .   ? 15.499  5.171   -12.259 1.00 34.88 ? 304 HOH A O     1 
HETATM 1403 O O     . HOH F 5 .   ? -8.512  19.377  -1.125  1.00 38.48 ? 305 HOH A O     1 
HETATM 1404 O O     . HOH F 5 .   ? 9.198   14.691  13.543  1.00 44.46 ? 306 HOH A O     1 
HETATM 1405 O O     . HOH F 5 .   ? -4.485  6.923   -18.347 1.00 23.68 ? 307 HOH A O     1 
HETATM 1406 O O     . HOH F 5 .   ? -12.613 8.139   -9.485  1.00 29.42 ? 308 HOH A O     1 
HETATM 1407 O O     . HOH F 5 .   ? 13.068  -7.498  11.756  1.00 33.56 ? 309 HOH A O     1 
HETATM 1408 O O     . HOH F 5 .   ? -8.262  -14.212 10.397  1.00 30.71 ? 310 HOH A O     1 
HETATM 1409 O O     . HOH F 5 .   ? 7.735   13.000  6.800   1.00 28.06 ? 311 HOH A O     1 
HETATM 1410 O O     . HOH F 5 .   ? -1.466  -17.015 -4.678  1.00 31.26 ? 312 HOH A O     1 
HETATM 1411 O O     . HOH F 5 .   ? 3.114   11.449  -12.134 1.00 25.21 ? 313 HOH A O     1 
HETATM 1412 O O     . HOH F 5 .   ? 13.540  -1.061  13.206  1.00 37.80 ? 314 HOH A O     1 
HETATM 1413 O O     . HOH F 5 .   ? 6.542   3.204   -18.014 1.00 35.69 ? 315 HOH A O     1 
HETATM 1414 O O     . HOH F 5 .   ? 1.682   -17.676 9.287   1.00 36.97 ? 316 HOH A O     1 
HETATM 1415 O O     . HOH F 5 .   ? 4.046   -1.669  -18.953 1.00 25.78 ? 317 HOH A O     1 
HETATM 1416 O O     . HOH F 5 .   ? -16.035 -3.093  -5.900  1.00 33.83 ? 318 HOH A O     1 
HETATM 1417 O O     . HOH F 5 .   ? -6.890  -17.512 2.765   1.00 50.52 ? 319 HOH A O     1 
HETATM 1418 O O     . HOH F 5 .   ? -2.495  5.689   -3.413  1.00 23.92 ? 320 HOH A O     1 
HETATM 1419 O O     . HOH F 5 .   ? -12.603 -6.942  -4.313  1.00 24.13 ? 321 HOH A O     1 
HETATM 1420 O O     . HOH F 5 .   ? 9.299   -15.899 11.283  1.00 38.32 ? 322 HOH A O     1 
HETATM 1421 O O     . HOH F 5 .   ? -13.541 14.916  4.070   1.00 35.20 ? 323 HOH A O     1 
HETATM 1422 O O     . HOH F 5 .   ? 10.320  10.924  -4.699  1.00 26.79 ? 324 HOH A O     1 
HETATM 1423 O O     . HOH F 5 .   ? 0.768   6.464   -11.650 1.00 19.74 ? 325 HOH A O     1 
HETATM 1424 O O     . HOH F 5 .   ? -10.140 2.653   -6.990  1.00 21.44 ? 326 HOH A O     1 
HETATM 1425 O O     . HOH F 5 .   ? 1.470   -5.901  18.799  1.00 51.62 ? 327 HOH A O     1 
HETATM 1426 O O     . HOH F 5 .   ? -9.647  13.341  -15.765 1.00 25.74 ? 328 HOH A O     1 
HETATM 1427 O O     . HOH F 5 .   ? -13.874 8.726   -2.981  1.00 21.70 ? 329 HOH A O     1 
HETATM 1428 O O     . HOH F 5 .   ? 9.625   13.334  11.102  1.00 30.46 ? 330 HOH A O     1 
HETATM 1429 O O     . HOH F 5 .   ? -0.138  -3.761  -9.291  1.00 17.20 ? 331 HOH A O     1 
HETATM 1430 O O     . HOH F 5 .   ? -16.693 -0.876  -9.976  1.00 32.89 ? 332 HOH A O     1 
HETATM 1431 O O     . HOH F 5 .   ? 16.505  1.068   -12.777 1.00 40.92 ? 333 HOH A O     1 
HETATM 1432 O O     . HOH F 5 .   ? 1.093   -0.276  -19.239 1.00 25.59 ? 334 HOH A O     1 
HETATM 1433 O O     . HOH F 5 .   ? -14.282 -11.659 4.021   1.00 27.83 ? 335 HOH A O     1 
HETATM 1434 O O     . HOH F 5 .   ? -3.588  -17.440 5.032   1.00 30.54 ? 336 HOH A O     1 
HETATM 1435 O O     . HOH F 5 .   ? -5.480  -14.720 10.745  1.00 30.81 ? 337 HOH A O     1 
HETATM 1436 O O     . HOH F 5 .   ? 6.767   -3.609  -15.226 1.00 17.93 ? 338 HOH A O     1 
HETATM 1437 O O     . HOH F 5 .   ? 5.213   -2.416  -2.078  1.00 16.38 ? 339 HOH A O     1 
HETATM 1438 O O     . HOH F 5 .   ? -14.181 -2.311  -1.815  1.00 18.32 ? 340 HOH A O     1 
HETATM 1439 O O     . HOH F 5 .   ? 5.969   9.496   -15.979 1.00 27.82 ? 341 HOH A O     1 
HETATM 1440 O O     . HOH F 5 .   ? 1.546   13.606  -5.481  1.00 21.37 ? 342 HOH A O     1 
HETATM 1441 O O     . HOH F 5 .   ? 3.858   -17.200 -0.016  1.00 27.64 ? 343 HOH A O     1 
HETATM 1442 O O     . HOH F 5 .   ? 5.793   -8.291  13.566  1.00 20.47 ? 344 HOH A O     1 
HETATM 1443 O O     . HOH F 5 .   ? -4.022  10.542  12.843  1.00 40.65 ? 345 HOH A O     1 
HETATM 1444 O O     . HOH F 5 .   ? -6.601  14.502  -7.513  1.00 32.02 ? 346 HOH A O     1 
HETATM 1445 O O     . HOH F 5 .   ? -0.808  7.749   -13.614 1.00 19.01 ? 347 HOH A O     1 
HETATM 1446 O O     . HOH F 5 .   ? -4.428  14.207  0.572   1.00 20.73 ? 348 HOH A O     1 
HETATM 1447 O O     . HOH F 5 .   ? 14.268  6.661   -10.318 1.00 33.95 ? 349 HOH A O     1 
HETATM 1448 O O     . HOH F 5 .   ? -13.891 3.691   -5.467  1.00 21.81 ? 350 HOH A O     1 
HETATM 1449 O O     . HOH F 5 .   ? 0.247   8.903   14.769  1.00 41.40 ? 351 HOH A O     1 
HETATM 1450 O O     . HOH F 5 .   ? 7.352   -0.205  -17.026 1.00 31.87 ? 352 HOH A O     1 
HETATM 1451 O O     . HOH F 5 .   ? 0.581   -5.832  -12.157 1.00 23.22 ? 353 HOH A O     1 
HETATM 1452 O O     . HOH F 5 .   ? 11.455  -3.272  13.683  1.00 42.93 ? 354 HOH A O     1 
HETATM 1453 O O     . HOH F 5 .   ? 6.203   -7.249  -16.471 1.00 26.33 ? 355 HOH A O     1 
HETATM 1454 O O     . HOH F 5 .   ? 7.616   11.465  -1.266  1.00 22.41 ? 356 HOH A O     1 
HETATM 1455 O O     . HOH F 5 .   ? 18.378  -1.086  6.051   1.00 28.08 ? 357 HOH A O     1 
HETATM 1456 O O     . HOH F 5 .   ? 7.500   10.923  1.482   1.00 22.22 ? 358 HOH A O     1 
HETATM 1457 O O     . HOH F 5 .   ? 2.033   -13.348 10.315  1.00 20.97 ? 359 HOH A O     1 
HETATM 1458 O O     . HOH F 5 .   ? 8.301   7.056   -10.633 1.00 20.98 ? 360 HOH A O     1 
HETATM 1459 O O     . HOH F 5 .   ? -9.456  -11.318 -10.068 1.00 18.66 ? 361 HOH A O     1 
HETATM 1460 O O     . HOH F 5 .   ? 2.264   -14.761 -6.576  1.00 26.14 ? 362 HOH A O     1 
HETATM 1461 O O     . HOH F 5 .   ? -7.861  1.748   13.922  1.00 34.77 ? 363 HOH A O     1 
HETATM 1462 O O     . HOH F 5 .   ? 13.014  -9.702  3.206   1.00 37.51 ? 364 HOH A O     1 
HETATM 1463 O O     . HOH F 5 .   ? -7.926  -3.648  -9.758  1.00 17.51 ? 365 HOH A O     1 
HETATM 1464 O O     . HOH F 5 .   ? 12.835  -0.749  -3.033  1.00 23.26 ? 366 HOH A O     1 
HETATM 1465 O O     . HOH F 5 .   ? -1.574  -10.598 -10.477 1.00 25.39 ? 367 HOH A O     1 
HETATM 1466 O O     . HOH F 5 .   ? -2.953  6.440   -14.937 1.00 16.07 ? 368 HOH A O     1 
HETATM 1467 O O     . HOH F 5 .   ? 15.874  -3.409  6.545   1.00 35.66 ? 369 HOH A O     1 
HETATM 1468 O O     . HOH F 5 .   ? 16.219  1.124   2.926   1.00 23.93 ? 370 HOH A O     1 
HETATM 1469 O O     . HOH F 5 .   ? 8.226   7.662   -13.252 1.00 36.42 ? 371 HOH A O     1 
HETATM 1470 O O     . HOH F 5 .   ? -13.252 -6.132  -6.698  1.00 21.89 ? 372 HOH A O     1 
HETATM 1471 O O     . HOH F 5 .   ? -17.255 1.842   -12.771 1.00 32.64 ? 373 HOH A O     1 
HETATM 1472 O O     . HOH F 5 .   ? -4.279  3.483   14.079  1.00 35.49 ? 374 HOH A O     1 
HETATM 1473 O O     . HOH F 5 .   ? 4.478   -8.478  -6.528  1.00 32.76 ? 375 HOH A O     1 
HETATM 1474 O O     . HOH F 5 .   ? -7.873  14.401  -13.198 1.00 30.00 ? 376 HOH A O     1 
HETATM 1475 O O     . HOH F 5 .   ? 1.914   8.512   -9.747  1.00 18.54 ? 377 HOH A O     1 
HETATM 1476 O O     . HOH F 5 .   ? -3.521  7.728   -24.298 1.00 25.44 ? 378 HOH A O     1 
HETATM 1477 O O     . HOH F 5 .   ? 10.438  0.531   14.707  1.00 31.56 ? 379 HOH A O     1 
HETATM 1478 O O     . HOH F 5 .   ? -6.896  -6.623  13.630  1.00 27.99 ? 380 HOH A O     1 
HETATM 1479 O O     . HOH F 5 .   ? 14.295  -5.190  6.331   1.00 27.73 ? 381 HOH A O     1 
HETATM 1480 O O     . HOH F 5 .   ? -13.917 8.227   -5.637  1.00 29.50 ? 382 HOH A O     1 
HETATM 1481 O O     . HOH F 5 .   ? -9.672  6.539   7.328   1.00 25.72 ? 383 HOH A O     1 
HETATM 1482 O O     . HOH F 5 .   ? -11.866 -4.177  6.295   1.00 24.25 ? 384 HOH A O     1 
HETATM 1483 O O     . HOH F 5 .   ? 17.005  2.995   -15.616 1.00 36.52 ? 385 HOH A O     1 
HETATM 1484 O O     . HOH F 5 .   ? -12.259 -6.454  7.217   1.00 29.36 ? 386 HOH A O     1 
HETATM 1485 O O     . HOH F 5 .   ? 11.661  6.172   -11.734 1.00 38.13 ? 387 HOH A O     1 
HETATM 1486 O O     . HOH F 5 .   ? -11.914 10.250  5.704   1.00 20.92 ? 388 HOH A O     1 
HETATM 1487 O O     . HOH F 5 .   ? 2.657   10.878  -5.975  1.00 22.78 ? 389 HOH A O     1 
HETATM 1488 O O     . HOH F 5 .   ? -6.172  -9.972  -11.897 1.00 23.60 ? 390 HOH A O     1 
HETATM 1489 O O     . HOH F 5 .   ? -13.171 5.155   8.657   1.00 32.91 ? 391 HOH A O     1 
HETATM 1490 O O     . HOH F 5 .   ? 13.780  8.536   0.277   1.00 35.15 ? 392 HOH A O     1 
HETATM 1491 O O     . HOH F 5 .   ? -1.911  17.185  2.144   1.00 35.70 ? 393 HOH A O     1 
HETATM 1492 O O     . HOH F 5 .   ? -0.592  -8.734  -8.403  1.00 19.70 ? 394 HOH A O     1 
HETATM 1493 O O     . HOH F 5 .   ? -0.789  3.730   -20.925 1.00 26.25 ? 395 HOH A O     1 
HETATM 1494 O O     . HOH F 5 .   ? -6.944  15.028  0.527   1.00 26.34 ? 396 HOH A O     1 
HETATM 1495 O O     . HOH F 5 .   ? -11.719 -11.251 5.432   1.00 31.05 ? 397 HOH A O     1 
HETATM 1496 O O     . HOH F 5 .   ? -1.924  -16.359 1.153   1.00 41.42 ? 398 HOH A O     1 
HETATM 1497 O O     . HOH F 5 .   ? -12.059 2.304   11.136  1.00 41.19 ? 399 HOH A O     1 
HETATM 1498 O O     . HOH F 5 .   ? -13.747 6.941   6.826   1.00 39.64 ? 400 HOH A O     1 
HETATM 1499 O O     . HOH F 5 .   ? 11.133  3.287   15.795  1.00 31.39 ? 401 HOH A O     1 
HETATM 1500 O O     . HOH F 5 .   ? -3.797  12.851  -13.016 1.00 26.96 ? 402 HOH A O     1 
HETATM 1501 O O     . HOH F 5 .   ? 2.850   13.754  11.410  1.00 24.33 ? 403 HOH A O     1 
HETATM 1502 O O     . HOH F 5 .   ? 6.596   -4.157  -17.919 1.00 33.91 ? 404 HOH A O     1 
HETATM 1503 O O     . HOH F 5 .   ? -2.601  -15.299 -1.197  1.00 24.95 ? 405 HOH A O     1 
HETATM 1504 O O     . HOH F 5 .   ? -10.488 -4.700  9.522   1.00 42.26 ? 406 HOH A O     1 
HETATM 1505 O O     . HOH F 5 .   ? 13.668  -1.583  -0.489  1.00 18.67 ? 407 HOH A O     1 
HETATM 1506 O O     . HOH F 5 .   ? 1.186   13.413  -9.591  1.00 29.44 ? 408 HOH A O     1 
HETATM 1507 O O     . HOH F 5 .   ? -13.847 -4.520  -3.466  1.00 26.82 ? 409 HOH A O     1 
HETATM 1508 O O     . HOH F 5 .   ? -8.895  -3.937  -17.806 0.50 30.16 ? 410 HOH A O     1 
HETATM 1509 O O     . HOH F 5 .   ? 2.928   15.126  8.246   1.00 25.77 ? 411 HOH A O     1 
HETATM 1510 O O     . HOH F 5 .   ? 9.588   -6.484  -5.320  1.00 25.68 ? 412 HOH A O     1 
HETATM 1511 O O     . HOH F 5 .   ? 1.767   -15.810 11.089  1.00 30.13 ? 413 HOH A O     1 
HETATM 1512 O O     . HOH F 5 .   ? -11.018 -12.993 -2.651  1.00 31.23 ? 414 HOH A O     1 
HETATM 1513 O O     . HOH F 5 .   ? -7.749  16.877  2.292   1.00 38.68 ? 415 HOH A O     1 
HETATM 1514 O O     . HOH F 5 .   ? 19.550  2.466   10.074  1.00 31.95 ? 416 HOH A O     1 
HETATM 1515 O O     . HOH F 5 .   ? -4.815  -12.748 12.822  1.00 27.54 ? 417 HOH A O     1 
HETATM 1516 O O     . HOH F 5 .   ? -1.724  -6.053  -13.304 1.00 24.75 ? 418 HOH A O     1 
HETATM 1517 O O     . HOH F 5 .   ? -5.889  12.996  10.418  1.00 47.55 ? 419 HOH A O     1 
HETATM 1518 O O     . HOH F 5 .   ? -12.737 -5.235  -14.545 1.00 18.84 ? 420 HOH A O     1 
HETATM 1519 O O     . HOH F 5 .   ? 1.930   -8.053  17.424  1.00 42.27 ? 421 HOH A O     1 
HETATM 1520 O O     . HOH F 5 .   ? 19.391  1.200   8.086   1.00 25.08 ? 422 HOH A O     1 
HETATM 1521 O O     . HOH F 5 .   ? 13.246  -7.518  -3.227  1.00 34.60 ? 423 HOH A O     1 
HETATM 1522 O O     . HOH F 5 .   ? -2.161  1.472   -21.853 1.00 24.20 ? 424 HOH A O     1 
HETATM 1523 O O     . HOH F 5 .   ? -12.201 3.579   14.378  1.00 41.52 ? 425 HOH A O     1 
HETATM 1524 O O     . HOH F 5 .   ? -13.532 2.432   8.240   1.00 38.15 ? 426 HOH A O     1 
HETATM 1525 O O     . HOH F 5 .   ? 5.600   -17.694 2.165   1.00 32.65 ? 427 HOH A O     1 
HETATM 1526 O O     . HOH F 5 .   ? 7.729   -16.720 13.882  1.00 45.77 ? 428 HOH A O     1 
HETATM 1527 O O     . HOH F 5 .   ? 0.602   -2.129  -21.195 1.00 28.11 ? 429 HOH A O     1 
HETATM 1528 O O     . HOH F 5 .   ? 11.882  12.269  12.149  1.00 32.81 ? 430 HOH A O     1 
HETATM 1529 O O     . HOH F 5 .   ? -14.909 -4.086  -15.491 1.00 30.43 ? 431 HOH A O     1 
HETATM 1530 O O     . HOH F 5 .   ? -10.776 8.884   7.972   1.00 23.60 ? 432 HOH A O     1 
HETATM 1531 O O     . HOH F 5 .   ? -13.618 8.835   9.448   1.00 46.52 ? 433 HOH A O     1 
HETATM 1532 O O     . HOH F 5 .   ? -6.735  -18.028 -0.023  1.00 35.77 ? 434 HOH A O     1 
HETATM 1533 O O     . HOH F 5 .   ? 1.358   10.807  -8.524  1.00 17.13 ? 435 HOH A O     1 
HETATM 1534 O O     . HOH F 5 .   ? 2.033   -9.637  -7.819  1.00 24.49 ? 436 HOH A O     1 
HETATM 1535 O O     . HOH F 5 .   ? 1.346   -7.322  -22.821 1.00 21.40 ? 437 HOH A O     1 
HETATM 1536 O O     . HOH F 5 .   ? 4.916   12.206  -5.637  1.00 24.57 ? 438 HOH A O     1 
HETATM 1537 O O     . HOH F 5 .   ? 10.304  11.281  2.284   1.00 31.90 ? 439 HOH A O     1 
HETATM 1538 O O     . HOH F 5 .   ? 4.702   16.053  6.138   1.00 36.26 ? 440 HOH A O     1 
HETATM 1539 O O     . HOH F 5 .   ? 6.749   14.444  5.211   1.00 36.45 ? 441 HOH A O     1 
HETATM 1540 O O     . HOH F 5 .   ? 3.459   15.478  13.342  1.00 39.88 ? 442 HOH A O     1 
HETATM 1541 O O     . HOH F 5 .   ? 6.936   5.994   -17.331 1.00 46.93 ? 443 HOH A O     1 
HETATM 1542 O O     . HOH F 5 .   ? -10.504 -14.772 -4.175  1.00 31.12 ? 444 HOH A O     1 
HETATM 1543 O O     . HOH F 5 .   ? 6.614   13.494  2.491   1.00 37.96 ? 445 HOH A O     1 
# 
